data_4ZWT
#
_entry.id   4ZWT
#
_cell.length_a   184.380
_cell.length_b   184.380
_cell.length_c   615.010
_cell.angle_alpha   90.000
_cell.angle_beta   90.000
_cell.angle_gamma   90.000
#
_symmetry.space_group_name_H-M   'I 4 2 2'
#
_entity_poly.entity_id   1
_entity_poly.type   'polypeptide(L)'
_entity_poly.pdbx_seq_one_letter_code
;MGSSHHHHHHSSGLVPRGSHMRLEDLQEELKKDVFIDSTKLQYEAANNVMLYSKWLNKHSSIKKEMLRIEAQKKVALKAR
LDYYSGRGDGDEFSMDRYAAAEMKTVLSADKDVLKVDTSLQYWGILLDFCSGALDAIKSRGFAIKHIQDMRAFEAGK
;
_entity_poly.pdbx_strand_id   A,B,C,D,E,F,G,H,I,J,K,L,M,N
#
# COMPACT_ATOMS: atom_id res chain seq x y z
N ARG A 22 -25.42 -31.11 -37.17
CA ARG A 22 -24.29 -32.02 -37.31
C ARG A 22 -23.35 -31.56 -38.43
N LEU A 23 -22.04 -31.68 -38.20
CA LEU A 23 -21.06 -31.23 -39.18
C LEU A 23 -21.11 -32.04 -40.47
N GLU A 24 -21.29 -33.35 -40.34
CA GLU A 24 -21.34 -34.28 -41.47
C GLU A 24 -22.44 -33.90 -42.45
N ASP A 25 -23.54 -33.39 -41.91
CA ASP A 25 -24.73 -33.05 -42.68
C ASP A 25 -24.48 -31.77 -43.48
N LEU A 26 -23.65 -30.90 -42.90
CA LEU A 26 -23.21 -29.68 -43.58
C LEU A 26 -22.25 -30.09 -44.69
N GLN A 27 -21.41 -31.08 -44.41
CA GLN A 27 -20.51 -31.63 -45.42
C GLN A 27 -21.31 -32.15 -46.63
N GLU A 28 -22.36 -32.92 -46.37
CA GLU A 28 -23.21 -33.45 -47.45
C GLU A 28 -23.95 -32.34 -48.20
N GLU A 29 -24.39 -31.32 -47.47
CA GLU A 29 -25.14 -30.22 -48.08
C GLU A 29 -24.22 -29.43 -49.01
N LEU A 30 -23.04 -29.08 -48.51
CA LEU A 30 -22.09 -28.34 -49.33
C LEU A 30 -21.73 -29.19 -50.55
N LYS A 31 -21.52 -30.48 -50.30
CA LYS A 31 -21.17 -31.43 -51.36
C LYS A 31 -22.18 -31.36 -52.49
N LYS A 32 -23.46 -31.44 -52.13
CA LYS A 32 -24.55 -31.34 -53.10
C LYS A 32 -24.53 -29.98 -53.80
N ASP A 33 -24.20 -28.95 -53.03
CA ASP A 33 -24.28 -27.57 -53.51
C ASP A 33 -23.25 -27.27 -54.59
N VAL A 34 -22.04 -27.79 -54.42
CA VAL A 34 -20.93 -27.44 -55.32
C VAL A 34 -20.96 -28.13 -56.69
N PHE A 35 -21.72 -29.21 -56.83
CA PHE A 35 -21.83 -29.90 -58.12
C PHE A 35 -22.41 -28.97 -59.19
N ILE A 36 -21.86 -29.01 -60.39
CA ILE A 36 -22.32 -28.09 -61.43
C ILE A 36 -23.02 -28.75 -62.61
N ASP A 37 -24.24 -28.27 -62.89
CA ASP A 37 -25.02 -28.66 -64.08
C ASP A 37 -24.57 -27.77 -65.23
N SER A 38 -23.79 -28.29 -66.17
CA SER A 38 -23.29 -27.39 -67.22
C SER A 38 -24.34 -26.71 -68.10
N THR A 39 -25.51 -27.29 -68.28
CA THR A 39 -26.44 -26.63 -69.19
C THR A 39 -27.20 -25.59 -68.40
N LYS A 40 -27.10 -25.68 -67.12
CA LYS A 40 -27.93 -24.72 -66.51
C LYS A 40 -26.91 -23.99 -65.82
N LEU A 41 -25.88 -23.77 -66.66
CA LEU A 41 -24.76 -23.02 -66.27
C LEU A 41 -25.53 -21.77 -66.15
N GLN A 42 -26.50 -21.59 -67.07
CA GLN A 42 -27.17 -20.29 -66.91
C GLN A 42 -27.98 -20.20 -65.62
N TYR A 43 -28.74 -21.24 -65.36
CA TYR A 43 -29.51 -21.32 -64.15
C TYR A 43 -28.60 -21.30 -62.94
N GLU A 44 -27.53 -22.09 -63.01
CA GLU A 44 -26.66 -22.22 -61.87
C GLU A 44 -26.04 -20.90 -61.47
N ALA A 45 -25.78 -20.01 -62.44
CA ALA A 45 -25.19 -18.75 -62.03
C ALA A 45 -26.07 -18.00 -61.07
N ALA A 46 -27.36 -17.99 -61.32
CA ALA A 46 -28.23 -17.26 -60.43
C ALA A 46 -28.38 -18.02 -59.14
N ASN A 47 -28.51 -19.34 -59.25
CA ASN A 47 -28.69 -20.14 -58.06
C ASN A 47 -27.43 -20.05 -57.23
N ASN A 48 -26.29 -19.77 -57.88
CA ASN A 48 -25.06 -19.69 -57.11
C ASN A 48 -25.11 -18.58 -56.08
N VAL A 49 -25.64 -17.42 -56.47
CA VAL A 49 -25.71 -16.34 -55.50
C VAL A 49 -26.68 -16.67 -54.37
N MET A 50 -27.70 -17.46 -54.67
CA MET A 50 -28.66 -17.81 -53.64
C MET A 50 -28.02 -18.71 -52.61
N LEU A 51 -27.06 -19.50 -53.06
CA LEU A 51 -26.39 -20.41 -52.15
C LEU A 51 -25.59 -19.57 -51.21
N TYR A 52 -24.95 -18.55 -51.76
CA TYR A 52 -24.13 -17.69 -50.94
C TYR A 52 -24.98 -17.20 -49.78
N SER A 53 -26.15 -16.65 -50.13
CA SER A 53 -27.09 -16.19 -49.11
C SER A 53 -27.40 -17.24 -48.08
N LYS A 54 -27.80 -18.42 -48.56
CA LYS A 54 -28.19 -19.48 -47.64
C LYS A 54 -27.09 -19.76 -46.63
N TRP A 55 -25.87 -19.92 -47.12
CA TRP A 55 -24.79 -20.23 -46.19
C TRP A 55 -24.38 -19.06 -45.34
N LEU A 56 -24.48 -17.86 -45.89
CA LEU A 56 -24.23 -16.69 -45.06
C LEU A 56 -25.20 -16.65 -43.90
N ASN A 57 -26.45 -17.01 -44.16
CA ASN A 57 -27.40 -17.00 -43.05
C ASN A 57 -27.05 -18.05 -42.03
N LYS A 58 -26.66 -19.22 -42.52
CA LYS A 58 -26.27 -20.28 -41.61
C LYS A 58 -25.14 -19.73 -40.79
N HIS A 59 -24.15 -19.18 -41.48
CA HIS A 59 -22.99 -18.64 -40.79
C HIS A 59 -23.36 -17.73 -39.64
N SER A 60 -24.17 -16.72 -39.93
CA SER A 60 -24.48 -15.77 -38.86
C SER A 60 -25.24 -16.38 -37.72
N SER A 61 -26.13 -17.31 -38.04
CA SER A 61 -26.92 -17.85 -36.96
C SER A 61 -26.05 -18.69 -36.08
N ILE A 62 -25.11 -19.40 -36.69
CA ILE A 62 -24.22 -20.18 -35.85
C ILE A 62 -23.42 -19.32 -34.92
N LYS A 63 -22.84 -18.23 -35.43
CA LYS A 63 -22.05 -17.40 -34.54
C LYS A 63 -22.89 -16.90 -33.37
N LYS A 64 -24.15 -16.56 -33.67
CA LYS A 64 -25.04 -16.06 -32.64
C LYS A 64 -25.23 -17.08 -31.54
N GLU A 65 -25.50 -18.32 -31.95
CA GLU A 65 -25.68 -19.37 -30.97
C GLU A 65 -24.41 -19.52 -30.15
N MET A 66 -23.27 -19.60 -30.81
CA MET A 66 -22.05 -19.80 -30.04
C MET A 66 -21.85 -18.66 -29.05
N LEU A 67 -22.18 -17.45 -29.48
CA LEU A 67 -22.04 -16.30 -28.60
C LEU A 67 -22.90 -16.43 -27.36
N ARG A 68 -24.11 -16.94 -27.55
CA ARG A 68 -25.02 -17.13 -26.43
C ARG A 68 -24.44 -18.17 -25.51
N ILE A 69 -23.98 -19.26 -26.10
CA ILE A 69 -23.44 -20.34 -25.30
C ILE A 69 -22.18 -19.83 -24.62
N GLU A 70 -21.41 -19.01 -25.32
CA GLU A 70 -20.21 -18.45 -24.71
C GLU A 70 -20.52 -17.64 -23.47
N ALA A 71 -21.63 -16.90 -23.49
CA ALA A 71 -22.00 -16.13 -22.32
C ALA A 71 -22.27 -17.07 -21.17
N GLN A 72 -23.02 -18.13 -21.46
CA GLN A 72 -23.33 -19.15 -20.47
C GLN A 72 -22.06 -19.72 -19.90
N LYS A 73 -21.07 -19.92 -20.76
CA LYS A 73 -19.83 -20.54 -20.32
C LYS A 73 -19.12 -19.65 -19.30
N LYS A 74 -19.15 -18.34 -19.56
CA LYS A 74 -18.50 -17.42 -18.64
C LYS A 74 -19.09 -17.53 -17.25
N VAL A 75 -20.41 -17.77 -17.19
CA VAL A 75 -21.06 -17.84 -15.88
C VAL A 75 -20.66 -19.15 -15.27
N ALA A 76 -20.67 -20.19 -16.08
CA ALA A 76 -20.32 -21.50 -15.56
C ALA A 76 -18.90 -21.38 -15.01
N LEU A 77 -18.04 -20.68 -15.75
CA LEU A 77 -16.66 -20.56 -15.33
C LEU A 77 -16.57 -19.87 -13.98
N LYS A 78 -17.35 -18.81 -13.82
CA LYS A 78 -17.30 -18.08 -12.57
C LYS A 78 -17.76 -18.97 -11.44
N ALA A 79 -18.84 -19.70 -11.69
CA ALA A 79 -19.34 -20.63 -10.70
C ALA A 79 -18.28 -21.65 -10.35
N ARG A 80 -17.62 -22.20 -11.36
CA ARG A 80 -16.64 -23.23 -11.09
C ARG A 80 -15.45 -22.61 -10.38
N LEU A 81 -15.10 -21.39 -10.77
CA LEU A 81 -14.03 -20.70 -10.10
C LEU A 81 -14.30 -20.61 -8.60
N ASP A 82 -15.53 -20.25 -8.27
CA ASP A 82 -15.91 -20.14 -6.86
C ASP A 82 -15.70 -21.49 -6.19
N TYR A 83 -16.26 -22.53 -6.82
CA TYR A 83 -16.13 -23.91 -6.36
C TYR A 83 -14.66 -24.17 -6.04
N TYR A 84 -13.81 -23.90 -7.01
CA TYR A 84 -12.40 -24.22 -6.90
C TYR A 84 -11.65 -23.38 -5.87
N SER A 85 -12.10 -22.14 -5.67
CA SER A 85 -11.42 -21.29 -4.72
C SER A 85 -11.85 -21.55 -3.28
N GLY A 86 -12.90 -22.36 -3.12
CA GLY A 86 -13.31 -22.79 -1.80
C GLY A 86 -14.38 -21.92 -1.17
N ALA A 100 -3.21 -21.28 -7.34
CA ALA A 100 -3.95 -20.48 -8.30
C ALA A 100 -3.67 -20.90 -9.74
N ALA A 101 -2.41 -21.24 -10.04
CA ALA A 101 -2.07 -21.71 -11.39
C ALA A 101 -2.72 -23.07 -11.60
N GLU A 102 -2.88 -23.79 -10.50
CA GLU A 102 -3.38 -25.13 -10.62
C GLU A 102 -4.88 -24.93 -10.72
N MET A 103 -5.33 -23.75 -10.30
CA MET A 103 -6.75 -23.49 -10.27
C MET A 103 -7.06 -23.51 -11.76
N LYS A 104 -6.23 -22.79 -12.51
CA LYS A 104 -6.37 -22.67 -13.97
C LYS A 104 -6.37 -24.04 -14.64
N THR A 105 -5.44 -24.90 -14.24
CA THR A 105 -5.41 -26.26 -14.80
C THR A 105 -6.66 -27.10 -14.51
N VAL A 106 -7.00 -27.15 -13.23
CA VAL A 106 -8.09 -27.99 -12.73
C VAL A 106 -9.39 -27.48 -13.31
N LEU A 107 -9.60 -26.17 -13.23
CA LEU A 107 -10.81 -25.62 -13.79
C LEU A 107 -10.82 -25.95 -15.27
N SER A 108 -9.69 -25.81 -15.98
CA SER A 108 -9.76 -26.20 -17.39
C SER A 108 -10.31 -27.64 -17.50
N ALA A 109 -10.02 -28.45 -16.48
CA ALA A 109 -10.49 -29.84 -16.43
C ALA A 109 -11.97 -29.97 -15.99
N ASP A 110 -12.55 -28.84 -15.61
CA ASP A 110 -13.92 -28.73 -15.07
C ASP A 110 -15.02 -29.36 -15.91
N LYS A 111 -15.46 -30.54 -15.51
CA LYS A 111 -16.46 -31.33 -16.20
C LYS A 111 -17.61 -30.45 -16.72
N ASP A 112 -18.25 -29.63 -15.88
CA ASP A 112 -19.34 -28.81 -16.40
C ASP A 112 -18.78 -27.79 -17.41
N VAL A 113 -17.68 -27.13 -17.05
CA VAL A 113 -17.02 -26.17 -17.95
C VAL A 113 -16.54 -26.90 -19.19
N LEU A 114 -15.92 -28.06 -19.01
CA LEU A 114 -15.44 -28.85 -20.15
C LEU A 114 -16.56 -29.19 -21.12
N LYS A 115 -17.73 -29.53 -20.60
CA LYS A 115 -18.89 -29.85 -21.43
C LYS A 115 -19.32 -28.63 -22.24
N VAL A 116 -19.50 -27.50 -21.55
CA VAL A 116 -19.97 -26.29 -22.22
C VAL A 116 -18.95 -25.76 -23.24
N ASP A 117 -17.68 -25.85 -22.89
CA ASP A 117 -16.59 -25.45 -23.76
C ASP A 117 -16.55 -26.36 -24.98
N THR A 118 -16.74 -27.66 -24.74
CA THR A 118 -16.76 -28.65 -25.82
C THR A 118 -17.80 -28.26 -26.85
N SER A 119 -19.01 -28.00 -26.36
CA SER A 119 -20.08 -27.48 -27.21
C SER A 119 -19.66 -26.24 -27.99
N LEU A 120 -19.19 -25.22 -27.27
CA LEU A 120 -18.78 -23.96 -27.88
C LEU A 120 -17.75 -24.16 -29.01
N GLN A 121 -16.77 -25.03 -28.75
CA GLN A 121 -15.71 -25.30 -29.70
C GLN A 121 -16.32 -26.00 -30.91
N TYR A 122 -17.32 -26.82 -30.65
CA TYR A 122 -17.98 -27.56 -31.72
C TYR A 122 -18.60 -26.54 -32.67
N TRP A 123 -19.32 -25.57 -32.10
CA TRP A 123 -19.92 -24.53 -32.93
C TRP A 123 -18.84 -23.75 -33.66
N GLY A 124 -17.70 -23.55 -33.01
CA GLY A 124 -16.57 -22.88 -33.67
C GLY A 124 -16.14 -23.63 -34.92
N ILE A 125 -16.22 -24.96 -34.84
CA ILE A 125 -15.86 -25.83 -35.96
C ILE A 125 -16.84 -25.69 -37.08
N LEU A 126 -18.11 -25.66 -36.72
CA LEU A 126 -19.16 -25.41 -37.69
C LEU A 126 -18.95 -24.07 -38.39
N LEU A 127 -18.71 -23.03 -37.61
CA LEU A 127 -18.42 -21.70 -38.16
C LEU A 127 -17.25 -21.69 -39.15
N ASP A 128 -16.19 -22.40 -38.82
CA ASP A 128 -15.02 -22.43 -39.71
C ASP A 128 -15.38 -23.15 -41.00
N PHE A 129 -16.25 -24.14 -40.86
CA PHE A 129 -16.72 -24.88 -42.02
C PHE A 129 -17.54 -23.98 -42.92
N CYS A 130 -18.41 -23.17 -42.32
CA CYS A 130 -19.25 -22.26 -43.08
C CYS A 130 -18.43 -21.18 -43.80
N SER A 131 -17.37 -20.73 -43.15
CA SER A 131 -16.43 -19.79 -43.79
C SER A 131 -15.81 -20.42 -45.05
N GLY A 132 -15.41 -21.67 -44.90
CA GLY A 132 -14.93 -22.44 -46.04
C GLY A 132 -15.98 -22.55 -47.12
N ALA A 133 -17.21 -22.83 -46.73
CA ALA A 133 -18.35 -22.91 -47.65
C ALA A 133 -18.53 -21.62 -48.47
N LEU A 134 -18.51 -20.46 -47.81
CA LEU A 134 -18.69 -19.20 -48.52
C LEU A 134 -17.55 -18.97 -49.53
N ASP A 135 -16.34 -19.37 -49.13
CA ASP A 135 -15.19 -19.30 -50.03
C ASP A 135 -15.46 -20.17 -51.27
N ALA A 136 -16.03 -21.34 -50.99
CA ALA A 136 -16.34 -22.32 -52.02
C ALA A 136 -17.34 -21.76 -53.00
N ILE A 137 -18.45 -21.20 -52.53
CA ILE A 137 -19.45 -20.69 -53.46
C ILE A 137 -18.90 -19.53 -54.29
N LYS A 138 -18.13 -18.64 -53.66
CA LYS A 138 -17.53 -17.52 -54.40
C LYS A 138 -16.65 -18.01 -55.56
N SER A 139 -15.91 -19.08 -55.30
CA SER A 139 -15.01 -19.51 -56.35
C SER A 139 -15.71 -20.45 -57.33
N ARG A 140 -16.76 -21.12 -56.89
CA ARG A 140 -17.55 -21.92 -57.82
C ARG A 140 -18.10 -20.96 -58.85
N GLY A 141 -18.55 -19.79 -58.36
CA GLY A 141 -19.04 -18.72 -59.22
C GLY A 141 -18.00 -18.28 -60.24
N PHE A 142 -16.74 -18.30 -59.80
CA PHE A 142 -15.69 -17.94 -60.74
C PHE A 142 -15.48 -19.05 -61.77
N ALA A 143 -15.42 -20.30 -61.31
CA ALA A 143 -15.24 -21.44 -62.22
C ALA A 143 -16.33 -21.47 -63.29
N ILE A 144 -17.55 -21.11 -62.89
CA ILE A 144 -18.69 -21.03 -63.79
C ILE A 144 -18.41 -19.99 -64.86
N LYS A 145 -17.94 -18.81 -64.45
CA LYS A 145 -17.65 -17.81 -65.46
C LYS A 145 -16.56 -18.30 -66.43
N HIS A 146 -15.52 -18.92 -65.88
CA HIS A 146 -14.43 -19.48 -66.70
C HIS A 146 -14.91 -20.49 -67.76
N ILE A 147 -15.78 -21.40 -67.34
CA ILE A 147 -16.29 -22.44 -68.24
C ILE A 147 -17.13 -21.80 -69.33
N GLN A 148 -17.96 -20.84 -68.91
CA GLN A 148 -18.72 -20.01 -69.82
C GLN A 148 -17.77 -19.45 -70.87
N ASP A 149 -16.58 -19.04 -70.43
CA ASP A 149 -15.61 -18.50 -71.37
C ASP A 149 -15.06 -19.56 -72.32
N MET A 150 -14.77 -20.79 -71.87
CA MET A 150 -14.28 -21.77 -72.84
C MET A 150 -15.35 -22.10 -73.90
N ARG A 151 -16.60 -21.87 -73.52
CA ARG A 151 -17.70 -22.11 -74.43
C ARG A 151 -17.57 -20.99 -75.45
N ALA A 152 -17.39 -19.78 -74.93
CA ALA A 152 -17.20 -18.59 -75.76
C ALA A 152 -15.98 -18.77 -76.69
N PHE A 153 -15.02 -19.59 -76.24
CA PHE A 153 -13.83 -19.92 -77.01
C PHE A 153 -14.07 -20.72 -78.25
N GLU A 154 -14.94 -21.72 -78.20
CA GLU A 154 -15.14 -22.43 -79.46
C GLU A 154 -15.77 -21.57 -80.58
N ALA A 155 -16.84 -20.85 -80.26
CA ALA A 155 -17.44 -19.83 -81.13
C ALA A 155 -16.46 -19.13 -82.08
N MET B 21 -6.18 -42.70 -39.64
CA MET B 21 -5.67 -42.00 -40.83
C MET B 21 -4.15 -41.83 -40.75
N ARG B 22 -3.50 -41.85 -41.91
CA ARG B 22 -2.06 -41.65 -42.00
C ARG B 22 -1.72 -40.42 -42.82
N LEU B 23 -0.72 -39.65 -42.38
CA LEU B 23 -0.36 -38.41 -43.06
C LEU B 23 0.19 -38.66 -44.46
N GLU B 24 1.00 -39.69 -44.60
CA GLU B 24 1.61 -40.05 -45.87
C GLU B 24 0.56 -40.34 -46.94
N ASP B 25 -0.54 -40.94 -46.52
CA ASP B 25 -1.64 -41.33 -47.41
C ASP B 25 -2.40 -40.11 -47.88
N LEU B 26 -2.42 -39.10 -47.03
CA LEU B 26 -3.00 -37.81 -47.38
C LEU B 26 -2.06 -37.13 -48.36
N GLN B 27 -0.76 -37.27 -48.14
CA GLN B 27 0.22 -36.74 -49.08
C GLN B 27 0.02 -37.34 -50.48
N GLU B 28 -0.14 -38.67 -50.55
CA GLU B 28 -0.37 -39.36 -51.82
C GLU B 28 -1.68 -38.96 -52.48
N GLU B 29 -2.72 -38.79 -51.66
CA GLU B 29 -4.04 -38.45 -52.17
C GLU B 29 -4.00 -37.04 -52.75
N LEU B 30 -3.41 -36.12 -52.01
CA LEU B 30 -3.27 -34.74 -52.45
C LEU B 30 -2.46 -34.72 -53.74
N LYS B 31 -1.38 -35.50 -53.75
CA LYS B 31 -0.51 -35.61 -54.91
C LYS B 31 -1.33 -35.97 -56.14
N LYS B 32 -2.15 -37.01 -55.99
CA LYS B 32 -3.03 -37.44 -57.07
C LYS B 32 -4.01 -36.34 -57.47
N ASP B 33 -4.53 -35.63 -56.48
CA ASP B 33 -5.59 -34.65 -56.71
C ASP B 33 -5.10 -33.43 -57.48
N VAL B 34 -3.90 -32.96 -57.17
CA VAL B 34 -3.40 -31.71 -57.74
C VAL B 34 -2.95 -31.83 -59.21
N PHE B 35 -2.76 -33.06 -59.69
CA PHE B 35 -2.37 -33.29 -61.08
C PHE B 35 -3.44 -32.77 -62.05
N ILE B 36 -3.02 -32.16 -63.14
CA ILE B 36 -3.97 -31.61 -64.08
C ILE B 36 -4.01 -32.29 -65.44
N ASP B 37 -5.20 -32.75 -65.83
CA ASP B 37 -5.48 -33.29 -67.16
C ASP B 37 -5.78 -32.11 -68.05
N SER B 38 -4.86 -31.71 -68.91
CA SER B 38 -5.12 -30.49 -69.67
C SER B 38 -6.35 -30.53 -70.59
N THR B 39 -6.76 -31.69 -71.07
CA THR B 39 -7.88 -31.64 -72.01
C THR B 39 -9.15 -31.63 -71.18
N LYS B 40 -9.00 -31.91 -69.92
CA LYS B 40 -10.27 -31.97 -69.31
C LYS B 40 -10.07 -30.92 -68.34
N LEU B 41 -9.52 -29.87 -68.97
CA LEU B 41 -9.26 -28.67 -68.28
C LEU B 41 -10.69 -28.39 -68.03
N GLN B 42 -11.52 -28.74 -69.04
CA GLN B 42 -12.91 -28.35 -68.75
C GLN B 42 -13.51 -29.12 -67.59
N TYR B 43 -13.31 -30.42 -67.60
CA TYR B 43 -13.79 -31.27 -66.54
C TYR B 43 -13.13 -30.87 -65.24
N GLU B 44 -11.82 -30.69 -65.30
CA GLU B 44 -11.06 -30.42 -64.09
C GLU B 44 -11.54 -29.18 -63.37
N ALA B 45 -12.03 -28.17 -64.10
CA ALA B 45 -12.47 -26.99 -63.38
C ALA B 45 -13.58 -27.30 -62.41
N ALA B 46 -14.52 -28.14 -62.83
CA ALA B 46 -15.63 -28.45 -61.96
C ALA B 46 -15.15 -29.39 -60.88
N ASN B 47 -14.31 -30.34 -61.27
CA ASN B 47 -13.85 -31.31 -60.30
C ASN B 47 -12.99 -30.58 -59.29
N ASN B 48 -12.39 -29.46 -59.69
CA ASN B 48 -11.56 -28.74 -58.72
C ASN B 48 -12.38 -28.28 -57.52
N VAL B 49 -13.58 -27.77 -57.78
CA VAL B 49 -14.41 -27.35 -56.66
C VAL B 49 -14.84 -28.51 -55.80
N MET B 50 -14.99 -29.68 -56.41
CA MET B 50 -15.41 -30.84 -55.66
C MET B 50 -14.29 -31.29 -54.74
N LEU B 51 -13.05 -31.01 -55.16
CA LEU B 51 -11.92 -31.40 -54.36
C LEU B 51 -11.99 -30.55 -53.12
N TYR B 52 -12.29 -29.27 -53.30
CA TYR B 52 -12.38 -28.39 -52.16
C TYR B 52 -13.32 -28.97 -51.12
N SER B 53 -14.52 -29.36 -51.56
CA SER B 53 -15.47 -29.97 -50.65
C SER B 53 -14.85 -31.14 -49.92
N LYS B 54 -14.28 -32.06 -50.68
CA LYS B 54 -13.71 -33.25 -50.08
C LYS B 54 -12.69 -32.91 -49.00
N TRP B 55 -11.78 -32.00 -49.30
CA TRP B 55 -10.78 -31.71 -48.29
C TRP B 55 -11.32 -30.89 -47.17
N LEU B 56 -12.28 -30.03 -47.47
CA LEU B 56 -12.95 -29.31 -46.41
C LEU B 56 -13.61 -30.29 -45.47
N ASN B 57 -14.17 -31.35 -46.04
CA ASN B 57 -14.82 -32.32 -45.21
C ASN B 57 -13.81 -33.02 -44.34
N LYS B 58 -12.68 -33.35 -44.94
CA LYS B 58 -11.63 -34.01 -44.21
C LYS B 58 -11.24 -33.08 -43.10
N HIS B 59 -10.96 -31.85 -43.49
CA HIS B 59 -10.54 -30.85 -42.55
C HIS B 59 -11.41 -30.79 -41.32
N SER B 60 -12.72 -30.59 -41.53
CA SER B 60 -13.56 -30.43 -40.37
C SER B 60 -13.62 -31.65 -39.49
N SER B 61 -13.62 -32.82 -40.11
CA SER B 61 -13.75 -34.01 -39.30
C SER B 61 -12.49 -34.23 -38.51
N ILE B 62 -11.34 -33.91 -39.10
CA ILE B 62 -10.14 -34.08 -38.31
C ILE B 62 -10.13 -33.20 -37.08
N LYS B 63 -10.47 -31.92 -37.25
CA LYS B 63 -10.47 -31.07 -36.07
C LYS B 63 -11.46 -31.58 -35.02
N LYS B 64 -12.60 -32.07 -35.48
CA LYS B 64 -13.60 -32.56 -34.56
C LYS B 64 -13.05 -33.69 -33.71
N GLU B 65 -12.35 -34.61 -34.37
CA GLU B 65 -11.76 -35.71 -33.65
C GLU B 65 -10.76 -35.18 -32.65
N MET B 66 -9.87 -34.30 -33.11
CA MET B 66 -8.85 -33.80 -32.21
C MET B 66 -9.50 -33.14 -31.01
N LEU B 67 -10.61 -32.43 -31.24
CA LEU B 67 -11.29 -31.80 -30.11
C LEU B 67 -11.76 -32.80 -29.07
N ARG B 68 -12.27 -33.94 -29.53
CA ARG B 68 -12.74 -34.96 -28.62
C ARG B 68 -11.54 -35.50 -27.86
N ILE B 69 -10.46 -35.77 -28.58
CA ILE B 69 -9.28 -36.32 -27.95
C ILE B 69 -8.72 -35.28 -27.01
N GLU B 70 -8.80 -34.02 -27.43
CA GLU B 70 -8.33 -32.93 -26.59
C GLU B 70 -9.06 -32.93 -25.25
N ALA B 71 -10.35 -33.22 -25.28
CA ALA B 71 -11.12 -33.24 -24.04
C ALA B 71 -10.58 -34.36 -23.17
N GLN B 72 -10.37 -35.52 -23.76
CA GLN B 72 -9.82 -36.66 -23.03
C GLN B 72 -8.49 -36.26 -22.39
N LYS B 73 -7.69 -35.50 -23.13
CA LYS B 73 -6.38 -35.14 -22.63
C LYS B 73 -6.51 -34.25 -21.41
N LYS B 74 -7.46 -33.32 -21.46
CA LYS B 74 -7.66 -32.41 -20.34
C LYS B 74 -7.99 -33.20 -19.08
N VAL B 75 -8.71 -34.30 -19.25
CA VAL B 75 -9.09 -35.10 -18.09
C VAL B 75 -7.88 -35.82 -17.60
N ALA B 76 -7.09 -36.33 -18.55
CA ALA B 76 -5.91 -37.06 -18.19
C ALA B 76 -5.02 -36.11 -17.39
N LEU B 77 -4.95 -34.85 -17.84
CA LEU B 77 -4.07 -33.92 -17.16
C LEU B 77 -4.48 -33.77 -15.71
N LYS B 78 -5.78 -33.66 -15.49
CA LYS B 78 -6.27 -33.47 -14.14
C LYS B 78 -5.94 -34.68 -13.30
N ALA B 79 -6.17 -35.86 -13.87
CA ALA B 79 -5.87 -37.08 -13.14
C ALA B 79 -4.41 -37.11 -12.77
N ARG B 80 -3.55 -36.76 -13.72
CA ARG B 80 -2.14 -36.83 -13.43
C ARG B 80 -1.78 -35.76 -12.42
N LEU B 81 -2.41 -34.60 -12.54
CA LEU B 81 -2.17 -33.55 -11.56
C LEU B 81 -2.45 -34.05 -10.16
N ASP B 82 -3.59 -34.74 -10.01
CA ASP B 82 -3.97 -35.28 -8.71
C ASP B 82 -2.88 -36.23 -8.26
N TYR B 83 -2.53 -37.14 -9.15
CA TYR B 83 -1.47 -38.11 -8.95
C TYR B 83 -0.26 -37.37 -8.39
N TYR B 84 0.18 -36.35 -9.12
CA TYR B 84 1.39 -35.63 -8.77
C TYR B 84 1.24 -34.79 -7.50
N SER B 85 0.03 -34.28 -7.24
CA SER B 85 -0.18 -33.43 -6.06
C SER B 85 -0.36 -34.22 -4.77
N GLY B 86 -0.48 -35.54 -4.90
CA GLY B 86 -0.55 -36.39 -3.73
C GLY B 86 -1.97 -36.69 -3.32
N SER B 94 0.86 -39.87 -6.65
CA SER B 94 2.28 -40.17 -6.44
C SER B 94 2.66 -40.02 -4.97
N ARG B 97 7.07 -37.73 -4.70
CA ARG B 97 6.83 -36.39 -4.17
C ARG B 97 7.22 -35.34 -5.22
N TYR B 98 6.22 -34.82 -5.95
CA TYR B 98 6.51 -33.80 -6.98
C TYR B 98 6.53 -32.36 -6.45
N ALA B 99 7.56 -31.60 -6.84
CA ALA B 99 7.66 -30.20 -6.37
C ALA B 99 6.54 -29.35 -7.00
N ALA B 100 6.01 -28.38 -6.26
CA ALA B 100 4.89 -27.60 -6.81
C ALA B 100 5.16 -26.76 -8.08
N ALA B 101 6.31 -26.10 -8.14
CA ALA B 101 6.71 -25.28 -9.30
C ALA B 101 7.03 -26.07 -10.57
N GLU B 102 7.51 -27.28 -10.36
CA GLU B 102 8.01 -28.20 -11.37
C GLU B 102 6.91 -29.02 -12.03
N MET B 103 5.72 -29.00 -11.44
CA MET B 103 4.63 -29.90 -11.81
C MET B 103 4.42 -29.86 -13.31
N LYS B 104 4.45 -28.67 -13.90
CA LYS B 104 4.26 -28.56 -15.35
C LYS B 104 5.26 -29.45 -16.12
N THR B 105 6.54 -29.41 -15.75
CA THR B 105 7.56 -30.24 -16.40
C THR B 105 7.34 -31.76 -16.27
N VAL B 106 7.12 -32.21 -15.04
CA VAL B 106 7.01 -33.61 -14.75
C VAL B 106 5.79 -34.15 -15.46
N LEU B 107 4.67 -33.47 -15.28
CA LEU B 107 3.47 -33.89 -15.95
C LEU B 107 3.69 -33.85 -17.47
N SER B 108 4.33 -32.79 -17.96
CA SER B 108 4.62 -32.72 -19.38
C SER B 108 5.28 -33.99 -19.89
N ALA B 109 6.02 -34.63 -18.99
CA ALA B 109 6.70 -35.88 -19.34
C ALA B 109 5.86 -37.14 -19.08
N ASP B 110 4.70 -36.97 -18.44
CA ASP B 110 3.87 -38.14 -18.05
C ASP B 110 3.54 -39.09 -19.20
N LYS B 111 3.80 -40.37 -18.97
CA LYS B 111 3.55 -41.42 -19.96
C LYS B 111 2.20 -41.35 -20.69
N ASP B 112 1.13 -41.34 -19.91
CA ASP B 112 -0.23 -41.29 -20.42
C ASP B 112 -0.51 -39.98 -21.14
N VAL B 113 -0.11 -38.90 -20.46
CA VAL B 113 -0.27 -37.57 -21.00
C VAL B 113 0.53 -37.45 -22.28
N LEU B 114 1.78 -37.91 -22.23
CA LEU B 114 2.64 -37.84 -23.42
C LEU B 114 2.01 -38.59 -24.59
N LYS B 115 1.40 -39.75 -24.31
CA LYS B 115 0.76 -40.54 -25.37
C LYS B 115 -0.43 -39.83 -26.01
N VAL B 116 -1.33 -39.34 -25.16
CA VAL B 116 -2.52 -38.69 -25.66
C VAL B 116 -2.18 -37.37 -26.37
N ASP B 117 -1.22 -36.64 -25.81
CA ASP B 117 -0.76 -35.40 -26.40
C ASP B 117 -0.10 -35.65 -27.75
N THR B 118 0.71 -36.69 -27.82
CA THR B 118 1.37 -37.08 -29.08
C THR B 118 0.33 -37.30 -30.16
N SER B 119 -0.66 -38.12 -29.83
CA SER B 119 -1.79 -38.34 -30.72
C SER B 119 -2.44 -37.03 -31.17
N LEU B 120 -2.86 -36.22 -30.21
CA LEU B 120 -3.50 -34.94 -30.48
C LEU B 120 -2.68 -34.03 -31.41
N GLN B 121 -1.38 -33.95 -31.14
CA GLN B 121 -0.49 -33.11 -31.93
C GLN B 121 -0.40 -33.68 -33.34
N TYR B 122 -0.48 -35.01 -33.43
CA TYR B 122 -0.43 -35.69 -34.71
C TYR B 122 -1.61 -35.26 -35.57
N TRP B 123 -2.79 -35.31 -34.95
CA TRP B 123 -3.98 -34.87 -35.67
C TRP B 123 -3.83 -33.40 -36.04
N GLY B 124 -3.20 -32.61 -35.17
CA GLY B 124 -2.93 -31.21 -35.46
C GLY B 124 -2.11 -31.06 -36.75
N ILE B 125 -1.22 -32.02 -36.95
CA ILE B 125 -0.36 -32.05 -38.14
C ILE B 125 -1.20 -32.34 -39.37
N LEU B 126 -2.12 -33.29 -39.22
CA LEU B 126 -3.06 -33.58 -40.29
C LEU B 126 -3.86 -32.33 -40.67
N LEU B 127 -4.42 -31.66 -39.66
CA LEU B 127 -5.16 -30.42 -39.87
C LEU B 127 -4.38 -29.34 -40.62
N ASP B 128 -3.11 -29.17 -40.26
CA ASP B 128 -2.29 -28.16 -40.92
C ASP B 128 -2.04 -28.55 -42.38
N PHE B 129 -1.92 -29.86 -42.59
CA PHE B 129 -1.74 -30.37 -43.94
C PHE B 129 -2.98 -30.09 -44.77
N CYS B 130 -4.14 -30.30 -44.18
CA CYS B 130 -5.40 -30.08 -44.89
C CYS B 130 -5.59 -28.60 -45.24
N SER B 131 -5.18 -27.70 -44.34
CA SER B 131 -5.20 -26.25 -44.62
C SER B 131 -4.33 -25.90 -45.83
N GLY B 132 -3.14 -26.50 -45.85
CA GLY B 132 -2.27 -26.35 -47.01
C GLY B 132 -2.94 -26.87 -48.26
N ALA B 133 -3.61 -28.00 -48.14
CA ALA B 133 -4.38 -28.59 -49.22
C ALA B 133 -5.43 -27.64 -49.81
N LEU B 134 -6.23 -27.01 -48.95
CA LEU B 134 -7.25 -26.09 -49.47
C LEU B 134 -6.63 -24.88 -50.17
N ASP B 135 -5.50 -24.41 -49.65
CA ASP B 135 -4.76 -23.33 -50.32
C ASP B 135 -4.35 -23.78 -51.73
N ALA B 136 -3.89 -25.03 -51.77
CA ALA B 136 -3.39 -25.65 -52.99
C ALA B 136 -4.49 -25.73 -54.03
N ILE B 137 -5.66 -26.24 -53.65
CA ILE B 137 -6.75 -26.38 -54.62
C ILE B 137 -7.20 -25.02 -55.14
N LYS B 138 -7.27 -24.02 -54.25
CA LYS B 138 -7.67 -22.67 -54.69
C LYS B 138 -6.72 -22.12 -55.75
N SER B 139 -5.44 -22.42 -55.57
CA SER B 139 -4.49 -21.85 -56.51
C SER B 139 -4.40 -22.73 -57.75
N ARG B 140 -4.71 -24.01 -57.62
CA ARG B 140 -4.76 -24.87 -58.80
C ARG B 140 -5.86 -24.34 -59.70
N GLY B 141 -6.98 -23.94 -59.10
CA GLY B 141 -8.07 -23.32 -59.83
C GLY B 141 -7.65 -22.06 -60.56
N PHE B 142 -6.71 -21.33 -59.94
CA PHE B 142 -6.24 -20.12 -60.62
C PHE B 142 -5.33 -20.52 -61.79
N ALA B 143 -4.44 -21.47 -61.56
CA ALA B 143 -3.54 -21.95 -62.60
C ALA B 143 -4.34 -22.42 -63.81
N ILE B 144 -5.47 -23.07 -63.52
CA ILE B 144 -6.39 -23.57 -64.56
C ILE B 144 -6.91 -22.41 -65.40
N LYS B 145 -7.36 -21.35 -64.74
CA LYS B 145 -7.84 -20.20 -65.50
C LYS B 145 -6.71 -19.65 -66.37
N HIS B 146 -5.51 -19.54 -65.80
CA HIS B 146 -4.34 -19.06 -66.53
C HIS B 146 -4.08 -19.86 -67.81
N ILE B 147 -4.11 -21.19 -67.70
CA ILE B 147 -3.82 -22.08 -68.82
C ILE B 147 -4.87 -21.94 -69.92
N GLN B 148 -6.14 -21.93 -69.51
CA GLN B 148 -7.26 -21.66 -70.43
C GLN B 148 -6.97 -20.38 -71.22
N ASP B 149 -6.44 -19.39 -70.50
CA ASP B 149 -6.11 -18.10 -71.09
C ASP B 149 -4.98 -18.28 -72.10
N MET B 150 -3.97 -19.09 -71.80
CA MET B 150 -2.89 -19.31 -72.76
C MET B 150 -3.42 -20.00 -74.03
N ARG B 151 -4.50 -20.75 -73.87
CA ARG B 151 -5.09 -21.42 -75.03
C ARG B 151 -5.79 -20.37 -75.88
N ALA B 152 -6.60 -19.51 -75.25
CA ALA B 152 -7.26 -18.42 -75.98
C ALA B 152 -6.21 -17.52 -76.65
N PHE B 153 -5.04 -17.51 -76.02
CA PHE B 153 -3.83 -16.79 -76.43
C PHE B 153 -3.13 -17.24 -77.69
N GLU B 154 -3.01 -18.55 -77.90
CA GLU B 154 -2.34 -19.03 -79.11
C GLU B 154 -3.04 -18.63 -80.42
N ALA B 155 -4.37 -18.77 -80.49
CA ALA B 155 -5.17 -18.23 -81.60
C ALA B 155 -4.58 -16.96 -82.25
N MET C 21 18.00 -35.73 -43.40
CA MET C 21 17.88 -34.62 -44.33
C MET C 21 18.88 -33.51 -43.99
N ARG C 22 19.33 -32.80 -45.02
CA ARG C 22 20.25 -31.68 -44.86
C ARG C 22 19.60 -30.40 -45.36
N LEU C 23 19.81 -29.30 -44.64
CA LEU C 23 19.17 -28.04 -45.03
C LEU C 23 19.73 -27.53 -46.36
N GLU C 24 21.04 -27.66 -46.54
CA GLU C 24 21.70 -27.19 -47.75
C GLU C 24 21.15 -27.86 -49.01
N ASP C 25 20.77 -29.13 -48.85
CA ASP C 25 20.25 -29.95 -49.95
C ASP C 25 18.85 -29.53 -50.33
N LEU C 26 18.10 -29.06 -49.34
CA LEU C 26 16.77 -28.50 -49.55
C LEU C 26 16.94 -27.17 -50.25
N GLN C 27 17.96 -26.41 -49.85
CA GLN C 27 18.29 -25.15 -50.51
C GLN C 27 18.56 -25.38 -52.01
N GLU C 28 19.38 -26.38 -52.33
CA GLU C 28 19.69 -26.71 -53.72
C GLU C 28 18.45 -27.19 -54.47
N GLU C 29 17.60 -27.96 -53.79
CA GLU C 29 16.40 -28.51 -54.40
C GLU C 29 15.44 -27.38 -54.75
N LEU C 30 15.22 -26.48 -53.80
CA LEU C 30 14.34 -25.35 -54.04
C LEU C 30 14.90 -24.52 -55.18
N LYS C 31 16.22 -24.31 -55.13
CA LYS C 31 16.93 -23.56 -56.16
C LYS C 31 16.60 -24.09 -57.54
N LYS C 32 16.74 -25.41 -57.70
CA LYS C 32 16.41 -26.09 -58.95
C LYS C 32 14.93 -25.91 -59.29
N ASP C 33 14.07 -25.98 -58.26
CA ASP C 33 12.63 -26.00 -58.43
C ASP C 33 12.06 -24.67 -58.95
N VAL C 34 12.60 -23.55 -58.47
CA VAL C 34 12.03 -22.25 -58.78
C VAL C 34 12.34 -21.73 -60.19
N PHE C 35 13.35 -22.32 -60.85
CA PHE C 35 13.73 -21.93 -62.21
C PHE C 35 12.59 -22.13 -63.20
N ILE C 36 12.42 -21.17 -64.10
CA ILE C 36 11.31 -21.24 -65.05
C ILE C 36 11.72 -21.41 -66.52
N ASP C 37 11.17 -22.46 -67.14
CA ASP C 37 11.31 -22.74 -68.57
C ASP C 37 10.24 -21.94 -69.29
N SER C 38 10.61 -20.86 -69.97
CA SER C 38 9.57 -20.02 -70.57
C SER C 38 8.66 -20.66 -71.63
N THR C 39 9.11 -21.66 -72.37
CA THR C 39 8.21 -22.16 -73.40
C THR C 39 7.35 -23.18 -72.69
N LYS C 40 7.76 -23.51 -71.51
CA LYS C 40 6.96 -24.53 -70.97
C LYS C 40 6.48 -23.83 -69.80
N LEU C 41 6.11 -22.59 -70.15
CA LEU C 41 5.54 -21.69 -69.23
C LEU C 41 4.32 -22.52 -69.06
N GLN C 42 3.91 -23.14 -70.19
CA GLN C 42 2.67 -23.90 -70.02
C GLN C 42 2.85 -25.10 -69.10
N TYR C 43 3.93 -25.84 -69.34
CA TYR C 43 4.22 -27.00 -68.52
C TYR C 43 4.41 -26.53 -67.08
N GLU C 44 5.19 -25.47 -66.92
CA GLU C 44 5.51 -25.03 -65.58
C GLU C 44 4.28 -24.65 -64.79
N ALA C 45 3.25 -24.10 -65.45
CA ALA C 45 2.09 -23.73 -64.66
C ALA C 45 1.48 -24.94 -63.96
N ALA C 46 1.43 -26.06 -64.65
CA ALA C 46 0.83 -27.23 -64.03
C ALA C 46 1.82 -27.77 -63.03
N ASN C 47 3.07 -27.76 -63.44
CA ASN C 47 4.12 -28.30 -62.60
C ASN C 47 4.24 -27.42 -61.38
N ASN C 48 3.85 -26.15 -61.52
CA ASN C 48 3.98 -25.29 -60.36
C ASN C 48 3.13 -25.79 -59.20
N VAL C 49 1.90 -26.22 -59.49
CA VAL C 49 1.08 -26.72 -58.40
C VAL C 49 1.62 -28.02 -57.82
N MET C 50 2.30 -28.78 -58.66
CA MET C 50 2.83 -30.04 -58.20
C MET C 50 3.97 -29.78 -57.24
N LEU C 51 4.68 -28.68 -57.46
CA LEU C 51 5.80 -28.38 -56.59
C LEU C 51 5.23 -28.06 -55.23
N TYR C 52 4.15 -27.30 -55.20
CA TYR C 52 3.55 -26.96 -53.92
C TYR C 52 3.31 -28.23 -53.13
N SER C 53 2.65 -29.19 -53.78
CA SER C 53 2.40 -30.47 -53.14
C SER C 53 3.66 -31.12 -52.61
N LYS C 54 4.67 -31.24 -53.46
CA LYS C 54 5.90 -31.90 -53.06
C LYS C 54 6.46 -31.27 -51.79
N TRP C 55 6.53 -29.94 -51.76
CA TRP C 55 7.09 -29.32 -50.57
C TRP C 55 6.14 -29.36 -49.40
N LEU C 56 4.85 -29.30 -49.68
CA LEU C 56 3.90 -29.47 -48.60
C LEU C 56 4.09 -30.83 -47.96
N ASN C 57 4.37 -31.83 -48.79
CA ASN C 57 4.56 -33.14 -48.24
C ASN C 57 5.81 -33.18 -47.39
N LYS C 58 6.86 -32.54 -47.90
CA LYS C 58 8.11 -32.47 -47.19
C LYS C 58 7.81 -31.79 -45.88
N HIS C 59 7.14 -30.65 -45.97
CA HIS C 59 6.80 -29.89 -44.80
C HIS C 59 6.17 -30.72 -43.71
N SER C 60 5.10 -31.43 -44.05
CA SER C 60 4.42 -32.18 -43.02
C SER C 60 5.28 -33.26 -42.43
N SER C 61 6.08 -33.90 -43.27
CA SER C 61 6.86 -34.98 -42.75
C SER C 61 7.93 -34.46 -41.83
N ILE C 62 8.48 -33.30 -42.15
CA ILE C 62 9.47 -32.78 -41.24
C ILE C 62 8.86 -32.48 -39.89
N LYS C 63 7.71 -31.82 -39.88
CA LYS C 63 7.10 -31.53 -38.58
C LYS C 63 6.81 -32.80 -37.81
N LYS C 64 6.39 -33.84 -38.53
CA LYS C 64 6.07 -35.11 -37.89
C LYS C 64 7.28 -35.66 -37.16
N GLU C 65 8.43 -35.64 -37.82
CA GLU C 65 9.62 -36.13 -37.18
C GLU C 65 9.92 -35.32 -35.94
N MET C 66 9.89 -34.00 -36.07
CA MET C 66 10.23 -33.16 -34.94
C MET C 66 9.31 -33.46 -33.77
N LEU C 67 8.04 -33.72 -34.04
CA LEU C 67 7.12 -34.03 -32.96
C LEU C 67 7.52 -35.27 -32.17
N ARG C 68 8.00 -36.29 -32.87
CA ARG C 68 8.44 -37.50 -32.19
C ARG C 68 9.63 -37.17 -31.32
N ILE C 69 10.57 -36.42 -31.88
CA ILE C 69 11.77 -36.09 -31.14
C ILE C 69 11.38 -35.21 -29.96
N GLU C 70 10.40 -34.34 -30.17
CA GLU C 70 9.94 -33.48 -29.10
C GLU C 70 9.44 -34.28 -27.91
N ALA C 71 8.74 -35.38 -28.18
CA ALA C 71 8.25 -36.19 -27.09
C ALA C 71 9.43 -36.76 -26.33
N GLN C 72 10.41 -37.27 -27.07
CA GLN C 72 11.62 -37.80 -26.46
C GLN C 72 12.29 -36.75 -25.59
N LYS C 73 12.29 -35.51 -26.07
CA LYS C 73 12.96 -34.45 -25.34
C LYS C 73 12.28 -34.21 -24.02
N LYS C 74 10.96 -34.25 -24.02
CA LYS C 74 10.23 -34.01 -22.79
C LYS C 74 10.59 -35.02 -21.71
N VAL C 75 10.87 -36.25 -22.13
CA VAL C 75 11.18 -37.26 -21.14
C VAL C 75 12.54 -37.00 -20.60
N ALA C 76 13.46 -36.62 -21.48
CA ALA C 76 14.81 -36.35 -21.04
C ALA C 76 14.75 -35.24 -20.01
N LEU C 77 13.92 -34.23 -20.25
CA LEU C 77 13.90 -33.12 -19.31
C LEU C 77 13.52 -33.57 -17.92
N LYS C 78 12.51 -34.44 -17.82
CA LYS C 78 12.07 -34.89 -16.50
C LYS C 78 13.20 -35.66 -15.83
N ALA C 79 13.83 -36.54 -16.60
CA ALA C 79 14.94 -37.30 -16.06
C ALA C 79 16.03 -36.37 -15.56
N ARG C 80 16.36 -35.36 -16.34
CA ARG C 80 17.43 -34.49 -15.90
C ARG C 80 16.98 -33.69 -14.69
N LEU C 81 15.71 -33.29 -14.65
CA LEU C 81 15.21 -32.61 -13.46
C LEU C 81 15.46 -33.45 -12.23
N ASP C 82 15.14 -34.74 -12.33
CA ASP C 82 15.34 -35.62 -11.18
C ASP C 82 16.81 -35.61 -10.81
N TYR C 83 17.66 -35.82 -11.82
CA TYR C 83 19.11 -35.79 -11.64
C TYR C 83 19.46 -34.54 -10.85
N TYR C 84 19.04 -33.38 -11.34
CA TYR C 84 19.42 -32.11 -10.73
C TYR C 84 18.76 -31.90 -9.36
N SER C 85 17.56 -32.47 -9.16
CA SER C 85 16.85 -32.27 -7.90
C SER C 85 17.30 -33.19 -6.76
N GLY C 86 18.16 -34.16 -7.04
CA GLY C 86 18.70 -34.98 -5.96
C GLY C 86 17.83 -36.22 -5.87
N ARG C 87 16.90 -36.33 -6.81
CA ARG C 87 15.99 -37.47 -6.88
C ARG C 87 16.57 -38.66 -7.63
N GLY C 88 17.76 -38.50 -8.18
CA GLY C 88 18.36 -39.59 -8.94
C GLY C 88 17.87 -39.95 -10.33
N ASP C 89 18.83 -40.38 -11.13
CA ASP C 89 18.62 -40.80 -12.50
C ASP C 89 19.25 -42.17 -12.63
N GLY C 90 18.45 -43.19 -12.32
CA GLY C 90 18.91 -44.56 -12.39
C GLY C 90 19.74 -44.85 -11.15
N ASP C 91 20.99 -45.26 -11.33
CA ASP C 91 21.84 -45.41 -10.18
C ASP C 91 22.79 -44.25 -10.08
N GLU C 92 22.47 -43.19 -10.80
CA GLU C 92 23.36 -42.05 -10.83
C GLU C 92 22.72 -40.89 -10.06
N PHE C 93 23.56 -40.09 -9.39
CA PHE C 93 23.04 -38.99 -8.59
C PHE C 93 23.93 -37.76 -8.66
N SER C 94 23.24 -36.62 -8.74
CA SER C 94 23.84 -35.29 -8.81
C SER C 94 24.12 -34.81 -7.40
N MET C 95 25.37 -34.82 -6.97
CA MET C 95 25.68 -34.39 -5.61
C MET C 95 25.43 -32.91 -5.36
N ASP C 96 24.98 -32.22 -6.40
CA ASP C 96 24.74 -30.78 -6.31
C ASP C 96 23.29 -30.39 -6.01
N ARG C 97 23.14 -29.29 -5.29
CA ARG C 97 21.82 -28.74 -4.95
C ARG C 97 21.51 -27.41 -5.67
N TYR C 98 20.76 -27.52 -6.76
CA TYR C 98 20.35 -26.38 -7.59
C TYR C 98 19.08 -25.58 -7.27
N ALA C 99 19.27 -24.27 -7.31
CA ALA C 99 18.25 -23.24 -7.06
C ALA C 99 17.28 -23.37 -8.23
N ALA C 100 15.98 -23.12 -8.06
CA ALA C 100 15.07 -23.33 -9.20
C ALA C 100 15.38 -22.48 -10.44
N ALA C 101 15.78 -21.23 -10.25
CA ALA C 101 16.13 -20.42 -11.42
C ALA C 101 17.41 -21.04 -11.99
N GLU C 102 18.18 -21.62 -11.08
CA GLU C 102 19.47 -22.13 -11.51
C GLU C 102 19.12 -23.50 -12.08
N MET C 103 17.94 -24.01 -11.71
CA MET C 103 17.58 -25.36 -12.10
C MET C 103 17.44 -25.17 -13.58
N LYS C 104 16.72 -24.10 -13.92
CA LYS C 104 16.44 -23.72 -15.30
C LYS C 104 17.71 -23.57 -16.11
N THR C 105 18.68 -22.84 -15.53
CA THR C 105 19.97 -22.68 -16.21
C THR C 105 20.74 -23.98 -16.45
N VAL C 106 20.90 -24.76 -15.39
CA VAL C 106 21.69 -25.98 -15.39
C VAL C 106 21.08 -26.98 -16.34
N LEU C 107 19.78 -27.19 -16.20
CA LEU C 107 19.12 -28.10 -17.09
C LEU C 107 19.29 -27.56 -18.49
N SER C 108 19.12 -26.25 -18.72
CA SER C 108 19.33 -25.76 -20.07
C SER C 108 20.70 -26.21 -20.60
N ALA C 109 21.65 -26.38 -19.68
CA ALA C 109 23.02 -26.83 -20.03
C ALA C 109 23.14 -28.34 -20.25
N ASP C 110 22.06 -29.06 -19.97
CA ASP C 110 21.97 -30.51 -20.02
C ASP C 110 22.42 -31.11 -21.33
N LYS C 111 23.65 -31.60 -21.36
CA LYS C 111 24.26 -32.17 -22.56
C LYS C 111 23.30 -33.10 -23.30
N ASP C 112 22.69 -34.06 -22.62
CA ASP C 112 21.78 -34.96 -23.33
C ASP C 112 20.57 -34.15 -23.83
N VAL C 113 20.02 -33.33 -22.95
CA VAL C 113 18.90 -32.46 -23.29
C VAL C 113 19.34 -31.48 -24.37
N LEU C 114 20.50 -30.87 -24.20
CA LEU C 114 21.01 -29.92 -25.18
C LEU C 114 21.11 -30.57 -26.56
N LYS C 115 21.56 -31.83 -26.61
CA LYS C 115 21.71 -32.57 -27.86
C LYS C 115 20.37 -32.78 -28.55
N VAL C 116 19.40 -33.27 -27.77
CA VAL C 116 18.08 -33.55 -28.33
C VAL C 116 17.37 -32.27 -28.75
N ASP C 117 17.52 -31.22 -27.94
CA ASP C 117 16.93 -29.92 -28.23
C ASP C 117 17.55 -29.36 -29.50
N THR C 118 18.86 -29.49 -29.61
CA THR C 118 19.58 -29.02 -30.79
C THR C 118 18.99 -29.66 -32.03
N SER C 119 18.86 -30.98 -31.98
CA SER C 119 18.18 -31.72 -33.05
C SER C 119 16.81 -31.14 -33.38
N LEU C 120 15.96 -31.05 -32.37
CA LEU C 120 14.60 -30.53 -32.51
C LEU C 120 14.57 -29.15 -33.17
N GLN C 121 15.45 -28.26 -32.73
CA GLN C 121 15.52 -26.89 -33.24
C GLN C 121 15.97 -26.94 -34.70
N TYR C 122 16.83 -27.90 -35.01
CA TYR C 122 17.34 -28.05 -36.36
C TYR C 122 16.18 -28.37 -37.28
N TRP C 123 15.35 -29.32 -36.86
CA TRP C 123 14.17 -29.66 -37.63
C TRP C 123 13.24 -28.44 -37.73
N GLY C 124 13.19 -27.64 -36.67
CA GLY C 124 12.41 -26.42 -36.70
C GLY C 124 12.88 -25.48 -37.81
N ILE C 125 14.19 -25.48 -38.03
CA ILE C 125 14.82 -24.66 -39.07
C ILE C 125 14.44 -25.18 -40.44
N LEU C 126 14.46 -26.50 -40.58
CA LEU C 126 14.01 -27.13 -41.81
C LEU C 126 12.57 -26.74 -42.12
N LEU C 127 11.71 -26.87 -41.12
CA LEU C 127 10.31 -26.52 -41.23
C LEU C 127 10.08 -25.08 -41.67
N ASP C 128 10.85 -24.15 -41.09
CA ASP C 128 10.70 -22.73 -41.43
C ASP C 128 11.13 -22.50 -42.88
N PHE C 129 12.14 -23.27 -43.29
CA PHE C 129 12.61 -23.19 -44.66
C PHE C 129 11.51 -23.66 -45.59
N CYS C 130 10.83 -24.73 -45.20
CA CYS C 130 9.75 -25.26 -46.02
C CYS C 130 8.58 -24.28 -46.14
N SER C 131 8.28 -23.56 -45.05
CA SER C 131 7.25 -22.52 -45.10
C SER C 131 7.62 -21.42 -46.11
N GLY C 132 8.89 -21.01 -46.05
CA GLY C 132 9.40 -20.08 -47.02
C GLY C 132 9.26 -20.62 -48.44
N ALA C 133 9.59 -21.89 -48.60
CA ALA C 133 9.45 -22.57 -49.89
C ALA C 133 8.04 -22.50 -50.44
N LEU C 134 7.05 -22.80 -49.62
CA LEU C 134 5.66 -22.76 -50.09
C LEU C 134 5.25 -21.34 -50.49
N ASP C 135 5.76 -20.36 -49.74
CA ASP C 135 5.53 -18.96 -50.09
C ASP C 135 6.11 -18.66 -51.47
N ALA C 136 7.30 -19.23 -51.68
CA ALA C 136 8.05 -19.06 -52.91
C ALA C 136 7.27 -19.64 -54.06
N ILE C 137 6.78 -20.87 -53.93
CA ILE C 137 6.05 -21.49 -55.03
C ILE C 137 4.77 -20.71 -55.35
N LYS C 138 4.10 -20.22 -54.30
CA LYS C 138 2.88 -19.43 -54.49
C LYS C 138 3.17 -18.18 -55.34
N SER C 139 4.32 -17.58 -55.08
CA SER C 139 4.60 -16.35 -55.79
C SER C 139 5.23 -16.66 -57.13
N ARG C 140 5.86 -17.82 -57.26
CA ARG C 140 6.35 -18.22 -58.57
C ARG C 140 5.16 -18.38 -59.49
N GLY C 141 4.09 -18.97 -58.97
CA GLY C 141 2.83 -19.10 -59.69
C GLY C 141 2.26 -17.77 -60.12
N PHE C 142 2.46 -16.77 -59.26
CA PHE C 142 1.96 -15.45 -59.61
C PHE C 142 2.84 -14.84 -60.70
N ALA C 143 4.15 -14.93 -60.52
CA ALA C 143 5.10 -14.40 -61.48
C ALA C 143 4.83 -15.01 -62.84
N ILE C 144 4.50 -16.31 -62.84
CA ILE C 144 4.17 -17.02 -64.07
C ILE C 144 2.98 -16.40 -64.75
N LYS C 145 1.90 -16.15 -64.00
CA LYS C 145 0.74 -15.53 -64.66
C LYS C 145 1.08 -14.14 -65.20
N HIS C 146 1.79 -13.35 -64.38
CA HIS C 146 2.20 -12.01 -64.77
C HIS C 146 3.02 -12.01 -66.06
N ILE C 147 3.96 -12.93 -66.13
CA ILE C 147 4.86 -13.05 -67.26
C ILE C 147 4.10 -13.46 -68.50
N GLN C 148 3.20 -14.43 -68.34
CA GLN C 148 2.29 -14.81 -69.42
C GLN C 148 1.58 -13.58 -69.98
N ASP C 149 1.14 -12.70 -69.08
CA ASP C 149 0.43 -11.51 -69.51
C ASP C 149 1.36 -10.55 -70.25
N MET C 150 2.57 -10.40 -69.76
CA MET C 150 3.55 -9.53 -70.42
C MET C 150 3.91 -10.09 -71.80
N ARG C 151 3.76 -11.40 -71.95
CA ARG C 151 4.04 -12.04 -73.22
C ARG C 151 2.91 -11.69 -74.17
N ALA C 152 1.68 -11.85 -73.68
CA ALA C 152 0.50 -11.50 -74.46
C ALA C 152 0.49 -10.03 -74.87
N PHE C 153 1.14 -9.19 -74.09
CA PHE C 153 1.20 -7.76 -74.38
C PHE C 153 1.98 -7.46 -75.65
N GLU C 154 3.11 -8.16 -75.82
CA GLU C 154 3.94 -8.02 -77.01
C GLU C 154 3.21 -8.46 -78.27
N MET D 21 30.91 -13.63 -41.92
CA MET D 21 30.05 -12.72 -42.67
C MET D 21 29.98 -11.35 -41.98
N ARG D 22 29.81 -10.30 -42.79
CA ARG D 22 29.67 -8.94 -42.29
C ARG D 22 28.32 -8.36 -42.66
N LEU D 23 27.71 -7.60 -41.75
CA LEU D 23 26.37 -7.05 -41.99
C LEU D 23 26.33 -6.07 -43.16
N GLU D 24 27.34 -5.20 -43.24
CA GLU D 24 27.40 -4.19 -44.29
C GLU D 24 27.43 -4.81 -45.69
N ASP D 25 28.04 -5.98 -45.81
CA ASP D 25 28.19 -6.65 -47.10
C ASP D 25 26.84 -7.23 -47.54
N LEU D 26 26.04 -7.61 -46.56
CA LEU D 26 24.68 -8.08 -46.83
C LEU D 26 23.86 -6.87 -47.25
N GLN D 27 24.10 -5.74 -46.58
CA GLN D 27 23.43 -4.49 -46.95
C GLN D 27 23.70 -4.13 -48.42
N GLU D 28 24.97 -4.21 -48.83
CA GLU D 28 25.34 -3.94 -50.23
C GLU D 28 24.74 -4.97 -51.19
N GLU D 29 24.68 -6.23 -50.76
CA GLU D 29 24.15 -7.27 -51.63
C GLU D 29 22.67 -7.03 -51.86
N LEU D 30 21.92 -6.76 -50.80
CA LEU D 30 20.50 -6.47 -50.92
C LEU D 30 20.31 -5.23 -51.79
N LYS D 31 21.14 -4.22 -51.53
CA LYS D 31 21.12 -2.97 -52.29
C LYS D 31 21.20 -3.21 -53.79
N LYS D 32 22.19 -4.00 -54.20
CA LYS D 32 22.38 -4.38 -55.60
C LYS D 32 21.18 -5.17 -56.10
N ASP D 33 20.66 -6.06 -55.25
CA ASP D 33 19.63 -7.00 -55.65
C ASP D 33 18.31 -6.30 -55.95
N VAL D 34 18.00 -5.27 -55.16
CA VAL D 34 16.70 -4.60 -55.28
C VAL D 34 16.58 -3.67 -56.50
N PHE D 35 17.71 -3.32 -57.11
CA PHE D 35 17.71 -2.49 -58.31
C PHE D 35 16.94 -3.18 -59.43
N ILE D 36 16.13 -2.42 -60.18
CA ILE D 36 15.33 -3.01 -61.23
C ILE D 36 15.72 -2.56 -62.65
N ASP D 37 16.01 -3.52 -63.51
CA ASP D 37 16.26 -3.29 -64.93
C ASP D 37 14.91 -3.25 -65.61
N SER D 38 14.43 -2.06 -66.00
CA SER D 38 13.08 -2.02 -66.56
C SER D 38 12.83 -2.82 -67.84
N THR D 39 13.83 -3.06 -68.68
CA THR D 39 13.47 -3.76 -69.90
C THR D 39 13.54 -5.22 -69.55
N LYS D 40 14.11 -5.48 -68.41
CA LYS D 40 14.22 -6.88 -68.24
C LYS D 40 13.44 -7.01 -67.04
N LEU D 41 12.31 -6.27 -67.17
CA LEU D 41 11.33 -6.25 -66.15
C LEU D 41 10.99 -7.69 -66.37
N GLN D 42 11.03 -8.09 -67.66
CA GLN D 42 10.64 -9.49 -67.83
C GLN D 42 11.63 -10.46 -67.22
N TYR D 43 12.91 -10.22 -67.45
CA TYR D 43 13.94 -11.05 -66.87
C TYR D 43 13.82 -10.96 -65.36
N GLU D 44 13.70 -9.73 -64.86
CA GLU D 44 13.68 -9.54 -63.42
C GLU D 44 12.54 -10.27 -62.78
N ALA D 45 11.40 -10.38 -63.46
CA ALA D 45 10.29 -11.07 -62.83
C ALA D 45 10.66 -12.50 -62.49
N ALA D 46 11.34 -13.17 -63.41
CA ALA D 46 11.66 -14.56 -63.13
C ALA D 46 12.78 -14.55 -62.12
N ASN D 47 13.72 -13.65 -62.33
CA ASN D 47 14.88 -13.58 -61.48
C ASN D 47 14.43 -13.16 -60.09
N ASN D 48 13.29 -12.47 -60.01
CA ASN D 48 12.84 -12.06 -58.68
C ASN D 48 12.60 -13.25 -57.79
N VAL D 49 11.96 -14.30 -58.31
CA VAL D 49 11.74 -15.45 -57.45
C VAL D 49 13.04 -16.12 -57.05
N MET D 50 14.04 -16.04 -57.92
CA MET D 50 15.30 -16.67 -57.61
C MET D 50 15.98 -15.94 -56.47
N LEU D 51 15.73 -14.64 -56.39
CA LEU D 51 16.34 -13.85 -55.34
C LEU D 51 15.77 -14.31 -54.03
N TYR D 52 14.45 -14.53 -54.01
CA TYR D 52 13.81 -14.99 -52.81
C TYR D 52 14.53 -16.23 -52.30
N SER D 53 14.72 -17.20 -53.20
CA SER D 53 15.44 -18.42 -52.84
C SER D 53 16.79 -18.12 -52.24
N LYS D 54 17.58 -17.31 -52.94
CA LYS D 54 18.93 -17.03 -52.46
C LYS D 54 18.93 -16.49 -51.05
N TRP D 55 18.07 -15.51 -50.77
CA TRP D 55 18.09 -14.96 -49.42
C TRP D 55 17.48 -15.89 -48.43
N LEU D 56 16.50 -16.66 -48.88
CA LEU D 56 15.94 -17.69 -48.02
C LEU D 56 17.01 -18.68 -47.62
N ASN D 57 17.90 -19.01 -48.54
CA ASN D 57 18.94 -19.95 -48.21
C ASN D 57 19.89 -19.35 -47.19
N LYS D 58 20.22 -18.08 -47.39
CA LYS D 58 21.09 -17.39 -46.46
C LYS D 58 20.40 -17.45 -45.13
N HIS D 59 19.15 -17.08 -45.12
CA HIS D 59 18.40 -17.07 -43.90
C HIS D 59 18.52 -18.34 -43.08
N SER D 60 18.22 -19.48 -43.70
CA SER D 60 18.24 -20.68 -42.86
C SER D 60 19.62 -20.99 -42.33
N SER D 61 20.64 -20.76 -43.16
CA SER D 61 21.95 -21.14 -42.70
C SER D 61 22.45 -20.24 -41.58
N ILE D 62 22.13 -18.95 -41.62
CA ILE D 62 22.56 -18.15 -40.49
C ILE D 62 21.92 -18.62 -39.20
N LYS D 63 20.61 -18.87 -39.23
CA LYS D 63 19.97 -19.32 -38.00
C LYS D 63 20.62 -20.61 -37.54
N LYS D 64 20.99 -21.47 -38.49
CA LYS D 64 21.59 -22.73 -38.13
C LYS D 64 22.87 -22.50 -37.37
N GLU D 65 23.70 -21.59 -37.87
CA GLU D 65 24.94 -21.28 -37.19
C GLU D 65 24.65 -20.75 -35.80
N MET D 66 23.72 -19.81 -35.72
CA MET D 66 23.40 -19.20 -34.43
C MET D 66 22.96 -20.26 -33.44
N LEU D 67 22.20 -21.26 -33.92
CA LEU D 67 21.75 -22.32 -33.03
C LEU D 67 22.90 -23.07 -32.38
N ARG D 68 23.95 -23.31 -33.16
CA ARG D 68 25.11 -24.01 -32.63
C ARG D 68 25.78 -23.15 -31.58
N ILE D 69 25.92 -21.87 -31.88
CA ILE D 69 26.57 -20.97 -30.94
C ILE D 69 25.71 -20.85 -29.71
N GLU D 70 24.40 -20.86 -29.89
CA GLU D 70 23.52 -20.78 -28.73
C GLU D 70 23.74 -21.94 -27.79
N ALA D 71 23.99 -23.12 -28.34
CA ALA D 71 24.24 -24.27 -27.48
C ALA D 71 25.51 -24.03 -26.68
N GLN D 72 26.54 -23.57 -27.36
CA GLN D 72 27.79 -23.26 -26.68
C GLN D 72 27.57 -22.27 -25.56
N LYS D 73 26.72 -21.27 -25.78
CA LYS D 73 26.53 -20.26 -24.75
C LYS D 73 25.91 -20.89 -23.53
N LYS D 74 24.94 -21.77 -23.73
CA LYS D 74 24.30 -22.40 -22.59
C LYS D 74 25.29 -23.16 -21.74
N VAL D 75 26.28 -23.77 -22.39
CA VAL D 75 27.25 -24.56 -21.63
C VAL D 75 28.14 -23.59 -20.90
N ALA D 76 28.53 -22.54 -21.60
CA ALA D 76 29.38 -21.56 -21.01
C ALA D 76 28.66 -21.00 -19.80
N LEU D 77 27.35 -20.77 -19.92
CA LEU D 77 26.65 -20.20 -18.80
C LEU D 77 26.73 -21.11 -17.59
N LYS D 78 26.57 -22.41 -17.83
CA LYS D 78 26.62 -23.33 -16.71
C LYS D 78 27.99 -23.30 -16.12
N ALA D 79 29.01 -23.34 -16.98
CA ALA D 79 30.38 -23.29 -16.50
C ALA D 79 30.61 -22.01 -15.70
N ARG D 80 30.14 -20.89 -16.23
CA ARG D 80 30.39 -19.65 -15.51
C ARG D 80 29.55 -19.66 -14.26
N LEU D 81 28.35 -20.23 -14.36
CA LEU D 81 27.51 -20.35 -13.19
C LEU D 81 28.25 -21.10 -12.12
N ASP D 82 28.89 -22.21 -12.50
CA ASP D 82 29.63 -22.96 -11.52
C ASP D 82 30.70 -22.08 -10.92
N TYR D 83 31.50 -21.44 -11.78
CA TYR D 83 32.53 -20.53 -11.31
C TYR D 83 31.91 -19.61 -10.27
N TYR D 84 30.85 -18.92 -10.69
CA TYR D 84 30.22 -17.92 -9.84
C TYR D 84 29.45 -18.53 -8.68
N SER D 85 28.92 -19.75 -8.84
CA SER D 85 28.13 -20.33 -7.75
C SER D 85 28.88 -21.00 -6.61
N GLY D 86 30.19 -21.19 -6.75
CA GLY D 86 30.96 -21.70 -5.65
C GLY D 86 31.09 -23.22 -5.73
N ARG D 87 30.58 -23.81 -6.81
CA ARG D 87 30.65 -25.25 -7.00
C ARG D 87 31.97 -25.69 -7.64
N MET D 95 35.19 -18.65 -6.91
CA MET D 95 36.31 -17.81 -6.53
C MET D 95 35.89 -16.65 -5.63
N ASP D 96 35.05 -15.79 -6.20
CA ASP D 96 34.50 -14.61 -5.52
C ASP D 96 33.09 -14.94 -5.05
N ARG D 97 32.65 -14.38 -3.94
CA ARG D 97 31.30 -14.72 -3.56
C ARG D 97 30.19 -13.67 -3.71
N TYR D 98 29.50 -13.80 -4.84
CA TYR D 98 28.35 -13.00 -5.31
C TYR D 98 26.98 -13.53 -4.83
N ALA D 99 26.11 -12.61 -4.42
CA ALA D 99 24.77 -12.96 -3.92
C ALA D 99 24.06 -13.54 -5.16
N ALA D 100 23.17 -14.51 -5.00
CA ALA D 100 22.54 -15.14 -6.19
C ALA D 100 21.72 -14.24 -7.16
N ALA D 101 20.94 -13.28 -6.68
CA ALA D 101 20.22 -12.43 -7.63
C ALA D 101 21.29 -11.58 -8.32
N GLU D 102 22.33 -11.33 -7.54
CA GLU D 102 23.35 -10.46 -8.03
C GLU D 102 24.19 -11.39 -8.88
N MET D 103 24.01 -12.70 -8.67
CA MET D 103 24.82 -13.71 -9.36
C MET D 103 24.34 -13.51 -10.78
N LYS D 104 23.02 -13.41 -10.92
CA LYS D 104 22.38 -13.24 -12.21
C LYS D 104 23.00 -12.03 -12.89
N THR D 105 23.12 -10.92 -12.14
CA THR D 105 23.75 -9.73 -12.73
C THR D 105 25.22 -9.95 -13.17
N VAL D 106 26.01 -10.50 -12.26
CA VAL D 106 27.45 -10.69 -12.42
C VAL D 106 27.68 -11.66 -13.57
N LEU D 107 26.95 -12.77 -13.59
CA LEU D 107 27.09 -13.73 -14.66
C LEU D 107 26.75 -12.97 -15.92
N SER D 108 25.69 -12.15 -15.92
CA SER D 108 25.44 -11.40 -17.14
C SER D 108 26.72 -10.67 -17.58
N ALA D 109 27.54 -10.28 -16.61
CA ALA D 109 28.82 -9.61 -16.93
C ALA D 109 29.93 -10.56 -17.41
N ASP D 110 29.65 -11.86 -17.38
CA ASP D 110 30.60 -12.94 -17.72
C ASP D 110 31.34 -12.78 -19.05
N LYS D 111 32.59 -12.33 -19.01
CA LYS D 111 33.39 -12.10 -20.21
C LYS D 111 33.26 -13.24 -21.24
N ASP D 112 33.46 -14.50 -20.86
CA ASP D 112 33.37 -15.59 -21.81
C ASP D 112 31.91 -15.67 -22.32
N VAL D 113 30.98 -15.61 -21.37
CA VAL D 113 29.56 -15.61 -21.71
C VAL D 113 29.22 -14.38 -22.51
N LEU D 114 29.68 -13.21 -22.08
CA LEU D 114 29.38 -11.97 -22.81
C LEU D 114 29.84 -12.06 -24.26
N LYS D 115 31.02 -12.66 -24.48
CA LYS D 115 31.55 -12.80 -25.83
C LYS D 115 30.65 -13.69 -26.67
N VAL D 116 30.31 -14.85 -26.12
CA VAL D 116 29.50 -15.79 -26.89
C VAL D 116 28.09 -15.26 -27.15
N ASP D 117 27.50 -14.61 -26.16
CA ASP D 117 26.16 -14.05 -26.31
C ASP D 117 26.15 -12.89 -27.31
N THR D 118 27.17 -12.04 -27.21
CA THR D 118 27.33 -10.90 -28.11
C THR D 118 27.34 -11.42 -29.54
N SER D 119 28.16 -12.44 -29.75
CA SER D 119 28.20 -13.15 -31.04
C SER D 119 26.83 -13.60 -31.50
N LEU D 120 26.17 -14.35 -30.63
CA LEU D 120 24.85 -14.89 -30.93
C LEU D 120 23.88 -13.78 -31.36
N GLN D 121 23.90 -12.67 -30.62
CA GLN D 121 23.01 -11.57 -30.91
C GLN D 121 23.38 -10.93 -32.25
N TYR D 122 24.67 -10.96 -32.58
CA TYR D 122 25.12 -10.40 -33.85
C TYR D 122 24.43 -11.18 -34.97
N TRP D 123 24.48 -12.51 -34.86
CA TRP D 123 23.80 -13.33 -35.86
C TRP D 123 22.31 -13.04 -35.86
N GLY D 124 21.75 -12.77 -34.68
CA GLY D 124 20.36 -12.39 -34.58
C GLY D 124 20.04 -11.16 -35.41
N ILE D 125 21.02 -10.26 -35.47
CA ILE D 125 20.90 -9.03 -36.25
C ILE D 125 20.90 -9.37 -37.73
N LEU D 126 21.79 -10.28 -38.11
CA LEU D 126 21.80 -10.76 -39.48
C LEU D 126 20.46 -11.39 -39.87
N LEU D 127 19.96 -12.28 -39.01
CA LEU D 127 18.68 -12.93 -39.23
C LEU D 127 17.52 -11.95 -39.43
N ASP D 128 17.49 -10.90 -38.61
CA ASP D 128 16.41 -9.92 -38.75
C ASP D 128 16.56 -9.18 -40.08
N PHE D 129 17.82 -8.98 -40.49
CA PHE D 129 18.05 -8.32 -41.76
C PHE D 129 17.54 -9.18 -42.90
N CYS D 130 17.79 -10.50 -42.83
CA CYS D 130 17.32 -11.40 -43.89
C CYS D 130 15.80 -11.49 -43.95
N SER D 131 15.14 -11.44 -42.80
CA SER D 131 13.67 -11.40 -42.77
C SER D 131 13.15 -10.17 -43.51
N GLY D 132 13.80 -9.04 -43.23
CA GLY D 132 13.50 -7.82 -43.95
C GLY D 132 13.74 -7.98 -45.43
N ALA D 133 14.84 -8.61 -45.79
CA ALA D 133 15.18 -8.90 -47.18
C ALA D 133 14.08 -9.67 -47.89
N LEU D 134 13.57 -10.74 -47.28
CA LEU D 134 12.52 -11.54 -47.89
C LEU D 134 11.24 -10.72 -48.09
N ASP D 135 10.94 -9.87 -47.10
CA ASP D 135 9.80 -8.96 -47.23
C ASP D 135 10.00 -8.04 -48.43
N ALA D 136 11.25 -7.59 -48.56
CA ALA D 136 11.66 -6.68 -49.61
C ALA D 136 11.46 -7.33 -50.97
N ILE D 137 11.94 -8.56 -51.14
CA ILE D 137 11.81 -9.23 -52.43
C ILE D 137 10.34 -9.45 -52.79
N LYS D 138 9.54 -9.82 -51.78
CA LYS D 138 8.11 -10.04 -52.01
C LYS D 138 7.44 -8.76 -52.57
N SER D 139 7.87 -7.63 -52.03
CA SER D 139 7.21 -6.41 -52.45
C SER D 139 7.86 -5.88 -53.71
N ARG D 140 9.12 -6.21 -53.95
CA ARG D 140 9.75 -5.81 -55.20
C ARG D 140 8.97 -6.51 -56.32
N GLY D 141 8.62 -7.76 -56.08
CA GLY D 141 7.80 -8.52 -57.01
C GLY D 141 6.45 -7.87 -57.27
N PHE D 142 5.91 -7.25 -56.22
CA PHE D 142 4.62 -6.56 -56.43
C PHE D 142 4.84 -5.28 -57.23
N ALA D 143 5.86 -4.51 -56.87
CA ALA D 143 6.21 -3.27 -57.58
C ALA D 143 6.43 -3.54 -59.07
N ILE D 144 7.05 -4.69 -59.35
CA ILE D 144 7.28 -5.14 -60.72
C ILE D 144 5.96 -5.31 -61.43
N LYS D 145 5.01 -5.99 -60.79
CA LYS D 145 3.71 -6.14 -61.43
C LYS D 145 3.08 -4.77 -61.67
N HIS D 146 3.16 -3.88 -60.69
CA HIS D 146 2.63 -2.51 -60.81
C HIS D 146 3.19 -1.75 -62.02
N ILE D 147 4.51 -1.83 -62.20
CA ILE D 147 5.19 -1.12 -63.28
C ILE D 147 4.74 -1.69 -64.62
N GLN D 148 4.69 -3.02 -64.68
CA GLN D 148 4.14 -3.72 -65.84
C GLN D 148 2.78 -3.14 -66.18
N ASP D 149 1.98 -2.87 -65.14
CA ASP D 149 0.64 -2.33 -65.33
C ASP D 149 0.67 -0.89 -65.89
N MET D 150 1.58 -0.06 -65.41
CA MET D 150 1.69 1.31 -65.95
C MET D 150 2.10 1.28 -67.42
N ARG D 151 2.81 0.21 -67.79
CA ARG D 151 3.27 0.02 -69.16
C ARG D 151 2.00 -0.29 -69.94
N ALA D 152 1.21 -1.22 -69.41
CA ALA D 152 -0.07 -1.60 -70.03
C ALA D 152 -0.98 -0.37 -70.15
N PHE D 153 -0.79 0.59 -69.23
CA PHE D 153 -1.52 1.85 -69.22
C PHE D 153 -1.20 2.77 -70.37
N GLU D 154 0.07 2.85 -70.75
CA GLU D 154 0.42 3.73 -71.87
C GLU D 154 -0.29 3.31 -73.17
N ALA D 155 -0.28 2.01 -73.48
CA ALA D 155 -1.10 1.43 -74.56
C ALA D 155 -2.42 2.15 -74.81
N MET E 21 24.26 10.12 -35.17
CA MET E 21 22.98 10.32 -35.82
C MET E 21 22.00 11.09 -34.93
N ARG E 22 21.12 11.86 -35.56
CA ARG E 22 20.10 12.61 -34.84
C ARG E 22 18.70 12.15 -35.26
N LEU E 23 17.79 12.04 -34.30
CA LEU E 23 16.45 11.53 -34.60
C LEU E 23 15.71 12.51 -35.51
N GLU E 24 15.86 13.79 -35.24
CA GLU E 24 15.20 14.83 -36.00
C GLU E 24 15.61 14.81 -37.48
N ASP E 25 16.88 14.47 -37.73
CA ASP E 25 17.44 14.45 -39.07
C ASP E 25 16.91 13.26 -39.87
N LEU E 26 16.61 12.19 -39.15
CA LEU E 26 15.96 11.03 -39.72
C LEU E 26 14.53 11.39 -40.02
N GLN E 27 13.90 12.15 -39.12
CA GLN E 27 12.55 12.66 -39.36
C GLN E 27 12.47 13.48 -40.65
N GLU E 28 13.42 14.39 -40.84
CA GLU E 28 13.48 15.21 -42.06
C GLU E 28 13.76 14.37 -43.31
N GLU E 29 14.61 13.35 -43.15
CA GLU E 29 14.96 12.50 -44.29
C GLU E 29 13.74 11.69 -44.71
N LEU E 30 13.07 11.08 -43.73
CA LEU E 30 11.88 10.28 -44.02
C LEU E 30 10.85 11.19 -44.66
N LYS E 31 10.71 12.39 -44.09
CA LYS E 31 9.78 13.40 -44.58
C LYS E 31 9.99 13.61 -46.08
N LYS E 32 11.25 13.83 -46.45
CA LYS E 32 11.62 14.01 -47.84
C LYS E 32 11.28 12.76 -48.67
N ASP E 33 11.51 11.60 -48.07
CA ASP E 33 11.40 10.32 -48.77
C ASP E 33 9.95 10.01 -49.14
N VAL E 34 9.02 10.32 -48.25
CA VAL E 34 7.62 9.93 -48.43
C VAL E 34 6.90 10.79 -49.46
N PHE E 35 7.46 11.95 -49.80
CA PHE E 35 6.88 12.80 -50.83
C PHE E 35 6.84 12.07 -52.17
N ILE E 36 5.75 12.22 -52.92
CA ILE E 36 5.59 11.51 -54.18
C ILE E 36 5.58 12.43 -55.41
N ASP E 37 6.47 12.13 -56.37
CA ASP E 37 6.49 12.79 -57.67
C ASP E 37 5.48 12.06 -58.54
N SER E 38 4.31 12.66 -58.76
CA SER E 38 3.30 11.93 -59.52
C SER E 38 3.64 11.50 -60.95
N THR E 39 4.50 12.19 -61.67
CA THR E 39 4.70 11.75 -63.04
C THR E 39 5.74 10.65 -62.96
N LYS E 40 6.34 10.58 -61.82
CA LYS E 40 7.35 9.61 -61.87
C LYS E 40 6.87 8.73 -60.84
N LEU E 41 5.55 8.53 -61.01
CA LEU E 41 4.81 7.66 -60.18
C LEU E 41 5.54 6.47 -60.68
N GLN E 42 5.85 6.50 -61.99
CA GLN E 42 6.53 5.29 -62.45
C GLN E 42 7.92 5.12 -61.85
N TYR E 43 8.68 6.20 -61.86
CA TYR E 43 10.00 6.18 -61.27
C TYR E 43 9.88 5.83 -59.80
N GLU E 44 8.94 6.50 -59.13
CA GLU E 44 8.82 6.31 -57.70
C GLU E 44 8.52 4.88 -57.33
N ALA E 45 7.78 4.17 -58.18
CA ALA E 45 7.48 2.79 -57.81
C ALA E 45 8.76 1.98 -57.66
N ALA E 46 9.70 2.16 -58.56
CA ALA E 46 10.92 1.37 -58.46
C ALA E 46 11.74 1.94 -57.33
N ASN E 47 11.75 3.26 -57.27
CA ASN E 47 12.53 3.94 -56.27
C ASN E 47 11.97 3.60 -54.90
N ASN E 48 10.68 3.25 -54.85
CA ASN E 48 10.12 2.93 -53.55
C ASN E 48 10.81 1.74 -52.91
N VAL E 49 11.08 0.70 -53.70
CA VAL E 49 11.74 -0.46 -53.12
C VAL E 49 13.15 -0.13 -52.67
N MET E 50 13.78 0.83 -53.33
CA MET E 50 15.14 1.19 -52.96
C MET E 50 15.13 1.90 -51.62
N LEU E 51 14.04 2.60 -51.33
CA LEU E 51 13.94 3.31 -50.07
C LEU E 51 13.87 2.27 -49.00
N TYR E 52 13.10 1.21 -49.24
CA TYR E 52 12.99 0.15 -48.26
C TYR E 52 14.39 -0.32 -47.89
N SER E 53 15.17 -0.64 -48.91
CA SER E 53 16.55 -1.06 -48.67
C SER E 53 17.30 -0.09 -47.80
N LYS E 54 17.29 1.18 -48.18
CA LYS E 54 18.04 2.18 -47.44
C LYS E 54 17.67 2.19 -45.97
N TRP E 55 16.38 2.19 -45.67
CA TRP E 55 16.01 2.24 -44.27
C TRP E 55 16.23 0.94 -43.54
N LEU E 56 16.09 -0.17 -44.26
CA LEU E 56 16.43 -1.42 -43.63
C LEU E 56 17.90 -1.43 -43.23
N ASN E 57 18.75 -0.86 -44.06
CA ASN E 57 20.15 -0.85 -43.68
C ASN E 57 20.39 0.02 -42.48
N LYS E 58 19.71 1.17 -42.47
CA LYS E 58 19.85 2.07 -41.35
C LYS E 58 19.41 1.30 -40.13
N HIS E 59 18.24 0.68 -40.26
CA HIS E 59 17.68 -0.08 -39.17
C HIS E 59 18.69 -1.03 -38.56
N SER E 60 19.28 -1.89 -39.40
CA SER E 60 20.18 -2.88 -38.85
C SER E 60 21.40 -2.28 -38.21
N SER E 61 21.89 -1.20 -38.80
CA SER E 61 23.10 -0.63 -38.25
C SER E 61 22.84 -0.02 -36.92
N ILE E 62 21.66 0.58 -36.74
CA ILE E 62 21.38 1.11 -35.43
C ILE E 62 21.34 0.03 -34.38
N LYS E 63 20.65 -1.08 -34.66
CA LYS E 63 20.61 -2.13 -33.66
C LYS E 63 22.02 -2.63 -33.35
N LYS E 64 22.86 -2.70 -34.38
CA LYS E 64 24.21 -3.17 -34.18
C LYS E 64 24.96 -2.30 -33.19
N GLU E 65 24.84 -0.99 -33.39
CA GLU E 65 25.48 -0.07 -32.48
C GLU E 65 24.93 -0.27 -31.09
N MET E 66 23.60 -0.32 -30.98
CA MET E 66 23.01 -0.48 -29.67
C MET E 66 23.50 -1.74 -28.98
N LEU E 67 23.67 -2.82 -29.73
CA LEU E 67 24.16 -4.05 -29.12
C LEU E 67 25.54 -3.88 -28.49
N ARG E 68 26.40 -3.13 -29.17
CA ARG E 68 27.74 -2.90 -28.66
C ARG E 68 27.65 -2.09 -27.39
N ILE E 69 26.83 -1.04 -27.41
CA ILE E 69 26.71 -0.19 -26.24
C ILE E 69 26.10 -1.00 -25.13
N GLU E 70 25.14 -1.86 -25.48
CA GLU E 70 24.52 -2.70 -24.47
C GLU E 70 25.53 -3.60 -23.78
N ALA E 71 26.50 -4.11 -24.55
CA ALA E 71 27.51 -4.94 -23.93
C ALA E 71 28.29 -4.12 -22.93
N GLN E 72 28.68 -2.92 -23.34
CA GLN E 72 29.40 -2.03 -22.46
C GLN E 72 28.58 -1.79 -21.19
N LYS E 73 27.26 -1.65 -21.34
CA LYS E 73 26.42 -1.34 -20.20
C LYS E 73 26.45 -2.49 -19.22
N LYS E 74 26.44 -3.72 -19.75
CA LYS E 74 26.44 -4.88 -18.86
C LYS E 74 27.69 -4.89 -17.99
N VAL E 75 28.81 -4.44 -18.54
CA VAL E 75 30.05 -4.46 -17.76
C VAL E 75 29.96 -3.37 -16.72
N ALA E 76 29.45 -2.22 -17.14
CA ALA E 76 29.32 -1.09 -16.26
C ALA E 76 28.44 -1.53 -15.09
N LEU E 77 27.38 -2.28 -15.40
CA LEU E 77 26.46 -2.69 -14.35
C LEU E 77 27.18 -3.53 -13.33
N LYS E 78 28.04 -4.43 -13.77
CA LYS E 78 28.73 -5.29 -12.82
C LYS E 78 29.61 -4.42 -11.95
N ALA E 79 30.32 -3.49 -12.58
CA ALA E 79 31.17 -2.58 -11.83
C ALA E 79 30.35 -1.83 -10.79
N ARG E 80 29.19 -1.34 -11.18
CA ARG E 80 28.39 -0.57 -10.24
C ARG E 80 27.87 -1.49 -9.15
N LEU E 81 27.52 -2.71 -9.52
CA LEU E 81 27.09 -3.66 -8.51
C LEU E 81 28.18 -3.79 -7.46
N ASP E 82 29.42 -3.93 -7.93
CA ASP E 82 30.55 -4.05 -7.02
C ASP E 82 30.60 -2.81 -6.16
N TYR E 83 30.55 -1.67 -6.85
CA TYR E 83 30.54 -0.37 -6.20
C TYR E 83 29.52 -0.39 -5.07
N TYR E 84 28.28 -0.72 -5.41
CA TYR E 84 27.21 -0.64 -4.43
C TYR E 84 27.32 -1.73 -3.36
N SER E 85 27.86 -2.90 -3.72
CA SER E 85 27.93 -3.97 -2.71
C SER E 85 29.09 -3.85 -1.74
N GLY E 86 30.00 -2.92 -2.00
CA GLY E 86 31.07 -2.66 -1.05
C GLY E 86 32.30 -3.46 -1.44
N ARG E 87 32.22 -4.15 -2.59
CA ARG E 87 33.33 -4.93 -3.09
C ARG E 87 34.31 -4.09 -3.90
N ARG E 97 26.24 2.46 2.26
CA ARG E 97 25.36 1.61 3.04
C ARG E 97 24.04 1.37 2.30
N TYR E 98 24.12 0.80 1.08
CA TYR E 98 22.90 0.52 0.31
C TYR E 98 22.14 -0.80 0.52
N ALA E 99 20.81 -0.66 0.66
CA ALA E 99 19.86 -1.77 0.86
C ALA E 99 19.78 -2.62 -0.43
N ALA E 100 19.57 -3.92 -0.35
CA ALA E 100 19.60 -4.70 -1.60
C ALA E 100 18.53 -4.28 -2.63
N ALA E 101 17.31 -3.98 -2.18
CA ALA E 101 16.26 -3.52 -3.11
C ALA E 101 16.67 -2.15 -3.58
N GLU E 102 17.39 -1.48 -2.68
CA GLU E 102 17.77 -0.12 -2.91
C GLU E 102 19.01 -0.25 -3.76
N MET E 103 19.59 -1.46 -3.80
CA MET E 103 20.84 -1.60 -4.52
C MET E 103 20.35 -1.38 -5.94
N LYS E 104 19.25 -2.07 -6.25
CA LYS E 104 18.63 -2.00 -7.56
C LYS E 104 18.28 -0.54 -7.91
N THR E 105 17.65 0.14 -6.96
CA THR E 105 17.29 1.55 -7.20
C THR E 105 18.51 2.47 -7.43
N VAL E 106 19.46 2.40 -6.51
CA VAL E 106 20.62 3.28 -6.51
C VAL E 106 21.46 3.02 -7.74
N LEU E 107 21.74 1.75 -8.01
CA LEU E 107 22.51 1.46 -9.18
C LEU E 107 21.77 1.95 -10.41
N SER E 108 20.45 1.71 -10.50
CA SER E 108 19.78 2.25 -11.67
C SER E 108 20.01 3.76 -11.79
N ALA E 109 20.16 4.40 -10.62
CA ALA E 109 20.42 5.84 -10.58
C ALA E 109 21.88 6.24 -10.83
N ASP E 110 22.77 5.27 -10.91
CA ASP E 110 24.20 5.55 -11.07
C ASP E 110 24.55 6.43 -12.25
N LYS E 111 25.32 7.49 -12.01
CA LYS E 111 25.71 8.43 -13.06
C LYS E 111 26.19 7.82 -14.38
N ASP E 112 27.18 6.93 -14.28
CA ASP E 112 27.77 6.25 -15.44
C ASP E 112 26.79 5.31 -16.11
N VAL E 113 26.12 4.51 -15.29
CA VAL E 113 25.11 3.57 -15.75
C VAL E 113 24.02 4.37 -16.42
N LEU E 114 23.58 5.43 -15.75
CA LEU E 114 22.53 6.29 -16.29
C LEU E 114 22.92 6.84 -17.65
N LYS E 115 24.19 7.24 -17.80
CA LYS E 115 24.67 7.79 -19.07
C LYS E 115 24.65 6.75 -20.21
N VAL E 116 25.23 5.59 -19.94
CA VAL E 116 25.30 4.56 -20.98
C VAL E 116 23.91 4.03 -21.34
N ASP E 117 23.08 3.87 -20.32
CA ASP E 117 21.71 3.42 -20.51
C ASP E 117 20.94 4.46 -21.31
N THR E 118 21.13 5.73 -20.98
CA THR E 118 20.48 6.82 -21.68
C THR E 118 20.78 6.73 -23.17
N SER E 119 22.07 6.62 -23.47
CA SER E 119 22.50 6.38 -24.85
C SER E 119 21.79 5.19 -25.49
N LEU E 120 21.89 4.03 -24.84
CA LEU E 120 21.28 2.80 -25.36
C LEU E 120 19.78 2.98 -25.67
N GLN E 121 19.07 3.61 -24.76
CA GLN E 121 17.63 3.82 -24.93
C GLN E 121 17.39 4.78 -26.09
N TYR E 122 18.30 5.73 -26.25
CA TYR E 122 18.20 6.71 -27.32
C TYR E 122 18.23 5.94 -28.63
N TRP E 123 19.20 5.04 -28.75
CA TRP E 123 19.30 4.24 -29.95
C TRP E 123 18.04 3.38 -30.10
N GLY E 124 17.47 2.92 -28.99
CA GLY E 124 16.23 2.18 -29.04
C GLY E 124 15.13 3.00 -29.71
N ILE E 125 15.18 4.31 -29.46
CA ILE E 125 14.22 5.24 -30.04
C ILE E 125 14.44 5.37 -31.54
N LEU E 126 15.71 5.47 -31.92
CA LEU E 126 16.05 5.48 -33.33
C LEU E 126 15.55 4.21 -34.04
N LEU E 127 15.81 3.05 -33.45
CA LEU E 127 15.35 1.77 -33.98
C LEU E 127 13.84 1.73 -34.17
N ASP E 128 13.09 2.25 -33.19
CA ASP E 128 11.63 2.26 -33.30
C ASP E 128 11.21 3.18 -34.44
N PHE E 129 11.96 4.25 -34.62
CA PHE E 129 11.68 5.18 -35.69
C PHE E 129 11.89 4.49 -37.04
N CYS E 130 12.96 3.71 -37.15
CA CYS E 130 13.26 3.02 -38.39
C CYS E 130 12.20 1.97 -38.71
N SER E 131 11.67 1.32 -37.67
CA SER E 131 10.56 0.38 -37.84
C SER E 131 9.35 1.11 -38.45
N GLY E 132 9.09 2.28 -37.89
CA GLY E 132 8.04 3.14 -38.43
C GLY E 132 8.30 3.52 -39.88
N ALA E 133 9.54 3.87 -40.19
CA ALA E 133 9.95 4.18 -41.56
C ALA E 133 9.66 3.04 -42.54
N LEU E 134 10.01 1.82 -42.18
CA LEU E 134 9.76 0.69 -43.09
C LEU E 134 8.26 0.44 -43.29
N ASP E 135 7.47 0.62 -42.23
CA ASP E 135 6.02 0.52 -42.36
C ASP E 135 5.50 1.59 -43.33
N ALA E 136 6.09 2.77 -43.20
CA ALA E 136 5.73 3.93 -44.00
C ALA E 136 5.99 3.66 -45.46
N ILE E 137 7.18 3.19 -45.80
CA ILE E 137 7.50 2.94 -47.21
C ILE E 137 6.63 1.84 -47.81
N LYS E 138 6.37 0.78 -47.04
CA LYS E 138 5.51 -0.30 -47.54
C LYS E 138 4.11 0.21 -47.90
N SER E 139 3.62 1.14 -47.09
CA SER E 139 2.28 1.59 -47.37
C SER E 139 2.34 2.69 -48.41
N ARG E 140 3.47 3.39 -48.51
CA ARG E 140 3.59 4.36 -49.58
C ARG E 140 3.48 3.62 -50.89
N GLY E 141 4.12 2.44 -50.96
CA GLY E 141 4.02 1.57 -52.12
C GLY E 141 2.61 1.16 -52.46
N PHE E 142 1.81 0.99 -51.41
CA PHE E 142 0.41 0.66 -51.67
C PHE E 142 -0.33 1.88 -52.18
N ALA E 143 -0.11 3.03 -51.54
CA ALA E 143 -0.74 4.28 -51.95
C ALA E 143 -0.42 4.60 -53.41
N ILE E 144 0.82 4.32 -53.81
CA ILE E 144 1.27 4.50 -55.18
C ILE E 144 0.47 3.64 -56.12
N LYS E 145 0.31 2.37 -55.78
CA LYS E 145 -0.49 1.52 -56.67
C LYS E 145 -1.93 2.04 -56.76
N HIS E 146 -2.48 2.43 -55.61
CA HIS E 146 -3.83 2.99 -55.56
C HIS E 146 -4.00 4.20 -56.49
N ILE E 147 -3.03 5.11 -56.45
CA ILE E 147 -3.11 6.32 -57.25
C ILE E 147 -3.03 5.98 -58.74
N GLN E 148 -2.10 5.08 -59.09
CA GLN E 148 -2.02 4.57 -60.45
C GLN E 148 -3.37 4.06 -60.94
N ASP E 149 -4.06 3.36 -60.04
CA ASP E 149 -5.36 2.80 -60.37
C ASP E 149 -6.40 3.89 -60.55
N MET E 150 -6.39 4.90 -59.70
CA MET E 150 -7.36 5.98 -59.84
C MET E 150 -7.10 6.73 -61.14
N ARG E 151 -5.86 6.69 -61.61
CA ARG E 151 -5.55 7.35 -62.87
C ARG E 151 -6.13 6.56 -64.02
N ALA E 152 -5.86 5.26 -64.03
CA ALA E 152 -6.44 4.42 -65.08
C ALA E 152 -7.96 4.51 -65.08
N PHE E 153 -8.52 4.78 -63.90
CA PHE E 153 -9.97 4.95 -63.78
C PHE E 153 -10.39 6.24 -64.48
N GLU E 154 -9.58 7.28 -64.29
CA GLU E 154 -9.84 8.59 -64.90
C GLU E 154 -9.80 8.53 -66.43
N ALA E 155 -8.79 7.88 -66.97
CA ALA E 155 -8.68 7.55 -68.40
C ALA E 155 -10.03 7.37 -69.10
N MET F 21 3.88 20.86 -25.28
CA MET F 21 2.76 20.36 -26.06
C MET F 21 1.55 20.09 -25.18
N ARG F 22 0.36 20.25 -25.74
CA ARG F 22 -0.88 19.98 -25.02
C ARG F 22 -1.65 18.86 -25.72
N LEU F 23 -2.25 17.97 -24.93
CA LEU F 23 -2.95 16.83 -25.52
C LEU F 23 -4.18 17.26 -26.32
N GLU F 24 -4.91 18.25 -25.82
CA GLU F 24 -6.11 18.75 -26.48
C GLU F 24 -5.80 19.27 -27.89
N ASP F 25 -4.61 19.85 -28.04
CA ASP F 25 -4.17 20.46 -29.28
C ASP F 25 -3.80 19.39 -30.30
N LEU F 26 -3.33 18.27 -29.79
CA LEU F 26 -3.04 17.10 -30.61
C LEU F 26 -4.36 16.49 -31.02
N GLN F 27 -5.32 16.45 -30.10
CA GLN F 27 -6.67 15.98 -30.40
C GLN F 27 -7.29 16.77 -31.55
N GLU F 28 -7.23 18.10 -31.46
CA GLU F 28 -7.77 18.95 -32.52
C GLU F 28 -7.00 18.77 -33.83
N GLU F 29 -5.69 18.58 -33.72
CA GLU F 29 -4.87 18.42 -34.92
C GLU F 29 -5.24 17.12 -35.62
N LEU F 30 -5.36 16.05 -34.85
CA LEU F 30 -5.74 14.75 -35.40
C LEU F 30 -7.12 14.88 -36.03
N LYS F 31 -8.02 15.56 -35.32
CA LYS F 31 -9.37 15.80 -35.79
C LYS F 31 -9.34 16.40 -37.19
N LYS F 32 -8.54 17.46 -37.35
CA LYS F 32 -8.38 18.11 -38.65
C LYS F 32 -7.81 17.15 -39.69
N ASP F 33 -6.84 16.35 -39.25
CA ASP F 33 -6.08 15.49 -40.15
C ASP F 33 -6.96 14.39 -40.73
N VAL F 34 -7.85 13.85 -39.90
CA VAL F 34 -8.64 12.67 -40.28
C VAL F 34 -9.76 12.98 -41.25
N PHE F 35 -10.14 14.26 -41.37
CA PHE F 35 -11.17 14.65 -42.32
C PHE F 35 -10.70 14.32 -43.74
N ILE F 36 -11.62 13.82 -44.56
CA ILE F 36 -11.26 13.41 -45.92
C ILE F 36 -11.94 14.29 -46.97
N ASP F 37 -11.15 14.85 -47.88
CA ASP F 37 -11.69 15.59 -49.01
C ASP F 37 -12.06 14.64 -50.14
N SER F 38 -13.35 14.37 -50.31
CA SER F 38 -13.81 13.40 -51.30
C SER F 38 -13.44 13.77 -52.74
N THR F 39 -13.27 15.07 -53.01
CA THR F 39 -12.98 15.47 -54.38
C THR F 39 -11.50 15.39 -54.65
N LYS F 40 -10.73 15.21 -53.58
CA LYS F 40 -9.27 15.18 -53.65
C LYS F 40 -8.82 13.88 -53.02
N LEU F 41 -9.45 12.77 -53.40
CA LEU F 41 -9.12 11.48 -52.84
C LEU F 41 -7.69 11.07 -53.17
N GLN F 42 -7.25 11.40 -54.37
CA GLN F 42 -5.91 11.03 -54.81
C GLN F 42 -4.87 11.81 -54.00
N TYR F 43 -5.16 13.10 -53.86
CA TYR F 43 -4.31 13.99 -53.09
C TYR F 43 -4.31 13.45 -51.68
N GLU F 44 -5.49 13.15 -51.15
CA GLU F 44 -5.58 12.69 -49.78
C GLU F 44 -4.80 11.39 -49.57
N ALA F 45 -4.75 10.52 -50.58
CA ALA F 45 -3.99 9.29 -50.43
C ALA F 45 -2.49 9.57 -50.21
N ALA F 46 -1.99 10.53 -50.98
CA ALA F 46 -0.56 10.83 -50.84
C ALA F 46 -0.32 11.61 -49.56
N ASN F 47 -1.23 12.54 -49.30
CA ASN F 47 -1.10 13.37 -48.12
C ASN F 47 -1.28 12.46 -46.92
N ASN F 48 -2.02 11.36 -47.09
CA ASN F 48 -2.24 10.40 -46.01
C ASN F 48 -0.93 9.81 -45.60
N VAL F 49 -0.12 9.48 -46.61
CA VAL F 49 1.20 8.93 -46.27
C VAL F 49 2.04 10.01 -45.58
N MET F 50 1.80 11.26 -45.98
CA MET F 50 2.56 12.35 -45.38
C MET F 50 2.14 12.57 -43.91
N LEU F 51 0.88 12.29 -43.62
CA LEU F 51 0.35 12.44 -42.28
C LEU F 51 1.02 11.40 -41.42
N TYR F 52 1.10 10.19 -41.99
CA TYR F 52 1.74 9.08 -41.29
C TYR F 52 3.12 9.55 -40.85
N SER F 53 3.87 10.11 -41.79
CA SER F 53 5.19 10.66 -41.47
C SER F 53 5.18 11.69 -40.32
N LYS F 54 4.30 12.70 -40.45
CA LYS F 54 4.21 13.79 -39.47
C LYS F 54 3.99 13.28 -38.04
N TRP F 55 3.03 12.37 -37.89
CA TRP F 55 2.71 11.86 -36.56
C TRP F 55 3.79 10.92 -36.06
N LEU F 56 4.44 10.19 -36.97
CA LEU F 56 5.58 9.38 -36.55
C LEU F 56 6.68 10.26 -35.95
N ASN F 57 6.87 11.43 -36.55
CA ASN F 57 7.87 12.38 -36.07
C ASN F 57 7.51 12.95 -34.70
N LYS F 58 6.22 13.25 -34.53
CA LYS F 58 5.73 13.74 -33.25
C LYS F 58 6.02 12.67 -32.21
N HIS F 59 5.60 11.45 -32.53
CA HIS F 59 5.78 10.29 -31.68
C HIS F 59 7.20 10.12 -31.15
N SER F 60 8.15 10.11 -32.08
CA SER F 60 9.54 9.90 -31.69
C SER F 60 10.05 11.04 -30.83
N SER F 61 9.62 12.27 -31.14
CA SER F 61 10.15 13.37 -30.35
C SER F 61 9.59 13.36 -28.93
N ILE F 62 8.31 12.98 -28.80
CA ILE F 62 7.73 12.87 -27.48
C ILE F 62 8.41 11.81 -26.65
N LYS F 63 8.63 10.62 -27.24
CA LYS F 63 9.30 9.58 -26.49
C LYS F 63 10.70 10.04 -26.06
N LYS F 64 11.38 10.79 -26.93
CA LYS F 64 12.73 11.27 -26.62
C LYS F 64 12.73 12.18 -25.39
N GLU F 65 11.78 13.09 -25.36
CA GLU F 65 11.65 13.99 -24.21
C GLU F 65 11.39 13.17 -22.97
N MET F 66 10.42 12.25 -23.07
CA MET F 66 10.06 11.45 -21.91
C MET F 66 11.28 10.69 -21.40
N LEU F 67 12.12 10.19 -22.30
CA LEU F 67 13.33 9.47 -21.89
C LEU F 67 14.29 10.37 -21.09
N ARG F 68 14.40 11.63 -21.52
CA ARG F 68 15.28 12.58 -20.82
C ARG F 68 14.74 12.89 -19.42
N ILE F 69 13.45 13.11 -19.35
CA ILE F 69 12.81 13.43 -18.08
C ILE F 69 12.91 12.20 -17.18
N GLU F 70 12.81 11.02 -17.77
CA GLU F 70 12.96 9.77 -17.02
C GLU F 70 14.34 9.68 -16.36
N ALA F 71 15.37 10.12 -17.06
CA ALA F 71 16.71 10.11 -16.47
C ALA F 71 16.76 11.06 -15.27
N GLN F 72 16.19 12.26 -15.48
CA GLN F 72 16.12 13.25 -14.41
C GLN F 72 15.40 12.67 -13.21
N LYS F 73 14.34 11.90 -13.49
CA LYS F 73 13.52 11.31 -12.45
C LYS F 73 14.32 10.28 -11.68
N LYS F 74 15.12 9.48 -12.39
CA LYS F 74 15.92 8.46 -11.73
C LYS F 74 16.86 9.14 -10.72
N VAL F 75 17.33 10.34 -11.09
CA VAL F 75 18.25 11.04 -10.19
C VAL F 75 17.50 11.62 -8.99
N ALA F 76 16.32 12.20 -9.26
CA ALA F 76 15.52 12.80 -8.19
C ALA F 76 15.21 11.70 -7.18
N LEU F 77 14.90 10.53 -7.71
CA LEU F 77 14.53 9.37 -6.91
C LEU F 77 15.70 9.01 -6.02
N LYS F 78 16.91 9.03 -6.57
CA LYS F 78 18.07 8.68 -5.74
C LYS F 78 18.28 9.69 -4.61
N ALA F 79 18.20 10.97 -4.96
CA ALA F 79 18.35 12.04 -3.96
C ALA F 79 17.34 11.97 -2.82
N ARG F 80 16.07 11.75 -3.18
CA ARG F 80 15.03 11.70 -2.17
C ARG F 80 15.19 10.44 -1.32
N LEU F 81 15.62 9.36 -1.97
CA LEU F 81 15.91 8.12 -1.26
C LEU F 81 16.95 8.42 -0.18
N ASP F 82 17.97 9.18 -0.54
CA ASP F 82 19.01 9.56 0.41
C ASP F 82 18.40 10.35 1.58
N TYR F 83 17.64 11.38 1.24
CA TYR F 83 16.94 12.21 2.24
C TYR F 83 16.22 11.35 3.28
N TYR F 84 15.36 10.47 2.78
CA TYR F 84 14.48 9.64 3.61
C TYR F 84 15.27 8.59 4.39
N SER F 85 16.39 8.13 3.83
CA SER F 85 17.19 7.09 4.47
C SER F 85 18.07 7.70 5.55
N GLY F 86 18.08 9.04 5.61
CA GLY F 86 18.79 9.76 6.65
C GLY F 86 20.20 10.16 6.25
N ARG F 87 20.56 9.88 5.00
CA ARG F 87 21.87 10.23 4.47
C ARG F 87 21.88 11.67 3.96
N TYR F 98 12.47 5.94 10.84
CA TYR F 98 11.52 5.79 9.73
C TYR F 98 11.61 4.38 9.13
N ALA F 99 10.45 3.75 8.90
CA ALA F 99 10.45 2.39 8.37
C ALA F 99 10.96 2.23 6.93
N ALA F 100 11.65 1.12 6.69
CA ALA F 100 12.24 0.85 5.37
C ALA F 100 11.18 0.73 4.27
N ALA F 101 10.08 0.06 4.65
CA ALA F 101 8.89 -0.17 3.83
C ALA F 101 8.09 1.07 3.52
N GLU F 102 8.12 2.03 4.42
CA GLU F 102 7.29 3.23 4.30
C GLU F 102 7.99 4.16 3.35
N MET F 103 9.27 3.88 3.10
CA MET F 103 10.10 4.77 2.31
C MET F 103 9.52 4.71 0.91
N LYS F 104 9.23 3.51 0.43
CA LYS F 104 8.70 3.32 -0.90
C LYS F 104 7.42 4.16 -1.10
N THR F 105 6.50 4.09 -0.14
CA THR F 105 5.26 4.86 -0.20
C THR F 105 5.49 6.37 -0.18
N VAL F 106 6.27 6.81 0.80
CA VAL F 106 6.48 8.24 1.02
C VAL F 106 7.18 8.84 -0.16
N LEU F 107 8.28 8.22 -0.57
CA LEU F 107 8.99 8.71 -1.72
C LEU F 107 8.11 8.68 -2.95
N SER F 108 7.35 7.59 -3.14
CA SER F 108 6.47 7.56 -4.29
C SER F 108 5.60 8.82 -4.27
N ALA F 109 5.32 9.26 -3.06
CA ALA F 109 4.52 10.45 -2.82
C ALA F 109 5.34 11.74 -2.74
N ASP F 110 6.67 11.63 -2.77
CA ASP F 110 7.55 12.81 -2.62
C ASP F 110 7.22 13.94 -3.58
N LYS F 111 7.11 15.15 -3.04
CA LYS F 111 6.77 16.34 -3.82
C LYS F 111 7.53 16.50 -5.14
N ASP F 112 8.85 16.45 -5.06
CA ASP F 112 9.70 16.62 -6.22
C ASP F 112 9.53 15.46 -7.19
N VAL F 113 9.57 14.26 -6.62
CA VAL F 113 9.39 13.04 -7.37
C VAL F 113 8.00 13.01 -7.97
N LEU F 114 6.99 13.34 -7.17
CA LEU F 114 5.62 13.35 -7.67
C LEU F 114 5.48 14.30 -8.86
N LYS F 115 6.14 15.45 -8.81
CA LYS F 115 6.09 16.43 -9.90
C LYS F 115 6.71 15.90 -11.19
N VAL F 116 7.94 15.37 -11.07
CA VAL F 116 8.67 14.88 -12.25
C VAL F 116 7.97 13.66 -12.84
N ASP F 117 7.47 12.80 -11.96
CA ASP F 117 6.74 11.61 -12.35
C ASP F 117 5.45 11.99 -13.07
N THR F 118 4.76 12.98 -12.53
CA THR F 118 3.53 13.50 -13.13
C THR F 118 3.80 13.94 -14.57
N SER F 119 4.83 14.76 -14.73
CA SER F 119 5.28 15.16 -16.06
C SER F 119 5.51 13.96 -16.98
N LEU F 120 6.35 13.04 -16.52
CA LEU F 120 6.69 11.84 -17.29
C LEU F 120 5.43 11.07 -17.72
N GLN F 121 4.50 10.88 -16.80
CA GLN F 121 3.28 10.13 -17.11
C GLN F 121 2.46 10.90 -18.14
N TYR F 122 2.52 12.23 -18.07
CA TYR F 122 1.78 13.08 -19.00
C TYR F 122 2.28 12.83 -20.42
N TRP F 123 3.60 12.84 -20.56
CA TRP F 123 4.18 12.55 -21.88
C TRP F 123 3.82 11.12 -22.30
N GLY F 124 3.78 10.19 -21.36
CA GLY F 124 3.39 8.83 -21.69
C GLY F 124 2.00 8.79 -22.32
N ILE F 125 1.13 9.68 -21.83
CA ILE F 125 -0.23 9.79 -22.36
C ILE F 125 -0.20 10.36 -23.76
N LEU F 126 0.62 11.38 -23.96
CA LEU F 126 0.79 11.94 -25.31
C LEU F 126 1.27 10.87 -26.29
N LEU F 127 2.31 10.14 -25.91
CA LEU F 127 2.84 9.04 -26.72
C LEU F 127 1.77 8.01 -27.09
N ASP F 128 0.91 7.69 -26.12
CA ASP F 128 -0.14 6.70 -26.39
C ASP F 128 -1.13 7.28 -27.40
N PHE F 129 -1.33 8.60 -27.31
CA PHE F 129 -2.21 9.25 -28.27
C PHE F 129 -1.61 9.18 -29.66
N CYS F 130 -0.30 9.39 -29.77
CA CYS F 130 0.34 9.34 -31.08
C CYS F 130 0.28 7.95 -31.69
N SER F 131 0.42 6.92 -30.85
CA SER F 131 0.26 5.54 -31.33
C SER F 131 -1.15 5.32 -31.89
N GLY F 132 -2.14 5.83 -31.17
CA GLY F 132 -3.51 5.80 -31.64
C GLY F 132 -3.64 6.52 -32.98
N ALA F 133 -3.01 7.68 -33.07
CA ALA F 133 -2.97 8.47 -34.30
C ALA F 133 -2.44 7.66 -35.49
N LEU F 134 -1.32 6.96 -35.31
CA LEU F 134 -0.77 6.19 -36.41
C LEU F 134 -1.70 5.04 -36.84
N ASP F 135 -2.39 4.45 -35.86
CA ASP F 135 -3.39 3.43 -36.18
C ASP F 135 -4.49 4.04 -37.04
N ALA F 136 -4.86 5.26 -36.65
CA ALA F 136 -5.92 6.00 -37.31
C ALA F 136 -5.55 6.29 -38.76
N ILE F 137 -4.34 6.80 -39.00
CA ILE F 137 -3.93 7.13 -40.35
C ILE F 137 -3.86 5.88 -41.24
N LYS F 138 -3.33 4.79 -40.68
CA LYS F 138 -3.25 3.53 -41.43
C LYS F 138 -4.64 3.05 -41.88
N SER F 139 -5.62 3.26 -41.02
CA SER F 139 -6.93 2.75 -41.35
C SER F 139 -7.64 3.76 -42.22
N ARG F 140 -7.27 5.04 -42.09
CA ARG F 140 -7.83 6.04 -42.98
C ARG F 140 -7.40 5.71 -44.40
N GLY F 141 -6.13 5.31 -44.56
CA GLY F 141 -5.61 4.87 -45.85
C GLY F 141 -6.36 3.70 -46.45
N PHE F 142 -6.79 2.81 -45.55
CA PHE F 142 -7.55 1.66 -46.03
C PHE F 142 -8.95 2.13 -46.44
N ALA F 143 -9.56 2.96 -45.61
CA ALA F 143 -10.90 3.50 -45.89
C ALA F 143 -10.89 4.20 -47.25
N ILE F 144 -9.80 4.91 -47.53
CA ILE F 144 -9.63 5.62 -48.79
C ILE F 144 -9.68 4.64 -49.94
N LYS F 145 -8.94 3.53 -49.82
CA LYS F 145 -8.98 2.54 -50.89
C LYS F 145 -10.40 2.00 -51.07
N HIS F 146 -11.05 1.70 -49.95
CA HIS F 146 -12.42 1.21 -49.96
C HIS F 146 -13.39 2.14 -50.70
N ILE F 147 -13.26 3.44 -50.42
CA ILE F 147 -14.12 4.44 -51.03
C ILE F 147 -13.90 4.52 -52.54
N GLN F 148 -12.62 4.54 -52.94
CA GLN F 148 -12.28 4.47 -54.36
C GLN F 148 -12.99 3.29 -55.02
N ASP F 149 -13.00 2.17 -54.31
CA ASP F 149 -13.63 0.97 -54.85
C ASP F 149 -15.14 1.12 -54.98
N MET F 150 -15.78 1.74 -53.98
CA MET F 150 -17.23 1.93 -54.08
C MET F 150 -17.56 2.88 -55.23
N ARG F 151 -16.62 3.78 -55.53
CA ARG F 151 -16.86 4.70 -56.64
C ARG F 151 -16.75 3.97 -57.96
N ALA F 152 -15.67 3.20 -58.15
CA ALA F 152 -15.57 2.43 -59.38
C ALA F 152 -16.74 1.46 -59.54
N PHE F 153 -17.30 1.03 -58.41
CA PHE F 153 -18.47 0.15 -58.43
C PHE F 153 -19.68 0.88 -58.96
N GLU F 154 -19.82 2.15 -58.54
CA GLU F 154 -20.95 2.98 -58.97
C GLU F 154 -20.98 3.18 -60.48
N ALA F 155 -19.82 3.49 -61.06
CA ALA F 155 -19.61 3.53 -62.51
C ALA F 155 -20.50 2.58 -63.32
N ARG G 22 -21.97 9.99 -17.70
CA ARG G 22 -22.68 8.76 -17.39
C ARG G 22 -22.37 7.68 -18.42
N LEU G 23 -22.20 6.45 -17.94
CA LEU G 23 -21.84 5.33 -18.79
C LEU G 23 -22.94 4.97 -19.80
N GLU G 24 -24.18 5.02 -19.34
CA GLU G 24 -25.34 4.69 -20.16
C GLU G 24 -25.43 5.59 -21.40
N ASP G 25 -25.01 6.84 -21.24
CA ASP G 25 -25.07 7.83 -22.30
C ASP G 25 -24.00 7.54 -23.35
N LEU G 26 -22.89 6.99 -22.90
CA LEU G 26 -21.83 6.57 -23.81
C LEU G 26 -22.25 5.31 -24.56
N GLN G 27 -22.91 4.40 -23.85
CA GLN G 27 -23.46 3.19 -24.46
C GLN G 27 -24.44 3.55 -25.57
N GLU G 28 -25.33 4.48 -25.28
CA GLU G 28 -26.32 4.95 -26.25
C GLU G 28 -25.65 5.66 -27.42
N GLU G 29 -24.58 6.41 -27.11
CA GLU G 29 -23.88 7.16 -28.14
C GLU G 29 -23.18 6.23 -29.11
N LEU G 30 -22.44 5.26 -28.59
CA LEU G 30 -21.73 4.30 -29.44
C LEU G 30 -22.76 3.53 -30.26
N LYS G 31 -23.83 3.11 -29.59
CA LYS G 31 -24.93 2.39 -30.22
C LYS G 31 -25.44 3.12 -31.45
N LYS G 32 -25.72 4.42 -31.28
CA LYS G 32 -26.17 5.27 -32.37
C LYS G 32 -25.10 5.37 -33.47
N ASP G 33 -23.85 5.48 -33.05
CA ASP G 33 -22.74 5.74 -33.96
C ASP G 33 -22.44 4.57 -34.91
N VAL G 34 -22.53 3.34 -34.40
CA VAL G 34 -22.09 2.20 -35.20
C VAL G 34 -23.03 1.81 -36.34
N PHE G 35 -24.28 2.25 -36.29
CA PHE G 35 -25.22 1.99 -37.37
C PHE G 35 -24.77 2.61 -38.69
N ILE G 36 -24.97 1.88 -39.78
CA ILE G 36 -24.52 2.33 -41.10
C ILE G 36 -25.66 2.66 -42.06
N ASP G 37 -25.61 3.87 -42.63
CA ASP G 37 -26.50 4.34 -43.68
C ASP G 37 -25.97 3.82 -45.02
N SER G 38 -26.63 2.82 -45.58
CA SER G 38 -26.10 2.20 -46.79
C SER G 38 -25.90 3.05 -48.05
N THR G 39 -26.63 4.13 -48.29
CA THR G 39 -26.34 4.76 -49.59
C THR G 39 -25.18 5.68 -49.31
N LYS G 40 -24.92 5.88 -48.06
CA LYS G 40 -23.88 6.83 -47.97
C LYS G 40 -22.92 6.00 -47.27
N LEU G 41 -22.89 4.80 -47.85
CA LEU G 41 -22.01 3.78 -47.43
C LEU G 41 -20.79 4.52 -47.86
N GLN G 42 -20.96 5.24 -48.99
CA GLN G 42 -19.75 5.94 -49.45
C GLN G 42 -19.31 7.03 -48.49
N TYR G 43 -20.29 7.80 -48.04
CA TYR G 43 -20.09 8.86 -47.06
C TYR G 43 -19.54 8.24 -45.80
N GLU G 44 -20.14 7.13 -45.37
CA GLU G 44 -19.78 6.51 -44.11
C GLU G 44 -18.31 6.12 -44.06
N ALA G 45 -17.72 5.74 -45.19
CA ALA G 45 -16.31 5.36 -45.10
C ALA G 45 -15.45 6.49 -44.56
N ALA G 46 -15.71 7.72 -44.98
CA ALA G 46 -14.87 8.81 -44.51
C ALA G 46 -15.29 9.10 -43.08
N ASN G 47 -16.59 9.05 -42.85
CA ASN G 47 -17.09 9.36 -41.54
C ASN G 47 -16.63 8.33 -40.56
N ASN G 48 -16.32 7.12 -41.04
CA ASN G 48 -15.87 6.11 -40.09
C ASN G 48 -14.61 6.53 -39.37
N VAL G 49 -13.67 7.12 -40.09
CA VAL G 49 -12.43 7.55 -39.44
C VAL G 49 -12.69 8.65 -38.41
N MET G 50 -13.73 9.44 -38.64
CA MET G 50 -13.99 10.52 -37.71
C MET G 50 -14.48 9.99 -36.38
N LEU G 51 -15.18 8.85 -36.39
CA LEU G 51 -15.64 8.34 -35.09
C LEU G 51 -14.42 7.94 -34.33
N TYR G 52 -13.48 7.29 -35.00
CA TYR G 52 -12.27 6.87 -34.35
C TYR G 52 -11.62 8.05 -33.62
N SER G 53 -11.44 9.15 -34.35
CA SER G 53 -10.88 10.36 -33.76
C SER G 53 -11.64 10.78 -32.52
N LYS G 54 -12.95 10.87 -32.66
CA LYS G 54 -13.80 11.30 -31.57
C LYS G 54 -13.58 10.46 -30.32
N TRP G 55 -13.57 9.14 -30.48
CA TRP G 55 -13.42 8.28 -29.32
C TRP G 55 -11.99 8.28 -28.81
N LEU G 56 -11.03 8.47 -29.70
CA LEU G 56 -9.67 8.64 -29.26
C LEU G 56 -9.55 9.83 -28.35
N ASN G 57 -10.27 10.89 -28.69
CA ASN G 57 -10.19 12.07 -27.86
C ASN G 57 -10.77 11.80 -26.49
N LYS G 58 -11.89 11.08 -26.46
CA LYS G 58 -12.50 10.73 -25.20
C LYS G 58 -11.49 9.93 -24.44
N HIS G 59 -10.93 8.91 -25.08
CA HIS G 59 -9.96 8.09 -24.39
C HIS G 59 -8.89 8.91 -23.68
N SER G 60 -8.23 9.78 -24.43
CA SER G 60 -7.14 10.52 -23.82
C SER G 60 -7.60 11.41 -22.70
N SER G 61 -8.78 12.01 -22.85
CA SER G 61 -9.20 12.91 -21.81
C SER G 61 -9.53 12.14 -20.55
N ILE G 62 -10.11 10.95 -20.70
CA ILE G 62 -10.37 10.19 -19.48
C ILE G 62 -9.06 9.87 -18.81
N LYS G 63 -8.09 9.41 -19.60
CA LYS G 63 -6.82 9.09 -19.00
C LYS G 63 -6.21 10.31 -18.34
N LYS G 64 -6.36 11.46 -18.99
CA LYS G 64 -5.80 12.67 -18.43
C LYS G 64 -6.40 12.98 -17.08
N GLU G 65 -7.72 12.88 -17.02
CA GLU G 65 -8.41 13.13 -15.77
C GLU G 65 -7.93 12.15 -14.73
N MET G 66 -7.92 10.87 -15.09
CA MET G 66 -7.52 9.89 -14.12
C MET G 66 -6.12 10.14 -13.58
N LEU G 67 -5.22 10.57 -14.47
CA LEU G 67 -3.87 10.84 -14.00
C LEU G 67 -3.83 11.92 -12.93
N ARG G 68 -4.63 12.97 -13.11
CA ARG G 68 -4.65 14.03 -12.13
C ARG G 68 -5.20 13.51 -10.83
N ILE G 69 -6.29 12.77 -10.91
CA ILE G 69 -6.87 12.26 -9.69
C ILE G 69 -5.92 11.26 -9.05
N GLU G 70 -5.27 10.46 -9.90
CA GLU G 70 -4.32 9.51 -9.36
C GLU G 70 -3.21 10.23 -8.63
N ALA G 71 -2.79 11.36 -9.19
CA ALA G 71 -1.74 12.12 -8.54
C ALA G 71 -2.20 12.62 -7.19
N GLN G 72 -3.41 13.16 -7.15
CA GLN G 72 -3.96 13.62 -5.90
C GLN G 72 -4.00 12.53 -4.86
N LYS G 73 -4.34 11.32 -5.25
CA LYS G 73 -4.45 10.30 -4.23
C LYS G 73 -3.10 10.05 -3.61
N LYS G 74 -2.07 10.04 -4.43
CA LYS G 74 -0.74 9.77 -3.91
C LYS G 74 -0.30 10.77 -2.85
N VAL G 75 -0.69 12.03 -3.02
CA VAL G 75 -0.25 13.02 -2.06
C VAL G 75 -1.05 12.82 -0.80
N ALA G 76 -2.33 12.55 -0.95
CA ALA G 76 -3.17 12.38 0.21
C ALA G 76 -2.60 11.25 1.04
N LEU G 77 -2.15 10.18 0.40
CA LEU G 77 -1.65 9.06 1.19
C LEU G 77 -0.46 9.47 2.04
N LYS G 78 0.44 10.26 1.47
CA LYS G 78 1.61 10.66 2.23
C LYS G 78 1.18 11.50 3.41
N ALA G 79 0.27 12.44 3.17
CA ALA G 79 -0.20 13.24 4.27
C ALA G 79 -0.81 12.39 5.35
N ARG G 80 -1.65 11.43 4.98
CA ARG G 80 -2.26 10.63 6.02
C ARG G 80 -1.23 9.76 6.68
N LEU G 81 -0.30 9.27 5.87
CA LEU G 81 0.79 8.48 6.40
C LEU G 81 1.54 9.28 7.44
N ASP G 82 1.83 10.54 7.12
CA ASP G 82 2.56 11.38 8.06
C ASP G 82 1.75 11.47 9.32
N TYR G 83 0.47 11.82 9.19
CA TYR G 83 -0.39 11.85 10.34
C TYR G 83 -0.31 10.60 11.22
N TYR G 84 -0.54 9.44 10.60
CA TYR G 84 -0.66 8.19 11.34
C TYR G 84 0.58 7.57 12.01
N SER G 85 1.76 7.77 11.44
CA SER G 85 2.94 7.16 12.04
C SER G 85 3.46 7.99 13.21
N PHE G 93 11.07 14.26 22.14
CA PHE G 93 10.25 15.16 21.35
C PHE G 93 11.07 15.92 20.32
N SER G 94 11.54 17.10 20.72
CA SER G 94 12.35 18.02 19.91
C SER G 94 11.90 18.07 18.45
N MET G 95 11.20 19.16 18.13
CA MET G 95 10.59 19.49 16.82
C MET G 95 9.19 20.01 17.13
N ASP G 96 8.62 20.79 16.21
CA ASP G 96 7.28 21.39 16.37
C ASP G 96 6.23 20.40 16.91
N ARG G 97 5.27 20.90 17.67
CA ARG G 97 4.23 20.02 18.22
C ARG G 97 2.79 20.17 17.65
N TYR G 98 2.44 19.27 16.72
CA TYR G 98 1.11 19.27 16.11
C TYR G 98 0.14 18.39 16.90
N ALA G 99 -1.03 18.93 17.21
CA ALA G 99 -2.05 18.19 17.97
C ALA G 99 -2.60 17.00 17.19
N ALA G 100 -2.27 15.78 17.60
CA ALA G 100 -2.69 14.60 16.85
C ALA G 100 -4.21 14.39 16.72
N ALA G 101 -4.98 14.64 17.78
CA ALA G 101 -6.42 14.47 17.68
C ALA G 101 -7.13 15.50 16.79
N GLU G 102 -6.63 16.73 16.72
CA GLU G 102 -7.35 17.67 15.89
C GLU G 102 -6.87 17.41 14.47
N MET G 103 -5.70 16.79 14.37
CA MET G 103 -5.09 16.57 13.08
C MET G 103 -6.04 15.57 12.45
N LYS G 104 -6.35 14.57 13.28
CA LYS G 104 -7.24 13.47 12.91
C LYS G 104 -8.62 13.96 12.48
N THR G 105 -9.20 14.86 13.27
CA THR G 105 -10.50 15.38 12.91
C THR G 105 -10.48 16.18 11.60
N VAL G 106 -9.59 17.16 11.53
CA VAL G 106 -9.54 18.04 10.38
C VAL G 106 -9.12 17.40 9.05
N LEU G 107 -8.02 16.65 9.08
CA LEU G 107 -7.48 16.01 7.89
C LEU G 107 -8.30 14.97 7.14
N SER G 108 -8.94 14.03 7.87
CA SER G 108 -9.78 12.99 7.27
C SER G 108 -9.30 12.63 5.85
N ALA G 109 -7.98 12.46 5.69
CA ALA G 109 -7.48 12.16 4.35
C ALA G 109 -7.82 10.75 3.89
N ASP G 110 -8.36 9.95 4.81
CA ASP G 110 -8.66 8.57 4.49
C ASP G 110 -10.01 8.67 3.80
N LYS G 111 -10.99 9.14 4.57
CA LYS G 111 -12.34 9.30 4.08
C LYS G 111 -12.34 9.97 2.71
N ASP G 112 -11.69 11.13 2.65
CA ASP G 112 -11.64 11.88 1.42
C ASP G 112 -10.88 11.21 0.27
N VAL G 113 -9.68 10.69 0.53
CA VAL G 113 -8.97 10.02 -0.57
C VAL G 113 -9.72 8.81 -1.08
N LEU G 114 -10.21 7.99 -0.16
CA LEU G 114 -10.98 6.78 -0.49
C LEU G 114 -12.21 7.09 -1.33
N LYS G 115 -12.86 8.20 -1.01
CA LYS G 115 -14.08 8.65 -1.71
C LYS G 115 -13.73 8.98 -3.16
N VAL G 116 -12.67 9.75 -3.30
CA VAL G 116 -12.20 10.21 -4.59
C VAL G 116 -11.71 9.00 -5.40
N ASP G 117 -11.08 8.05 -4.74
CA ASP G 117 -10.60 6.81 -5.36
C ASP G 117 -11.81 5.99 -5.91
N THR G 118 -12.91 5.92 -5.16
CA THR G 118 -14.13 5.21 -5.60
C THR G 118 -14.51 5.84 -6.96
N SER G 119 -14.53 7.18 -6.97
CA SER G 119 -14.76 7.94 -8.20
C SER G 119 -13.79 7.43 -9.28
N LEU G 120 -12.50 7.38 -8.96
CA LEU G 120 -11.46 6.95 -9.91
C LEU G 120 -11.83 5.57 -10.52
N GLN G 121 -12.34 4.63 -9.73
CA GLN G 121 -12.68 3.30 -10.29
C GLN G 121 -13.81 3.50 -11.29
N TYR G 122 -14.67 4.48 -11.02
CA TYR G 122 -15.77 4.75 -11.97
C TYR G 122 -15.14 5.13 -13.32
N TRP G 123 -14.17 6.04 -13.27
CA TRP G 123 -13.50 6.41 -14.52
C TRP G 123 -12.77 5.23 -15.18
N GLY G 124 -12.21 4.32 -14.39
CA GLY G 124 -11.58 3.14 -14.96
C GLY G 124 -12.59 2.36 -15.80
N ILE G 125 -13.84 2.34 -15.34
CA ILE G 125 -14.88 1.65 -16.10
C ILE G 125 -15.17 2.41 -17.39
N LEU G 126 -15.23 3.73 -17.30
CA LEU G 126 -15.40 4.55 -18.51
C LEU G 126 -14.30 4.30 -19.56
N LEU G 127 -13.05 4.34 -19.13
CA LEU G 127 -11.91 4.09 -20.00
C LEU G 127 -12.04 2.72 -20.67
N ASP G 128 -12.48 1.71 -19.92
CA ASP G 128 -12.62 0.39 -20.51
C ASP G 128 -13.69 0.42 -21.60
N PHE G 129 -14.71 1.24 -21.37
CA PHE G 129 -15.76 1.37 -22.38
C PHE G 129 -15.18 2.01 -23.62
N CYS G 130 -14.33 3.02 -23.47
CA CYS G 130 -13.77 3.69 -24.65
C CYS G 130 -12.88 2.74 -25.46
N SER G 131 -12.15 1.86 -24.77
CA SER G 131 -11.36 0.84 -25.45
C SER G 131 -12.24 -0.06 -26.31
N GLY G 132 -13.36 -0.45 -25.72
CA GLY G 132 -14.35 -1.20 -26.47
C GLY G 132 -14.84 -0.43 -27.68
N ALA G 133 -15.09 0.87 -27.49
CA ALA G 133 -15.48 1.72 -28.61
C ALA G 133 -14.48 1.70 -29.78
N LEU G 134 -13.19 1.87 -29.51
CA LEU G 134 -12.24 1.83 -30.64
C LEU G 134 -12.15 0.48 -31.35
N ASP G 135 -12.23 -0.62 -30.58
CA ASP G 135 -12.25 -1.93 -31.22
C ASP G 135 -13.47 -2.04 -32.15
N ALA G 136 -14.58 -1.51 -31.64
CA ALA G 136 -15.84 -1.53 -32.37
C ALA G 136 -15.73 -0.73 -33.66
N ILE G 137 -15.22 0.50 -33.61
CA ILE G 137 -15.13 1.30 -34.82
C ILE G 137 -14.19 0.69 -35.87
N LYS G 138 -13.06 0.14 -35.43
CA LYS G 138 -12.13 -0.52 -36.36
C LYS G 138 -12.81 -1.66 -37.11
N SER G 139 -13.64 -2.38 -36.37
CA SER G 139 -14.23 -3.54 -37.01
C SER G 139 -15.46 -3.11 -37.78
N ARG G 140 -16.10 -2.02 -37.37
CA ARG G 140 -17.20 -1.48 -38.14
C ARG G 140 -16.70 -1.06 -39.52
N GLY G 141 -15.53 -0.41 -39.56
CA GLY G 141 -14.92 -0.04 -40.83
C GLY G 141 -14.66 -1.24 -41.72
N PHE G 142 -14.31 -2.35 -41.07
CA PHE G 142 -14.11 -3.55 -41.89
C PHE G 142 -15.43 -4.10 -42.37
N ALA G 143 -16.43 -4.19 -41.49
CA ALA G 143 -17.73 -4.69 -41.87
C ALA G 143 -18.31 -3.88 -43.02
N ILE G 144 -18.09 -2.58 -42.99
CA ILE G 144 -18.54 -1.67 -44.04
C ILE G 144 -17.92 -2.06 -45.38
N LYS G 145 -16.61 -2.26 -45.36
CA LYS G 145 -15.96 -2.66 -46.62
C LYS G 145 -16.53 -4.01 -47.08
N HIS G 146 -16.70 -4.93 -46.13
CA HIS G 146 -17.26 -6.25 -46.44
C HIS G 146 -18.62 -6.19 -47.13
N ILE G 147 -19.53 -5.37 -46.61
CA ILE G 147 -20.87 -5.25 -47.18
C ILE G 147 -20.79 -4.67 -48.59
N GLN G 148 -19.98 -3.62 -48.76
CA GLN G 148 -19.70 -3.10 -50.09
C GLN G 148 -19.28 -4.21 -51.05
N ASP G 149 -18.43 -5.09 -50.55
CA ASP G 149 -17.94 -6.20 -51.36
C ASP G 149 -19.02 -7.25 -51.66
N MET G 150 -19.85 -7.59 -50.68
CA MET G 150 -20.91 -8.57 -50.92
C MET G 150 -21.92 -8.02 -51.93
N ARG G 151 -22.04 -6.70 -51.96
CA ARG G 151 -22.94 -6.09 -52.92
C ARG G 151 -22.28 -6.21 -54.27
N ALA G 152 -20.99 -5.85 -54.35
CA ALA G 152 -20.29 -5.98 -55.62
C ALA G 152 -20.36 -7.43 -56.13
N PHE G 153 -20.46 -8.36 -55.19
CA PHE G 153 -20.56 -9.78 -55.47
C PHE G 153 -21.88 -10.09 -56.15
N GLU G 154 -22.94 -9.45 -55.67
CA GLU G 154 -24.25 -9.67 -56.26
C GLU G 154 -24.30 -9.24 -57.72
N ALA G 155 -23.75 -8.06 -58.01
CA ALA G 155 -23.53 -7.56 -59.38
C ALA G 155 -23.27 -8.67 -60.40
N MET H 21 -18.66 40.37 28.58
CA MET H 21 -18.27 40.34 29.98
C MET H 21 -16.77 40.63 30.14
N ARG H 22 -16.43 41.25 31.26
CA ARG H 22 -15.03 41.56 31.58
C ARG H 22 -14.64 40.81 32.85
N LEU H 23 -13.42 40.27 32.89
CA LEU H 23 -13.00 39.50 34.05
C LEU H 23 -12.90 40.37 35.29
N GLU H 24 -12.40 41.58 35.12
CA GLU H 24 -12.23 42.53 36.22
C GLU H 24 -13.57 42.82 36.91
N ASP H 25 -14.61 42.84 36.10
CA ASP H 25 -15.96 43.16 36.53
C ASP H 25 -16.54 42.01 37.33
N LEU H 26 -16.12 40.81 36.96
CA LEU H 26 -16.48 39.60 37.69
C LEU H 26 -15.73 39.61 39.01
N GLN H 27 -14.48 40.07 38.99
CA GLN H 27 -13.71 40.23 40.22
C GLN H 27 -14.42 41.16 41.19
N GLU H 28 -14.87 42.31 40.71
CA GLU H 28 -15.60 43.28 41.55
C GLU H 28 -16.95 42.74 42.05
N GLU H 29 -17.64 42.00 41.18
CA GLU H 29 -18.95 41.47 41.54
C GLU H 29 -18.77 40.43 42.64
N LEU H 30 -17.81 39.53 42.45
CA LEU H 30 -17.53 38.50 43.44
C LEU H 30 -17.11 39.18 44.74
N LYS H 31 -16.27 40.20 44.62
CA LYS H 31 -15.77 40.97 45.76
C LYS H 31 -16.94 41.46 46.61
N LYS H 32 -17.91 42.08 45.95
CA LYS H 32 -19.11 42.56 46.62
C LYS H 32 -19.88 41.40 47.25
N ASP H 33 -19.91 40.28 46.54
CA ASP H 33 -20.72 39.13 46.93
C ASP H 33 -20.22 38.49 48.23
N VAL H 34 -18.89 38.37 48.37
CA VAL H 34 -18.28 37.64 49.47
C VAL H 34 -18.29 38.38 50.81
N PHE H 35 -18.49 39.70 50.77
CA PHE H 35 -18.55 40.50 51.99
C PHE H 35 -19.69 40.03 52.90
N ILE H 36 -19.44 39.97 54.19
CA ILE H 36 -20.43 39.46 55.13
C ILE H 36 -20.95 40.54 56.07
N ASP H 37 -22.26 40.69 56.09
CA ASP H 37 -22.94 41.58 57.04
C ASP H 37 -23.16 40.85 58.37
N SER H 38 -22.36 41.21 59.38
CA SER H 38 -22.42 40.54 60.66
C SER H 38 -23.79 40.67 61.31
N THR H 39 -24.51 41.74 60.97
CA THR H 39 -25.80 42.03 61.56
C THR H 39 -26.98 41.32 60.89
N LYS H 40 -26.72 40.74 59.72
CA LYS H 40 -27.72 40.07 58.88
C LYS H 40 -27.32 38.64 58.55
N LEU H 41 -26.92 37.84 59.53
CA LEU H 41 -26.51 36.48 59.22
C LEU H 41 -27.56 35.51 58.64
N GLN H 42 -28.80 35.57 59.08
CA GLN H 42 -29.79 34.63 58.52
C GLN H 42 -30.09 34.98 57.06
N TYR H 43 -30.27 36.28 56.85
CA TYR H 43 -30.51 36.82 55.53
C TYR H 43 -29.30 36.48 54.68
N GLU H 44 -28.10 36.73 55.18
CA GLU H 44 -26.92 36.49 54.36
C GLU H 44 -26.86 35.01 54.00
N ALA H 45 -27.31 34.13 54.88
CA ALA H 45 -27.31 32.69 54.58
C ALA H 45 -28.21 32.34 53.39
N ALA H 46 -29.37 32.99 53.36
CA ALA H 46 -30.31 32.69 52.27
C ALA H 46 -29.84 33.34 50.98
N ASN H 47 -29.35 34.57 51.11
CA ASN H 47 -28.90 35.29 49.95
C ASN H 47 -27.67 34.54 49.43
N ASN H 48 -26.98 33.83 50.33
CA ASN H 48 -25.79 33.07 49.96
C ASN H 48 -26.19 31.99 48.99
N VAL H 49 -27.30 31.33 49.32
CA VAL H 49 -27.73 30.30 48.39
C VAL H 49 -28.15 30.92 47.06
N MET H 50 -28.65 32.16 47.15
CA MET H 50 -29.08 32.84 45.93
C MET H 50 -27.88 33.22 45.06
N LEU H 51 -26.75 33.50 45.70
CA LEU H 51 -25.54 33.86 44.98
C LEU H 51 -25.06 32.63 44.25
N TYR H 52 -25.11 31.50 44.95
CA TYR H 52 -24.66 30.25 44.36
C TYR H 52 -25.41 30.09 43.05
N SER H 53 -26.73 30.21 43.12
CA SER H 53 -27.54 30.14 41.91
C SER H 53 -27.08 31.12 40.81
N LYS H 54 -26.94 32.41 41.17
CA LYS H 54 -26.56 33.45 40.19
C LYS H 54 -25.27 33.14 39.42
N TRP H 55 -24.24 32.76 40.16
CA TRP H 55 -22.97 32.45 39.53
C TRP H 55 -22.98 31.12 38.78
N LEU H 56 -23.77 30.16 39.26
CA LEU H 56 -23.93 28.93 38.50
C LEU H 56 -24.55 29.21 37.11
N ASN H 57 -25.51 30.12 37.06
CA ASN H 57 -26.11 30.49 35.79
C ASN H 57 -25.12 31.22 34.89
N LYS H 58 -24.32 32.09 35.50
CA LYS H 58 -23.30 32.79 34.73
C LYS H 58 -22.39 31.73 34.12
N HIS H 59 -21.89 30.84 34.98
CA HIS H 59 -20.99 29.75 34.61
C HIS H 59 -21.45 28.94 33.40
N SER H 60 -22.68 28.44 33.48
CA SER H 60 -23.19 27.60 32.40
C SER H 60 -23.34 28.40 31.10
N SER H 61 -23.73 29.66 31.22
CA SER H 61 -23.93 30.43 29.99
C SER H 61 -22.57 30.70 29.34
N ILE H 62 -21.57 30.96 30.17
CA ILE H 62 -20.23 31.17 29.64
C ILE H 62 -19.70 29.92 28.96
N LYS H 63 -19.87 28.75 29.58
CA LYS H 63 -19.38 27.53 28.95
C LYS H 63 -20.06 27.33 27.59
N LYS H 64 -21.35 27.65 27.54
CA LYS H 64 -22.11 27.53 26.30
C LYS H 64 -21.55 28.41 25.18
N GLU H 65 -21.28 29.66 25.54
CA GLU H 65 -20.69 30.60 24.58
C GLU H 65 -19.34 30.12 24.10
N MET H 66 -18.48 29.72 25.04
CA MET H 66 -17.14 29.27 24.70
C MET H 66 -17.24 28.08 23.75
N LEU H 67 -18.21 27.20 23.99
CA LEU H 67 -18.42 26.03 23.14
C LEU H 67 -18.76 26.43 21.69
N ARG H 68 -19.57 27.47 21.57
CA ARG H 68 -19.96 27.98 20.24
C ARG H 68 -18.77 28.59 19.50
N ILE H 69 -18.01 29.41 20.22
CA ILE H 69 -16.86 30.07 19.62
C ILE H 69 -15.83 28.99 19.25
N GLU H 70 -15.71 27.97 20.09
CA GLU H 70 -14.82 26.85 19.80
C GLU H 70 -15.20 26.12 18.52
N ALA H 71 -16.51 25.99 18.26
CA ALA H 71 -16.95 25.35 17.01
C ALA H 71 -16.50 26.20 15.82
N GLN H 72 -16.73 27.50 15.97
CA GLN H 72 -16.31 28.46 14.96
C GLN H 72 -14.81 28.30 14.73
N LYS H 73 -14.08 28.08 15.82
CA LYS H 73 -12.64 27.96 15.77
C LYS H 73 -12.27 26.71 14.98
N LYS H 74 -13.00 25.62 15.17
CA LYS H 74 -12.73 24.39 14.44
C LYS H 74 -12.86 24.63 12.94
N VAL H 75 -13.80 25.49 12.57
CA VAL H 75 -14.01 25.78 11.15
C VAL H 75 -12.91 26.69 10.61
N ALA H 76 -12.56 27.70 11.40
CA ALA H 76 -11.53 28.65 11.02
C ALA H 76 -10.24 27.87 10.81
N LEU H 77 -9.99 26.93 11.72
CA LEU H 77 -8.81 26.09 11.71
C LEU H 77 -8.78 25.26 10.43
N LYS H 78 -9.93 24.74 10.04
CA LYS H 78 -9.99 23.93 8.83
C LYS H 78 -9.65 24.78 7.61
N ALA H 79 -10.24 25.98 7.56
CA ALA H 79 -9.97 26.94 6.48
C ALA H 79 -8.49 27.33 6.38
N ARG H 80 -7.87 27.62 7.51
CA ARG H 80 -6.48 28.04 7.53
C ARG H 80 -5.61 26.87 7.14
N LEU H 81 -5.99 25.67 7.57
CA LEU H 81 -5.28 24.45 7.19
C LEU H 81 -5.27 24.34 5.67
N ASP H 82 -6.42 24.60 5.06
CA ASP H 82 -6.51 24.55 3.61
C ASP H 82 -5.56 25.57 2.99
N TYR H 83 -5.64 26.81 3.47
CA TYR H 83 -4.74 27.87 3.04
C TYR H 83 -3.28 27.44 3.02
N TYR H 84 -2.81 26.96 4.16
CA TYR H 84 -1.41 26.62 4.37
C TYR H 84 -0.98 25.40 3.56
N SER H 85 -1.90 24.47 3.33
CA SER H 85 -1.56 23.27 2.58
C SER H 85 -1.58 23.52 1.08
N GLY H 86 -2.07 24.70 0.68
CA GLY H 86 -2.02 25.12 -0.69
C GLY H 86 -3.28 24.79 -1.48
N ARG H 87 -4.27 24.24 -0.79
CA ARG H 87 -5.54 23.89 -1.42
C ARG H 87 -6.47 25.10 -1.47
N ASP H 96 4.07 30.42 0.44
CA ASP H 96 5.22 29.56 0.69
C ASP H 96 4.76 28.12 1.01
N ARG H 97 5.56 27.11 0.63
CA ARG H 97 5.22 25.71 0.95
C ARG H 97 6.13 25.05 2.00
N TYR H 98 5.56 25.09 3.22
CA TYR H 98 6.00 24.58 4.56
C TYR H 98 5.69 23.13 4.99
N ALA H 99 6.66 22.55 5.67
CA ALA H 99 6.65 21.19 6.20
C ALA H 99 5.50 21.11 7.21
N ALA H 100 4.89 19.92 7.35
CA ALA H 100 3.71 19.73 8.19
C ALA H 100 3.92 20.08 9.67
N ALA H 101 5.08 19.77 10.23
CA ALA H 101 5.30 20.16 11.61
C ALA H 101 5.38 21.68 11.63
N GLU H 102 5.83 22.26 10.52
CA GLU H 102 6.04 23.68 10.51
C GLU H 102 4.64 24.21 10.23
N MET H 103 3.78 23.33 9.72
CA MET H 103 2.44 23.73 9.31
C MET H 103 1.86 24.05 10.68
N LYS H 104 2.11 23.12 11.62
CA LYS H 104 1.63 23.23 12.99
C LYS H 104 2.07 24.55 13.63
N THR H 105 3.35 24.87 13.44
CA THR H 105 3.87 26.15 13.97
C THR H 105 3.19 27.38 13.37
N VAL H 106 3.14 27.41 12.04
CA VAL H 106 2.63 28.57 11.31
C VAL H 106 1.16 28.73 11.63
N LEU H 107 0.42 27.64 11.55
CA LEU H 107 -0.99 27.74 11.88
C LEU H 107 -1.13 28.21 13.31
N SER H 108 -0.34 27.68 14.26
CA SER H 108 -0.51 28.24 15.60
C SER H 108 -0.35 29.77 15.54
N ALA H 109 0.47 30.23 14.59
CA ALA H 109 0.70 31.66 14.40
C ALA H 109 -0.42 32.39 13.64
N ASP H 110 -1.38 31.60 13.15
CA ASP H 110 -2.53 32.02 12.33
C ASP H 110 -3.36 33.16 12.90
N LYS H 111 -3.11 34.36 12.39
CA LYS H 111 -3.76 35.58 12.84
C LYS H 111 -5.27 35.38 13.06
N ASP H 112 -6.00 34.88 12.07
CA ASP H 112 -7.44 34.69 12.29
C ASP H 112 -7.67 33.62 13.37
N VAL H 113 -6.95 32.50 13.24
CA VAL H 113 -7.01 31.42 14.21
C VAL H 113 -6.56 31.92 15.57
N LEU H 114 -5.45 32.65 15.59
CA LEU H 114 -4.91 33.22 16.83
C LEU H 114 -5.94 34.09 17.52
N LYS H 115 -6.67 34.88 16.75
CA LYS H 115 -7.69 35.77 17.28
C LYS H 115 -8.81 34.96 17.93
N VAL H 116 -9.32 33.97 17.19
CA VAL H 116 -10.44 33.17 17.70
C VAL H 116 -10.03 32.35 18.92
N ASP H 117 -8.82 31.80 18.88
CA ASP H 117 -8.28 31.04 19.99
C ASP H 117 -8.09 31.92 21.21
N THR H 118 -7.58 33.14 20.98
CA THR H 118 -7.36 34.12 22.04
C THR H 118 -8.67 34.34 22.77
N SER H 119 -9.70 34.63 21.98
CA SER H 119 -11.06 34.74 22.51
C SER H 119 -11.46 33.53 23.34
N LEU H 120 -11.36 32.35 22.73
CA LEU H 120 -11.73 31.11 23.40
C LEU H 120 -11.03 30.93 24.75
N GLN H 121 -9.74 31.21 24.78
CA GLN H 121 -8.95 31.05 25.99
C GLN H 121 -9.43 32.06 27.03
N TYR H 122 -9.83 33.24 26.56
CA TYR H 122 -10.30 34.29 27.45
C TYR H 122 -11.55 33.80 28.17
N TRP H 123 -12.48 33.25 27.38
CA TRP H 123 -13.69 32.72 27.97
C TRP H 123 -13.35 31.57 28.92
N GLY H 124 -12.34 30.79 28.58
CA GLY H 124 -11.88 29.73 29.46
C GLY H 124 -11.47 30.28 30.81
N ILE H 125 -10.88 31.47 30.77
CA ILE H 125 -10.44 32.16 31.97
C ILE H 125 -11.62 32.60 32.79
N LEU H 126 -12.63 33.14 32.11
CA LEU H 126 -13.86 33.49 32.77
C LEU H 126 -14.52 32.28 33.45
N LEU H 127 -14.63 31.18 32.73
CA LEU H 127 -15.17 29.95 33.28
C LEU H 127 -14.42 29.47 34.54
N ASP H 128 -13.09 29.57 34.50
CA ASP H 128 -12.30 29.13 35.66
C ASP H 128 -12.54 30.05 36.84
N PHE H 129 -12.76 31.32 36.53
CA PHE H 129 -13.07 32.29 37.57
C PHE H 129 -14.40 31.95 38.21
N CYS H 130 -15.39 31.59 37.38
CA CYS H 130 -16.71 31.26 37.89
C CYS H 130 -16.70 29.98 38.75
N SER H 131 -15.88 29.01 38.36
CA SER H 131 -15.68 27.79 39.17
C SER H 131 -15.14 28.14 40.55
N GLY H 132 -14.16 29.03 40.55
CA GLY H 132 -13.62 29.57 41.79
C GLY H 132 -14.71 30.24 42.60
N ALA H 133 -15.55 31.03 41.93
CA ALA H 133 -16.68 31.68 42.57
C ALA H 133 -17.62 30.70 43.27
N LEU H 134 -17.99 29.60 42.59
CA LEU H 134 -18.89 28.63 43.22
C LEU H 134 -18.24 27.97 44.45
N ASP H 135 -16.93 27.73 44.35
CA ASP H 135 -16.18 27.21 45.50
C ASP H 135 -16.25 28.19 46.67
N ALA H 136 -16.13 29.46 46.31
CA ALA H 136 -16.15 30.56 47.25
C ALA H 136 -17.48 30.62 47.95
N ILE H 137 -18.59 30.60 47.22
CA ILE H 137 -19.89 30.70 47.88
C ILE H 137 -20.15 29.50 48.79
N LYS H 138 -19.76 28.30 48.34
CA LYS H 138 -19.93 27.11 49.18
C LYS H 138 -19.20 27.24 50.52
N SER H 139 -18.01 27.83 50.47
CA SER H 139 -17.27 27.89 51.71
C SER H 139 -17.65 29.12 52.50
N ARG H 140 -18.13 30.17 51.84
CA ARG H 140 -18.62 31.33 52.58
C ARG H 140 -19.79 30.83 53.42
N GLY H 141 -20.61 29.98 52.82
CA GLY H 141 -21.74 29.37 53.51
C GLY H 141 -21.28 28.58 54.74
N PHE H 142 -20.10 27.97 54.60
CA PHE H 142 -19.59 27.23 55.76
C PHE H 142 -19.09 28.21 56.82
N ALA H 143 -18.35 29.23 56.41
CA ALA H 143 -17.84 30.24 57.33
C ALA H 143 -18.99 30.87 58.11
N ILE H 144 -20.11 31.08 57.42
CA ILE H 144 -21.32 31.63 58.02
C ILE H 144 -21.82 30.71 59.13
N LYS H 145 -21.90 29.42 58.82
CA LYS H 145 -22.37 28.49 59.85
C LYS H 145 -21.42 28.51 61.05
N HIS H 146 -20.12 28.50 60.77
CA HIS H 146 -19.10 28.56 61.81
C HIS H 146 -19.23 29.78 62.72
N ILE H 147 -19.43 30.95 62.11
CA ILE H 147 -19.54 32.19 62.87
C ILE H 147 -20.79 32.18 63.72
N GLN H 148 -21.89 31.73 63.12
CA GLN H 148 -23.14 31.51 63.86
C GLN H 148 -22.88 30.67 65.09
N ASP H 149 -22.05 29.64 64.93
CA ASP H 149 -21.73 28.79 66.06
C ASP H 149 -20.88 29.49 67.10
N MET H 150 -19.89 30.27 66.68
CA MET H 150 -19.09 30.95 67.70
C MET H 150 -19.96 31.95 68.48
N ARG H 151 -21.03 32.44 67.85
CA ARG H 151 -21.90 33.36 68.56
C ARG H 151 -22.69 32.59 69.60
N ALA H 152 -23.28 31.46 69.16
CA ALA H 152 -24.01 30.63 70.11
C ALA H 152 -23.11 30.20 71.26
N PHE H 153 -21.81 30.10 70.97
CA PHE H 153 -20.79 29.76 71.96
C PHE H 153 -20.62 30.86 72.99
N GLU H 154 -20.62 32.11 72.52
CA GLU H 154 -20.50 33.25 73.43
C GLU H 154 -21.70 33.35 74.37
N ALA H 155 -22.90 33.24 73.81
CA ALA H 155 -24.16 33.11 74.56
C ALA H 155 -24.01 32.40 75.91
N MET I 21 4.70 42.63 38.75
CA MET I 21 4.60 41.88 40.00
C MET I 21 5.88 41.10 40.27
N ARG I 22 6.21 40.93 41.55
CA ARG I 22 7.37 40.15 41.96
C ARG I 22 6.94 38.96 42.79
N LEU I 23 7.58 37.80 42.57
CA LEU I 23 7.18 36.59 43.29
C LEU I 23 7.44 36.69 44.79
N GLU I 24 8.57 37.27 45.14
CA GLU I 24 8.96 37.42 46.55
C GLU I 24 7.92 38.20 47.34
N ASP I 25 7.30 39.18 46.67
CA ASP I 25 6.33 40.07 47.29
C ASP I 25 5.02 39.35 47.51
N LEU I 26 4.73 38.40 46.63
CA LEU I 26 3.57 37.54 46.78
C LEU I 26 3.82 36.58 47.92
N GLN I 27 5.06 36.09 48.03
CA GLN I 27 5.44 35.25 49.16
C GLN I 27 5.22 35.98 50.50
N GLU I 28 5.67 37.23 50.58
CA GLU I 28 5.49 38.03 51.79
C GLU I 28 4.02 38.35 52.06
N GLU I 29 3.26 38.58 50.99
CA GLU I 29 1.85 38.92 51.11
C GLU I 29 1.10 37.71 51.64
N LEU I 30 1.36 36.55 51.06
CA LEU I 30 0.71 35.32 51.51
C LEU I 30 1.09 35.09 52.97
N LYS I 31 2.38 35.30 53.27
CA LYS I 31 2.90 35.10 54.62
C LYS I 31 2.07 35.91 55.62
N LYS I 32 1.87 37.19 55.31
CA LYS I 32 1.05 38.06 56.15
C LYS I 32 -0.38 37.56 56.23
N ASP I 33 -0.89 37.06 55.10
CA ASP I 33 -2.29 36.69 54.96
C ASP I 33 -2.66 35.47 55.81
N VAL I 34 -1.77 34.49 55.87
CA VAL I 34 -2.06 33.21 56.52
C VAL I 34 -1.99 33.26 58.05
N PHE I 35 -1.35 34.28 58.60
CA PHE I 35 -1.28 34.42 60.07
C PHE I 35 -2.67 34.57 60.67
N ILE I 36 -2.91 33.89 61.79
CA ILE I 36 -4.23 33.91 62.39
C ILE I 36 -4.28 34.63 63.74
N ASP I 37 -5.17 35.61 63.83
CA ASP I 37 -5.48 36.32 65.07
C ASP I 37 -6.52 35.48 65.80
N SER I 38 -6.12 34.78 66.87
CA SER I 38 -7.10 33.91 67.50
C SER I 38 -8.37 34.57 68.08
N THR I 39 -8.31 35.82 68.49
CA THR I 39 -9.51 36.38 69.11
C THR I 39 -10.42 36.90 68.01
N LYS I 40 -9.86 37.01 66.85
CA LYS I 40 -10.76 37.60 65.94
C LYS I 40 -10.83 36.50 65.02
N LEU I 41 -11.00 35.37 65.73
CA LEU I 41 -11.14 34.13 65.07
C LEU I 41 -12.43 34.49 64.44
N GLN I 42 -13.29 35.23 65.18
CA GLN I 42 -14.53 35.46 64.41
C GLN I 42 -14.35 36.35 63.19
N TYR I 43 -13.63 37.44 63.38
CA TYR I 43 -13.34 38.33 62.29
C TYR I 43 -12.56 37.59 61.23
N GLU I 44 -11.54 36.83 61.64
CA GLU I 44 -10.71 36.19 60.64
C GLU I 44 -11.49 35.23 59.77
N ALA I 45 -12.51 34.59 60.32
CA ALA I 45 -13.26 33.67 59.47
C ALA I 45 -13.89 34.37 58.28
N ALA I 46 -14.43 35.55 58.51
CA ALA I 46 -15.07 36.25 57.41
C ALA I 46 -13.99 36.80 56.52
N ASN I 47 -12.95 37.32 57.15
CA ASN I 47 -11.88 37.92 56.39
C ASN I 47 -11.22 36.80 55.60
N ASN I 48 -11.33 35.56 56.09
CA ASN I 48 -10.70 34.46 55.36
C ASN I 48 -11.32 34.31 53.98
N VAL I 49 -12.64 34.41 53.90
CA VAL I 49 -13.29 34.29 52.61
C VAL I 49 -12.92 35.45 51.69
N MET I 50 -12.63 36.60 52.29
CA MET I 50 -12.28 37.76 51.48
C MET I 50 -10.92 37.53 50.85
N LEU I 51 -10.08 36.79 51.55
CA LEU I 51 -8.74 36.53 51.03
C LEU I 51 -8.91 35.67 49.83
N TYR I 52 -9.81 34.69 49.93
CA TYR I 52 -10.04 33.80 48.82
C TYR I 52 -10.31 34.63 47.58
N SER I 53 -11.28 35.55 47.68
CA SER I 53 -11.59 36.42 46.56
C SER I 53 -10.36 37.13 46.05
N LYS I 54 -9.63 37.77 46.97
CA LYS I 54 -8.46 38.55 46.60
C LYS I 54 -7.48 37.73 45.79
N TRP I 55 -7.17 36.53 46.28
CA TRP I 55 -6.20 35.73 45.54
C TRP I 55 -6.76 35.16 44.27
N LEU I 56 -8.05 34.85 44.28
CA LEU I 56 -8.69 34.42 43.05
C LEU I 56 -8.61 35.51 42.02
N ASN I 57 -8.76 36.75 42.46
CA ASN I 57 -8.66 37.82 41.49
C ASN I 57 -7.25 37.92 40.97
N LYS I 58 -6.29 37.77 41.86
CA LYS I 58 -4.90 37.82 41.45
C LYS I 58 -4.74 36.72 40.44
N HIS I 59 -5.18 35.53 40.83
CA HIS I 59 -5.07 34.39 39.95
C HIS I 59 -5.55 34.64 38.53
N SER I 60 -6.78 35.10 38.41
CA SER I 60 -7.30 35.28 37.06
C SER I 60 -6.54 36.32 36.28
N SER I 61 -6.13 37.37 36.96
CA SER I 61 -5.48 38.42 36.23
C SER I 61 -4.12 37.97 35.77
N ILE I 62 -3.44 37.18 36.60
CA ILE I 62 -2.17 36.71 36.13
C ILE I 62 -2.31 35.84 34.90
N LYS I 63 -3.26 34.91 34.91
CA LYS I 63 -3.41 34.07 33.73
C LYS I 63 -3.72 34.91 32.50
N LYS I 64 -4.52 35.96 32.71
CA LYS I 64 -4.89 36.83 31.61
C LYS I 64 -3.66 37.47 31.00
N GLU I 65 -2.79 37.99 31.85
CA GLU I 65 -1.57 38.58 31.35
C GLU I 65 -0.76 37.56 30.59
N MET I 66 -0.58 36.38 31.18
CA MET I 66 0.23 35.38 30.53
C MET I 66 -0.36 35.05 29.15
N LEU I 67 -1.69 34.99 29.06
CA LEU I 67 -2.31 34.70 27.78
C LEU I 67 -1.95 35.72 26.71
N ARG I 68 -1.93 36.98 27.12
CA ARG I 68 -1.59 38.05 26.20
C ARG I 68 -0.15 37.89 25.79
N ILE I 69 0.72 37.65 26.76
CA ILE I 69 2.13 37.51 26.46
C ILE I 69 2.32 36.27 25.62
N GLU I 70 1.54 35.24 25.92
CA GLU I 70 1.61 34.02 25.13
C GLU I 70 1.28 34.26 23.67
N ALA I 71 0.32 35.14 23.41
CA ALA I 71 -0.02 35.45 22.04
C ALA I 71 1.18 36.08 21.35
N GLN I 72 1.80 37.04 22.03
CA GLN I 72 2.98 37.69 21.48
C GLN I 72 4.05 36.66 21.14
N LYS I 73 4.21 35.65 22.00
CA LYS I 73 5.27 34.68 21.77
C LYS I 73 5.01 33.91 20.51
N LYS I 74 3.75 33.56 20.26
CA LYS I 74 3.43 32.82 19.06
C LYS I 74 3.83 33.57 17.81
N VAL I 75 3.67 34.89 17.86
CA VAL I 75 3.99 35.69 16.68
C VAL I 75 5.48 35.73 16.57
N ALA I 76 6.14 35.92 17.70
CA ALA I 76 7.58 35.99 17.70
C ALA I 76 8.11 34.69 17.11
N LEU I 77 7.49 33.57 17.51
CA LEU I 77 7.99 32.29 17.04
C LEU I 77 7.90 32.21 15.52
N LYS I 78 6.79 32.67 14.97
CA LYS I 78 6.61 32.60 13.53
C LYS I 78 7.65 33.44 12.83
N ALA I 79 7.84 34.65 13.34
CA ALA I 79 8.84 35.53 12.78
C ALA I 79 10.20 34.87 12.82
N ARG I 80 10.53 34.27 13.96
CA ARG I 80 11.85 33.68 14.07
C ARG I 80 11.94 32.47 13.17
N LEU I 81 10.84 31.74 13.06
CA LEU I 81 10.83 30.60 12.16
C LEU I 81 11.18 31.05 10.75
N ASP I 82 10.57 32.15 10.32
CA ASP I 82 10.84 32.66 8.99
C ASP I 82 12.31 32.97 8.87
N TYR I 83 12.81 33.73 9.84
CA TYR I 83 14.22 34.09 9.92
C TYR I 83 15.06 32.85 9.69
N TYR I 84 14.81 31.81 10.50
CA TYR I 84 15.62 30.61 10.45
C TYR I 84 15.43 29.80 9.17
N SER I 85 14.23 29.86 8.59
CA SER I 85 13.94 29.10 7.38
C SER I 85 14.42 29.79 6.10
N GLY I 86 14.84 31.04 6.22
CA GLY I 86 15.42 31.76 5.10
C GLY I 86 14.39 32.57 4.35
N ARG I 87 13.16 32.58 4.85
CA ARG I 87 12.09 33.33 4.23
C ARG I 87 12.08 34.78 4.70
N MET I 95 21.86 34.47 7.52
CA MET I 95 22.94 33.90 6.73
C MET I 95 23.36 32.52 7.18
N ASP I 96 22.71 32.04 8.23
CA ASP I 96 23.02 30.73 8.78
C ASP I 96 22.06 29.69 8.21
N ARG I 97 22.52 28.45 8.03
CA ARG I 97 21.63 27.41 7.54
C ARG I 97 21.24 26.31 8.54
N TYR I 98 20.05 26.48 9.14
CA TYR I 98 19.53 25.53 10.11
C TYR I 98 18.70 24.31 9.65
N ALA I 99 19.06 23.15 10.21
CA ALA I 99 18.46 21.83 9.99
C ALA I 99 17.06 21.85 10.63
N ALA I 100 16.06 21.14 10.10
CA ALA I 100 14.72 21.27 10.71
C ALA I 100 14.67 20.83 12.20
N ALA I 101 15.37 19.76 12.55
CA ALA I 101 15.39 19.33 13.95
C ALA I 101 16.16 20.40 14.71
N GLU I 102 17.09 21.00 13.97
CA GLU I 102 17.96 21.96 14.56
C GLU I 102 17.13 23.21 14.56
N MET I 103 16.07 23.22 13.74
CA MET I 103 15.30 24.45 13.62
C MET I 103 14.71 24.50 15.00
N LYS I 104 14.18 23.35 15.43
CA LYS I 104 13.55 23.27 16.75
C LYS I 104 14.48 23.69 17.88
N THR I 105 15.70 23.17 17.83
CA THR I 105 16.72 23.53 18.84
C THR I 105 17.09 25.01 18.87
N VAL I 106 17.45 25.50 17.69
CA VAL I 106 17.97 26.84 17.49
C VAL I 106 16.88 27.82 17.84
N LEU I 107 15.68 27.61 17.31
CA LEU I 107 14.61 28.50 17.65
C LEU I 107 14.43 28.46 19.15
N SER I 108 14.44 27.29 19.79
CA SER I 108 14.31 27.35 21.24
C SER I 108 15.36 28.30 21.86
N ALA I 109 16.53 28.36 21.21
CA ALA I 109 17.62 29.23 21.67
C ALA I 109 17.46 30.72 21.31
N ASP I 110 16.44 31.02 20.51
CA ASP I 110 16.13 32.35 19.98
C ASP I 110 16.04 33.45 21.03
N LYS I 111 17.08 34.27 21.14
CA LYS I 111 17.17 35.34 22.13
C LYS I 111 15.86 36.12 22.30
N ASP I 112 15.24 36.64 21.25
CA ASP I 112 13.99 37.39 21.43
C ASP I 112 12.92 36.42 21.94
N VAL I 113 12.84 35.26 21.30
CA VAL I 113 11.89 34.22 21.72
C VAL I 113 12.22 33.78 23.13
N LEU I 114 13.49 33.56 23.43
CA LEU I 114 13.91 33.16 24.76
C LEU I 114 13.47 34.16 25.83
N LYS I 115 13.58 35.45 25.51
CA LYS I 115 13.19 36.51 26.44
C LYS I 115 11.69 36.42 26.71
N VAL I 116 10.91 36.35 25.63
CA VAL I 116 9.46 36.32 25.78
C VAL I 116 8.98 35.06 26.49
N ASP I 117 9.60 33.92 26.17
CA ASP I 117 9.27 32.66 26.81
C ASP I 117 9.62 32.70 28.29
N THR I 118 10.78 33.26 28.61
CA THR I 118 11.25 33.40 29.99
C THR I 118 10.20 34.13 30.80
N SER I 119 9.80 35.28 30.28
CA SER I 119 8.70 36.03 30.88
C SER I 119 7.44 35.18 31.08
N LEU I 120 6.97 34.56 30.01
CA LEU I 120 5.75 33.76 30.07
C LEU I 120 5.83 32.67 31.16
N GLN I 121 6.96 31.99 31.24
CA GLN I 121 7.15 30.93 32.20
C GLN I 121 7.14 31.54 33.60
N TYR I 122 7.68 32.75 33.72
CA TYR I 122 7.74 33.43 35.01
C TYR I 122 6.33 33.66 35.53
N TRP I 123 5.49 34.18 34.65
CA TRP I 123 4.10 34.40 35.03
C TRP I 123 3.44 33.07 35.36
N GLY I 124 3.83 32.01 34.65
CA GLY I 124 3.32 30.68 34.94
C GLY I 124 3.65 30.27 36.38
N ILE I 125 4.82 30.70 36.84
CA ILE I 125 5.28 30.42 38.20
C ILE I 125 4.42 31.17 39.19
N LEU I 126 4.14 32.41 38.87
CA LEU I 126 3.22 33.19 39.69
C LEU I 126 1.85 32.52 39.78
N LEU I 127 1.31 32.11 38.64
CA LEU I 127 0.02 31.39 38.61
C LEU I 127 0.02 30.13 39.50
N ASP I 128 1.11 29.37 39.47
CA ASP I 128 1.19 28.15 40.28
C ASP I 128 1.19 28.53 41.76
N PHE I 129 1.82 29.67 42.04
CA PHE I 129 1.86 30.19 43.40
C PHE I 129 0.46 30.56 43.86
N CYS I 130 -0.31 31.21 42.99
CA CYS I 130 -1.67 31.62 43.35
C CYS I 130 -2.58 30.42 43.59
N SER I 131 -2.39 29.36 42.79
CA SER I 131 -3.12 28.10 43.02
C SER I 131 -2.82 27.52 44.40
N GLY I 132 -1.53 27.54 44.75
CA GLY I 132 -1.13 27.13 46.09
C GLY I 132 -1.79 28.00 47.15
N ALA I 133 -1.81 29.30 46.89
CA ALA I 133 -2.47 30.24 47.79
C ALA I 133 -3.95 29.91 48.03
N LEU I 134 -4.70 29.62 46.97
CA LEU I 134 -6.12 29.30 47.16
C LEU I 134 -6.29 28.01 47.99
N ASP I 135 -5.39 27.05 47.76
CA ASP I 135 -5.39 25.82 48.56
C ASP I 135 -5.17 26.16 50.04
N ALA I 136 -4.25 27.09 50.24
CA ALA I 136 -3.84 27.55 51.56
C ALA I 136 -5.02 28.19 52.27
N ILE I 137 -5.71 29.11 51.62
CA ILE I 137 -6.82 29.79 52.28
C ILE I 137 -7.94 28.80 52.61
N LYS I 138 -8.21 27.85 51.71
CA LYS I 138 -9.23 26.85 51.98
C LYS I 138 -8.91 26.04 53.25
N SER I 139 -7.62 25.75 53.44
CA SER I 139 -7.33 24.93 54.60
C SER I 139 -7.16 25.79 55.83
N ARG I 140 -6.78 27.06 55.66
CA ARG I 140 -6.72 27.92 56.82
C ARG I 140 -8.14 28.01 57.39
N GLY I 141 -9.11 28.14 56.50
CA GLY I 141 -10.51 28.17 56.88
C GLY I 141 -10.94 26.93 57.65
N PHE I 142 -10.35 25.80 57.27
CA PHE I 142 -10.68 24.58 57.99
C PHE I 142 -10.01 24.63 59.37
N ALA I 143 -8.75 25.02 59.40
CA ALA I 143 -8.01 25.12 60.65
C ALA I 143 -8.74 26.02 61.63
N ILE I 144 -9.32 27.10 61.12
CA ILE I 144 -10.12 28.02 61.94
C ILE I 144 -11.31 27.33 62.57
N LYS I 145 -12.06 26.58 61.76
CA LYS I 145 -13.21 25.89 62.36
C LYS I 145 -12.74 24.90 63.43
N HIS I 146 -11.67 24.17 63.11
CA HIS I 146 -11.07 23.21 64.05
C HIS I 146 -10.68 23.85 65.38
N ILE I 147 -10.01 25.01 65.31
CA ILE I 147 -9.54 25.70 66.50
C ILE I 147 -10.71 26.19 67.35
N GLN I 148 -11.71 26.75 66.67
CA GLN I 148 -12.97 27.11 67.32
C GLN I 148 -13.50 25.92 68.12
N ASP I 149 -13.40 24.74 67.52
CA ASP I 149 -13.87 23.56 68.22
C ASP I 149 -12.99 23.19 69.40
N MET I 150 -11.66 23.30 69.27
CA MET I 150 -10.85 22.96 70.43
C MET I 150 -11.10 23.94 71.57
N ARG I 151 -11.54 25.14 71.24
CA ARG I 151 -11.84 26.10 72.30
C ARG I 151 -13.10 25.65 72.99
N ALA I 152 -14.13 25.34 72.21
CA ALA I 152 -15.37 24.86 72.82
C ALA I 152 -15.12 23.62 73.67
N PHE I 153 -14.11 22.85 73.28
CA PHE I 153 -13.71 21.65 74.02
C PHE I 153 -13.10 21.98 75.38
N GLU I 154 -12.25 23.00 75.40
CA GLU I 154 -11.61 23.45 76.63
C GLU I 154 -12.56 24.00 77.70
N ALA I 155 -13.46 24.88 77.29
CA ALA I 155 -14.58 25.36 78.11
C ALA I 155 -15.08 24.34 79.15
N MET J 21 21.20 25.44 48.00
CA MET J 21 20.38 24.58 48.84
C MET J 21 20.76 23.11 48.68
N ARG J 22 20.61 22.35 49.76
CA ARG J 22 20.88 20.92 49.75
C ARG J 22 19.61 20.13 50.05
N LEU J 23 19.41 19.01 49.34
CA LEU J 23 18.19 18.23 49.52
C LEU J 23 18.11 17.62 50.91
N GLU J 24 19.26 17.16 51.42
CA GLU J 24 19.32 16.53 52.74
C GLU J 24 18.85 17.49 53.84
N ASP J 25 19.13 18.78 53.65
CA ASP J 25 18.82 19.81 54.63
C ASP J 25 17.32 20.10 54.62
N LEU J 26 16.73 19.95 53.45
CA LEU J 26 15.29 20.07 53.32
C LEU J 26 14.65 18.86 53.97
N GLN J 27 15.27 17.69 53.80
CA GLN J 27 14.81 16.47 54.49
C GLN J 27 14.78 16.66 56.01
N GLU J 28 15.88 17.18 56.57
CA GLU J 28 15.95 17.43 58.02
C GLU J 28 14.96 18.49 58.49
N GLU J 29 14.79 19.53 57.66
CA GLU J 29 13.90 20.64 58.02
C GLU J 29 12.46 20.13 58.04
N LEU J 30 12.07 19.41 56.99
CA LEU J 30 10.72 18.86 56.91
C LEU J 30 10.52 17.93 58.09
N LYS J 31 11.55 17.12 58.36
CA LYS J 31 11.52 16.17 59.46
C LYS J 31 11.15 16.88 60.76
N LYS J 32 11.84 17.97 61.05
CA LYS J 32 11.55 18.78 62.24
C LYS J 32 10.12 19.34 62.19
N ASP J 33 9.71 19.75 60.99
CA ASP J 33 8.44 20.46 60.80
C ASP J 33 7.22 19.57 61.07
N VAL J 34 7.30 18.31 60.63
CA VAL J 34 6.15 17.41 60.68
C VAL J 34 5.87 16.83 62.06
N PHE J 35 6.84 16.90 62.97
CA PHE J 35 6.65 16.42 64.34
C PHE J 35 5.54 17.18 65.05
N ILE J 36 4.70 16.46 65.79
CA ILE J 36 3.57 17.12 66.43
C ILE J 36 3.66 17.16 67.96
N ASP J 37 3.57 18.37 68.49
CA ASP J 37 3.47 18.64 69.93
C ASP J 37 2.01 18.49 70.32
N SER J 38 1.65 17.40 70.99
CA SER J 38 0.22 17.23 71.28
C SER J 38 -0.45 18.33 72.13
N THR J 39 0.28 19.02 72.99
CA THR J 39 -0.41 19.98 73.83
C THR J 39 -0.54 21.29 73.06
N LYS J 40 0.19 21.36 71.99
CA LYS J 40 0.08 22.64 71.42
C LYS J 40 -0.47 22.24 70.15
N LEU J 41 -1.46 21.36 70.38
CA LEU J 41 -2.21 20.83 69.31
C LEU J 41 -2.82 22.13 68.96
N GLN J 42 -3.14 22.95 70.00
CA GLN J 42 -3.77 24.19 69.50
C GLN J 42 -2.83 25.09 68.71
N TYR J 43 -1.65 25.27 69.26
CA TYR J 43 -0.62 26.06 68.61
C TYR J 43 -0.29 25.43 67.28
N GLU J 44 -0.10 24.11 67.27
CA GLU J 44 0.33 23.48 66.02
C GLU J 44 -0.65 23.69 64.90
N ALA J 45 -1.95 23.76 65.21
CA ALA J 45 -2.88 23.95 64.12
C ALA J 45 -2.62 25.24 63.37
N ALA J 46 -2.31 26.30 64.10
CA ALA J 46 -2.09 27.57 63.42
C ALA J 46 -0.73 27.52 62.75
N ASN J 47 0.22 26.95 63.46
CA ASN J 47 1.57 26.89 62.94
C ASN J 47 1.56 25.98 61.72
N ASN J 48 0.60 25.06 61.66
CA ASN J 48 0.57 24.18 60.51
C ASN J 48 0.35 24.97 59.22
N VAL J 49 -0.56 25.94 59.26
CA VAL J 49 -0.79 26.73 58.06
C VAL J 49 0.43 27.58 57.71
N MET J 50 1.18 27.97 58.73
CA MET J 50 2.35 28.79 58.48
C MET J 50 3.40 27.97 57.76
N LEU J 51 3.42 26.68 58.06
CA LEU J 51 4.40 25.80 57.44
C LEU J 51 4.03 25.74 56.00
N TYR J 52 2.74 25.60 55.74
CA TYR J 52 2.29 25.52 54.38
C TYR J 52 2.86 26.69 53.60
N SER J 53 2.63 27.90 54.14
CA SER J 53 3.16 29.09 53.52
C SER J 53 4.65 28.96 53.28
N LYS J 54 5.36 28.61 54.34
CA LYS J 54 6.80 28.52 54.27
C LYS J 54 7.29 27.63 53.13
N TRP J 55 6.73 26.43 53.02
CA TRP J 55 7.23 25.57 51.96
C TRP J 55 6.77 26.00 50.59
N LEU J 56 5.58 26.58 50.55
CA LEU J 56 5.11 27.12 49.31
C LEU J 56 6.06 28.19 48.84
N ASN J 57 6.58 29.00 49.75
CA ASN J 57 7.51 30.00 49.27
C ASN J 57 8.78 29.36 48.74
N LYS J 58 9.24 28.35 49.47
CA LYS J 58 10.43 27.63 49.07
C LYS J 58 10.12 27.05 47.70
N HIS J 59 8.99 26.37 47.61
CA HIS J 59 8.60 25.75 46.36
C HIS J 59 8.72 26.66 45.17
N SER J 60 8.08 27.83 45.26
CA SER J 60 8.09 28.71 44.10
C SER J 60 9.47 29.21 43.78
N SER J 61 10.26 29.46 44.81
CA SER J 61 11.55 30.01 44.53
C SER J 61 12.43 28.98 43.89
N ILE J 62 12.29 27.72 44.30
CA ILE J 62 13.09 26.73 43.63
C ILE J 62 12.75 26.63 42.17
N LYS J 63 11.46 26.60 41.85
CA LYS J 63 11.11 26.49 40.44
C LYS J 63 11.67 27.67 39.64
N LYS J 64 11.64 28.85 40.27
CA LYS J 64 12.14 30.04 39.60
C LYS J 64 13.60 29.89 39.24
N GLU J 65 14.39 29.42 40.20
CA GLU J 65 15.80 29.23 39.95
C GLU J 65 15.97 28.23 38.81
N MET J 66 15.26 27.11 38.89
CA MET J 66 15.42 26.09 37.88
C MET J 66 15.08 26.66 36.51
N LEU J 67 14.07 27.53 36.45
CA LEU J 67 13.70 28.14 35.18
C LEU J 67 14.83 28.95 34.57
N ARG J 68 15.55 29.66 35.43
CA ARG J 68 16.67 30.46 34.98
C ARG J 68 17.75 29.54 34.44
N ILE J 69 18.04 28.47 35.17
CA ILE J 69 19.08 27.55 34.73
C ILE J 69 18.62 26.89 33.45
N GLU J 70 17.33 26.60 33.36
CA GLU J 70 16.80 26.01 32.14
C GLU J 70 17.00 26.90 30.92
N ALA J 71 16.89 28.21 31.12
CA ALA J 71 17.12 29.11 30.00
C ALA J 71 18.56 28.99 29.55
N GLN J 72 19.47 28.98 30.52
CA GLN J 72 20.89 28.83 30.20
C GLN J 72 21.10 27.54 29.42
N LYS J 73 20.39 26.49 29.81
CA LYS J 73 20.58 25.21 29.17
C LYS J 73 20.18 25.27 27.72
N LYS J 74 19.08 25.97 27.43
CA LYS J 74 18.64 26.06 26.05
C LYS J 74 19.70 26.70 25.16
N VAL J 75 20.44 27.65 25.70
CA VAL J 75 21.43 28.32 24.88
C VAL J 75 22.59 27.38 24.71
N ALA J 76 22.94 26.71 25.80
CA ALA J 76 24.05 25.80 25.77
C ALA J 76 23.75 24.73 24.72
N LEU J 77 22.50 24.25 24.67
CA LEU J 77 22.23 23.19 23.71
C LEU J 77 22.49 23.68 22.30
N LYS J 78 22.05 24.90 22.01
CA LYS J 78 22.22 25.42 20.66
C LYS J 78 23.69 25.57 20.35
N ALA J 79 24.45 26.11 21.29
CA ALA J 79 25.88 26.24 21.08
C ALA J 79 26.50 24.89 20.81
N ARG J 80 26.13 23.90 21.60
CA ARG J 80 26.74 22.61 21.40
C ARG J 80 26.28 22.02 20.08
N LEU J 81 25.02 22.24 19.72
CA LEU J 81 24.56 21.76 18.42
C LEU J 81 25.42 22.32 17.31
N ASP J 82 25.72 23.61 17.37
CA ASP J 82 26.55 24.21 16.34
C ASP J 82 27.89 23.52 16.33
N TYR J 83 28.49 23.42 17.50
CA TYR J 83 29.77 22.73 17.68
C TYR J 83 29.70 21.39 16.95
N TYR J 84 28.69 20.59 17.30
CA TYR J 84 28.56 19.24 16.77
C TYR J 84 28.21 19.24 15.28
N SER J 85 27.48 20.25 14.83
CA SER J 85 27.07 20.34 13.43
C SER J 85 28.12 20.90 12.48
N GLY J 86 29.22 21.42 13.01
CA GLY J 86 30.31 21.83 12.14
C GLY J 86 30.21 23.30 11.78
N ARG J 87 29.23 23.98 12.38
CA ARG J 87 29.04 25.41 12.14
C ARG J 87 29.95 26.21 13.05
N GLY J 88 30.65 25.50 13.93
CA GLY J 88 31.54 26.10 14.91
C GLY J 88 30.88 26.80 16.08
N ASP J 89 31.54 26.68 17.23
CA ASP J 89 31.10 27.25 18.49
C ASP J 89 32.26 28.04 19.05
N GLY J 90 32.37 29.32 18.67
CA GLY J 90 33.47 30.08 19.20
C GLY J 90 34.75 29.74 18.46
N ASP J 91 35.76 29.29 19.19
CA ASP J 91 36.99 28.82 18.58
C ASP J 91 37.09 27.31 18.55
N GLU J 92 35.96 26.63 18.78
CA GLU J 92 35.97 25.17 18.79
C GLU J 92 35.32 24.64 17.53
N PHE J 93 35.89 23.54 17.05
CA PHE J 93 35.45 22.90 15.83
C PHE J 93 35.59 21.40 15.96
N SER J 94 34.48 20.69 16.11
CA SER J 94 34.61 19.24 16.23
C SER J 94 34.70 18.70 14.80
N MET J 95 35.92 18.31 14.44
CA MET J 95 36.27 17.81 13.13
C MET J 95 35.59 16.50 12.82
N ASP J 96 34.80 16.01 13.76
CA ASP J 96 34.17 14.73 13.53
C ASP J 96 32.79 15.04 12.95
N ARG J 97 32.34 14.15 12.09
CA ARG J 97 31.04 14.22 11.45
C ARG J 97 30.07 13.14 11.90
N TYR J 98 29.16 13.50 12.81
CA TYR J 98 28.18 12.56 13.30
C TYR J 98 26.96 12.47 12.40
N ALA J 99 25.91 11.89 12.99
CA ALA J 99 24.58 11.62 12.43
C ALA J 99 23.52 12.34 13.26
N ALA J 100 22.40 12.76 12.67
CA ALA J 100 21.41 13.51 13.42
C ALA J 100 20.88 12.67 14.59
N ALA J 101 20.70 11.36 14.39
CA ALA J 101 20.26 10.54 15.52
C ALA J 101 21.43 10.52 16.50
N GLU J 102 22.63 10.62 15.93
CA GLU J 102 23.79 10.49 16.77
C GLU J 102 23.94 11.89 17.34
N MET J 103 23.30 12.87 16.70
CA MET J 103 23.50 14.24 17.12
C MET J 103 22.82 14.21 18.45
N LYS J 104 21.61 13.62 18.45
CA LYS J 104 20.82 13.53 19.67
C LYS J 104 21.57 12.83 20.81
N THR J 105 22.18 11.69 20.48
CA THR J 105 22.95 10.98 21.52
C THR J 105 24.15 11.76 22.07
N VAL J 106 25.00 12.20 21.14
CA VAL J 106 26.25 12.86 21.48
C VAL J 106 26.01 14.15 22.20
N LEU J 107 25.13 14.99 21.64
CA LEU J 107 24.85 16.23 22.32
C LEU J 107 24.30 15.90 23.68
N SER J 108 23.38 14.93 23.80
CA SER J 108 22.92 14.63 25.16
C SER J 108 24.09 14.34 26.10
N ALA J 109 25.16 13.77 25.52
CA ALA J 109 26.37 13.45 26.29
C ALA J 109 27.33 14.62 26.53
N ASP J 110 27.07 15.78 25.92
CA ASP J 110 27.99 16.92 26.04
C ASP J 110 28.34 17.35 27.46
N LYS J 111 29.64 17.44 27.74
CA LYS J 111 30.15 17.81 29.06
C LYS J 111 29.44 18.99 29.70
N ASP J 112 29.40 20.10 28.98
CA ASP J 112 28.77 21.33 29.46
C ASP J 112 27.26 21.14 29.60
N VAL J 113 26.68 20.54 28.58
CA VAL J 113 25.25 20.23 28.58
C VAL J 113 24.96 19.29 29.73
N LEU J 114 25.79 18.26 29.88
CA LEU J 114 25.61 17.31 30.98
C LEU J 114 25.64 17.99 32.34
N LYS J 115 26.54 18.96 32.50
CA LYS J 115 26.67 19.69 33.76
C LYS J 115 25.41 20.50 34.06
N VAL J 116 24.98 21.29 33.06
CA VAL J 116 23.84 22.15 33.25
C VAL J 116 22.58 21.33 33.47
N ASP J 117 22.45 20.23 32.73
CA ASP J 117 21.31 19.36 32.90
C ASP J 117 21.32 18.72 34.28
N THR J 118 22.48 18.28 34.72
CA THR J 118 22.61 17.68 36.05
C THR J 118 22.09 18.62 37.12
N SER J 119 22.61 19.85 37.08
CA SER J 119 22.10 20.90 37.96
C SER J 119 20.58 21.08 37.88
N LEU J 120 20.10 21.33 36.68
CA LEU J 120 18.67 21.56 36.43
C LEU J 120 17.79 20.43 36.99
N GLN J 121 18.23 19.19 36.74
CA GLN J 121 17.49 18.02 37.17
C GLN J 121 17.52 17.98 38.70
N TYR J 122 18.63 18.44 39.27
CA TYR J 122 18.79 18.44 40.72
C TYR J 122 17.71 19.33 41.31
N TRP J 123 17.56 20.52 40.73
CA TRP J 123 16.54 21.43 41.20
C TRP J 123 15.16 20.81 41.00
N GLY J 124 14.99 20.05 39.92
CA GLY J 124 13.75 19.35 39.67
C GLY J 124 13.43 18.39 40.82
N ILE J 125 14.48 17.81 41.37
CA ILE J 125 14.38 16.88 42.49
C ILE J 125 13.94 17.61 43.73
N LEU J 126 14.54 18.77 43.94
CA LEU J 126 14.13 19.64 45.03
C LEU J 126 12.66 20.02 44.92
N LEU J 127 12.23 20.45 43.74
CA LEU J 127 10.84 20.78 43.48
C LEU J 127 9.88 19.62 43.79
N ASP J 128 10.26 18.40 43.41
CA ASP J 128 9.40 17.24 43.66
C ASP J 128 9.31 17.00 45.17
N PHE J 129 10.41 17.30 45.85
CA PHE J 129 10.44 17.16 47.30
C PHE J 129 9.49 18.17 47.93
N CYS J 130 9.50 19.40 47.43
CA CYS J 130 8.62 20.43 47.99
C CYS J 130 7.13 20.12 47.75
N SER J 131 6.81 19.55 46.59
CA SER J 131 5.45 19.09 46.32
C SER J 131 4.99 18.03 47.34
N GLY J 132 5.89 17.08 47.59
CA GLY J 132 5.66 16.09 48.63
C GLY J 132 5.46 16.72 50.00
N ALA J 133 6.31 17.70 50.32
CA ALA J 133 6.20 18.44 51.55
C ALA J 133 4.82 19.09 51.73
N LEU J 134 4.31 19.77 50.70
CA LEU J 134 3.00 20.41 50.82
C LEU J 134 1.88 19.39 51.03
N ASP J 135 2.03 18.23 50.38
CA ASP J 135 1.09 17.12 50.59
C ASP J 135 1.11 16.70 52.06
N ALA J 136 2.34 16.66 52.58
CA ALA J 136 2.60 16.24 53.95
C ALA J 136 1.94 17.19 54.92
N ILE J 137 2.14 18.51 54.76
CA ILE J 137 1.56 19.46 55.69
C ILE J 137 0.02 19.44 55.64
N LYS J 138 -0.53 19.30 54.43
CA LYS J 138 -1.99 19.22 54.30
C LYS J 138 -2.55 18.04 55.09
N SER J 139 -1.81 16.94 55.07
CA SER J 139 -2.35 15.79 55.74
C SER J 139 -1.98 15.82 57.20
N ARG J 140 -0.89 16.49 57.56
CA ARG J 140 -0.57 16.63 58.98
C ARG J 140 -1.72 17.40 59.61
N GLY J 141 -2.20 18.41 58.88
CA GLY J 141 -3.35 19.20 59.29
C GLY J 141 -4.57 18.33 59.52
N PHE J 142 -4.67 17.29 58.68
CA PHE J 142 -5.80 16.38 58.87
C PHE J 142 -5.57 15.53 60.12
N ALA J 143 -4.36 15.00 60.28
CA ALA J 143 -4.01 14.19 61.44
C ALA J 143 -4.27 14.97 62.73
N ILE J 144 -3.97 16.26 62.69
CA ILE J 144 -4.22 17.14 63.82
C ILE J 144 -5.70 17.16 64.13
N LYS J 145 -6.53 17.34 63.11
CA LYS J 145 -7.97 17.35 63.37
C LYS J 145 -8.43 16.01 63.97
N HIS J 146 -7.92 14.93 63.39
CA HIS J 146 -8.23 13.59 63.88
C HIS J 146 -7.87 13.40 65.35
N ILE J 147 -6.69 13.86 65.73
CA ILE J 147 -6.21 13.73 67.09
C ILE J 147 -7.06 14.55 68.04
N GLN J 148 -7.38 15.78 67.63
CA GLN J 148 -8.33 16.62 68.35
C GLN J 148 -9.62 15.85 68.64
N ASP J 149 -10.08 15.11 67.63
CA ASP J 149 -11.28 14.33 67.82
C ASP J 149 -11.08 13.18 68.79
N MET J 150 -9.94 12.49 68.72
CA MET J 150 -9.71 11.41 69.66
C MET J 150 -9.62 11.95 71.08
N ARG J 151 -9.25 13.22 71.21
CA ARG J 151 -9.18 13.80 72.54
C ARG J 151 -10.59 13.99 73.03
N ALA J 152 -11.43 14.60 72.19
CA ALA J 152 -12.83 14.77 72.58
C ALA J 152 -13.52 13.45 72.87
N PHE J 153 -13.05 12.39 72.21
CA PHE J 153 -13.56 11.04 72.43
C PHE J 153 -13.20 10.49 73.79
N GLU J 154 -11.96 10.73 74.20
CA GLU J 154 -11.48 10.29 75.51
C GLU J 154 -12.22 10.97 76.66
N ALA J 155 -12.36 12.29 76.58
CA ALA J 155 -13.21 13.09 77.47
C ALA J 155 -14.43 12.33 78.00
N MET K 21 21.96 -0.52 48.72
CA MET K 21 20.60 -0.80 49.19
C MET K 21 20.00 -2.01 48.46
N ARG K 22 19.14 -2.74 49.16
CA ARG K 22 18.45 -3.89 48.58
C ARG K 22 16.93 -3.68 48.56
N LEU K 23 16.29 -4.09 47.47
CA LEU K 23 14.85 -3.89 47.34
C LEU K 23 14.07 -4.69 48.38
N GLU K 24 14.53 -5.91 48.63
CA GLU K 24 13.88 -6.81 49.59
C GLU K 24 13.82 -6.18 50.98
N ASP K 25 14.86 -5.42 51.32
CA ASP K 25 15.01 -4.80 52.63
C ASP K 25 14.04 -3.63 52.79
N LEU K 26 13.76 -2.98 51.67
CA LEU K 26 12.76 -1.92 51.64
C LEU K 26 11.38 -2.58 51.77
N GLN K 27 11.22 -3.73 51.14
CA GLN K 27 9.99 -4.51 51.29
C GLN K 27 9.72 -4.85 52.77
N GLU K 28 10.74 -5.34 53.46
CA GLU K 28 10.63 -5.69 54.89
C GLU K 28 10.37 -4.45 55.76
N GLU K 29 11.01 -3.35 55.39
CA GLU K 29 10.87 -2.11 56.15
C GLU K 29 9.44 -1.60 56.01
N LEU K 30 8.93 -1.57 54.79
CA LEU K 30 7.57 -1.11 54.57
C LEU K 30 6.62 -2.04 55.33
N LYS K 31 6.89 -3.34 55.23
CA LYS K 31 6.08 -4.35 55.90
C LYS K 31 5.94 -4.01 57.39
N LYS K 32 7.08 -3.75 58.04
CA LYS K 32 7.08 -3.35 59.44
C LYS K 32 6.33 -2.04 59.67
N ASP K 33 6.49 -1.12 58.73
CA ASP K 33 5.97 0.24 58.85
C ASP K 33 4.45 0.30 58.83
N VAL K 34 3.84 -0.49 57.95
CA VAL K 34 2.39 -0.41 57.72
C VAL K 34 1.52 -1.04 58.80
N PHE K 35 2.11 -1.90 59.64
CA PHE K 35 1.37 -2.53 60.73
C PHE K 35 0.82 -1.50 61.70
N ILE K 36 -0.41 -1.70 62.15
CA ILE K 36 -1.05 -0.72 63.03
C ILE K 36 -1.31 -1.25 64.44
N ASP K 37 -0.81 -0.50 65.42
CA ASP K 37 -1.06 -0.73 66.85
C ASP K 37 -2.37 -0.07 67.21
N SER K 38 -3.44 -0.83 67.39
CA SER K 38 -4.71 -0.16 67.64
C SER K 38 -4.79 0.73 68.89
N THR K 39 -4.00 0.47 69.92
CA THR K 39 -4.17 1.31 71.10
C THR K 39 -3.32 2.55 70.93
N LYS K 40 -2.48 2.50 69.95
CA LYS K 40 -1.67 3.65 69.93
C LYS K 40 -2.04 4.12 68.63
N LEU K 41 -3.38 4.04 68.50
CA LEU K 41 -4.02 4.50 67.34
C LEU K 41 -3.65 5.91 67.55
N GLN K 42 -3.65 6.36 68.82
CA GLN K 42 -3.30 7.80 68.85
C GLN K 42 -1.87 8.09 68.46
N TYR K 43 -0.97 7.29 69.01
CA TYR K 43 0.43 7.42 68.68
C TYR K 43 0.61 7.18 67.19
N GLU K 44 -0.01 6.12 66.67
CA GLU K 44 0.22 5.80 65.28
C GLU K 44 -0.19 6.91 64.35
N ALA K 45 -1.22 7.67 64.70
CA ALA K 45 -1.62 8.75 63.80
C ALA K 45 -0.49 9.76 63.61
N ALA K 46 0.19 10.09 64.68
CA ALA K 46 1.25 11.07 64.55
C ALA K 46 2.44 10.41 63.88
N ASN K 47 2.69 9.17 64.28
CA ASN K 47 3.82 8.46 63.73
C ASN K 47 3.55 8.23 62.26
N ASN K 48 2.27 8.20 61.87
CA ASN K 48 2.00 7.96 60.46
C ASN K 48 2.58 9.08 59.62
N VAL K 49 2.41 10.33 60.05
CA VAL K 49 2.97 11.41 59.26
C VAL K 49 4.49 11.37 59.26
N MET K 50 5.07 10.85 60.32
CA MET K 50 6.52 10.80 60.38
C MET K 50 7.03 9.77 59.37
N LEU K 51 6.22 8.75 59.15
CA LEU K 51 6.62 7.71 58.21
C LEU K 51 6.62 8.34 56.86
N TYR K 52 5.59 9.14 56.59
CA TYR K 52 5.47 9.79 55.31
C TYR K 52 6.79 10.51 55.05
N SER K 53 7.21 11.34 56.01
CA SER K 53 8.47 12.06 55.88
C SER K 53 9.62 11.12 55.57
N LYS K 54 9.76 10.08 56.39
CA LYS K 54 10.88 9.15 56.23
C LYS K 54 10.92 8.59 54.82
N TRP K 55 9.78 8.14 54.33
CA TRP K 55 9.77 7.57 53.00
C TRP K 55 9.92 8.59 51.92
N LEU K 56 9.38 9.79 52.17
CA LEU K 56 9.61 10.86 51.22
C LEU K 56 11.09 11.16 51.09
N ASN K 57 11.80 11.10 52.21
CA ASN K 57 13.22 11.36 52.13
C ASN K 57 13.94 10.27 51.36
N LYS K 58 13.54 9.03 51.60
CA LYS K 58 14.15 7.93 50.88
C LYS K 58 13.92 8.21 49.43
N HIS K 59 12.67 8.49 49.10
CA HIS K 59 12.33 8.74 47.73
C HIS K 59 13.24 9.74 47.03
N SER K 60 13.39 10.92 47.64
CA SER K 60 14.20 11.92 46.96
C SER K 60 15.63 11.51 46.83
N SER K 61 16.14 10.83 47.84
CA SER K 61 17.54 10.50 47.79
C SER K 61 17.78 9.45 46.74
N ILE K 62 16.84 8.52 46.59
CA ILE K 62 17.06 7.54 45.54
C ILE K 62 17.09 8.20 44.18
N LYS K 63 16.15 9.09 43.91
CA LYS K 63 16.16 9.73 42.60
C LYS K 63 17.47 10.47 42.37
N LYS K 64 17.99 11.08 43.44
CA LYS K 64 19.23 11.82 43.33
C LYS K 64 20.37 10.91 42.88
N GLU K 65 20.45 9.74 43.50
CA GLU K 65 21.49 8.81 43.12
C GLU K 65 21.31 8.42 41.66
N MET K 66 20.09 8.07 41.27
CA MET K 66 19.85 7.64 39.91
C MET K 66 20.26 8.71 38.92
N LEU K 67 20.01 9.97 39.26
CA LEU K 67 20.38 11.06 38.35
C LEU K 67 21.87 11.09 38.06
N ARG K 68 22.67 10.84 39.10
CA ARG K 68 24.11 10.83 38.94
C ARG K 68 24.47 9.68 38.03
N ILE K 69 23.88 8.51 38.30
CA ILE K 69 24.19 7.35 37.52
C ILE K 69 23.71 7.58 36.10
N GLU K 70 22.56 8.24 35.96
CA GLU K 70 22.06 8.54 34.61
C GLU K 70 23.05 9.39 33.82
N ALA K 71 23.70 10.33 34.48
CA ALA K 71 24.67 11.14 33.78
C ALA K 71 25.81 10.27 33.28
N GLN K 72 26.29 9.38 34.15
CA GLN K 72 27.34 8.47 33.77
C GLN K 72 26.93 7.65 32.55
N LYS K 73 25.67 7.23 32.51
CA LYS K 73 25.23 6.38 31.41
C LYS K 73 25.32 7.14 30.10
N LYS K 74 24.95 8.42 30.13
CA LYS K 74 25.01 9.22 28.92
C LYS K 74 26.41 9.29 28.36
N VAL K 75 27.39 9.32 29.25
CA VAL K 75 28.77 9.42 28.80
C VAL K 75 29.17 8.08 28.25
N ALA K 76 28.77 7.03 28.95
CA ALA K 76 29.11 5.71 28.51
C ALA K 76 28.55 5.52 27.11
N LEU K 77 27.32 5.98 26.89
CA LEU K 77 26.71 5.78 25.58
C LEU K 77 27.53 6.46 24.50
N LYS K 78 27.99 7.68 24.79
CA LYS K 78 28.75 8.40 23.80
C LYS K 78 30.04 7.67 23.51
N ALA K 79 30.70 7.21 24.57
CA ALA K 79 31.93 6.47 24.36
C ALA K 79 31.68 5.24 23.52
N ARG K 80 30.61 4.51 23.81
CA ARG K 80 30.38 3.30 23.04
C ARG K 80 30.00 3.67 21.62
N LEU K 81 29.24 4.74 21.45
CA LEU K 81 28.91 5.16 20.09
C LEU K 81 30.18 5.40 19.31
N ASP K 82 31.14 6.09 19.91
CA ASP K 82 32.40 6.34 19.22
C ASP K 82 33.05 5.02 18.85
N TYR K 83 33.15 4.14 19.84
CA TYR K 83 33.69 2.80 19.64
C TYR K 83 33.05 2.19 18.40
N TYR K 84 31.71 2.16 18.40
CA TYR K 84 30.99 1.49 17.32
C TYR K 84 31.10 2.25 16.01
N SER K 85 31.23 3.57 16.06
CA SER K 85 31.32 4.34 14.82
C SER K 85 32.73 4.36 14.24
N GLY K 86 33.69 3.86 15.00
CA GLY K 86 35.04 3.71 14.49
C GLY K 86 35.89 4.92 14.82
N ARG K 87 35.30 5.86 15.57
CA ARG K 87 36.00 7.07 15.98
C ARG K 87 36.82 6.83 17.24
N MET K 95 36.97 0.63 15.65
CA MET K 95 37.63 -0.56 16.23
C MET K 95 36.78 -1.82 15.98
N ASP K 96 35.68 -1.64 15.24
CA ASP K 96 34.74 -2.71 14.89
C ASP K 96 33.80 -2.27 13.76
N ARG K 97 33.31 -3.17 12.90
CA ARG K 97 32.39 -2.66 11.90
C ARG K 97 30.90 -3.06 12.13
N TYR K 98 30.24 -2.08 12.75
CA TYR K 98 28.81 -2.06 13.14
C TYR K 98 27.82 -1.53 12.08
N ALA K 99 26.71 -2.23 11.82
CA ALA K 99 25.77 -1.72 10.80
C ALA K 99 25.15 -0.43 11.37
N ALA K 100 24.87 0.57 10.53
CA ALA K 100 24.36 1.86 11.04
C ALA K 100 23.03 1.84 11.78
N ALA K 101 22.07 1.08 11.26
CA ALA K 101 20.75 0.91 11.83
C ALA K 101 20.77 0.14 13.14
N GLU K 102 21.77 -0.72 13.21
CA GLU K 102 21.94 -1.67 14.30
C GLU K 102 22.60 -1.09 15.52
N MET K 103 23.26 0.06 15.41
CA MET K 103 24.04 0.56 16.53
C MET K 103 23.08 0.86 17.65
N LYS K 104 21.96 1.54 17.36
CA LYS K 104 21.02 1.85 18.42
C LYS K 104 20.64 0.52 19.08
N THR K 105 20.33 -0.48 18.24
CA THR K 105 20.01 -1.82 18.71
C THR K 105 21.20 -2.45 19.44
N VAL K 106 22.34 -2.45 18.75
CA VAL K 106 23.59 -3.08 19.19
C VAL K 106 24.22 -2.46 20.43
N LEU K 107 24.32 -1.14 20.41
CA LEU K 107 24.87 -0.44 21.55
C LEU K 107 24.08 -0.73 22.78
N SER K 108 22.74 -0.75 22.71
CA SER K 108 22.03 -1.06 23.93
C SER K 108 22.59 -2.34 24.58
N ALA K 109 23.10 -3.26 23.75
CA ALA K 109 23.68 -4.50 24.26
C ALA K 109 25.11 -4.34 24.81
N ASP K 110 25.72 -3.16 24.64
CA ASP K 110 27.11 -2.94 25.06
C ASP K 110 27.33 -3.31 26.52
N LYS K 111 28.34 -4.13 26.78
CA LYS K 111 28.64 -4.58 28.15
C LYS K 111 28.59 -3.47 29.20
N ASP K 112 29.37 -2.41 28.97
CA ASP K 112 29.45 -1.28 29.90
C ASP K 112 28.13 -0.51 29.97
N VAL K 113 27.57 -0.24 28.80
CA VAL K 113 26.29 0.45 28.71
C VAL K 113 25.23 -0.38 29.39
N LEU K 114 25.23 -1.68 29.09
CA LEU K 114 24.26 -2.57 29.71
C LEU K 114 24.38 -2.56 31.23
N LYS K 115 25.60 -2.53 31.75
CA LYS K 115 25.79 -2.52 33.20
C LYS K 115 25.26 -1.25 33.85
N VAL K 116 25.66 -0.10 33.30
CA VAL K 116 25.24 1.16 33.90
C VAL K 116 23.74 1.38 33.77
N ASP K 117 23.19 1.00 32.61
CA ASP K 117 21.75 1.10 32.40
C ASP K 117 20.98 0.18 33.33
N THR K 118 21.50 -1.05 33.48
CA THR K 118 20.90 -2.05 34.35
C THR K 118 20.77 -1.49 35.75
N SER K 119 21.88 -0.96 36.26
CA SER K 119 21.92 -0.26 37.54
C SER K 119 20.85 0.84 37.61
N LEU K 120 20.88 1.74 36.64
CA LEU K 120 19.93 2.86 36.60
C LEU K 120 18.48 2.38 36.67
N GLN K 121 18.16 1.32 35.92
CA GLN K 121 16.81 0.78 35.89
C GLN K 121 16.49 0.19 37.27
N TYR K 122 17.50 -0.36 37.92
CA TYR K 122 17.32 -0.96 39.24
C TYR K 122 16.86 0.12 40.20
N TRP K 123 17.57 1.25 40.18
CA TRP K 123 17.20 2.37 41.04
C TRP K 123 15.80 2.84 40.67
N GLY K 124 15.47 2.78 39.38
CA GLY K 124 14.12 3.13 38.92
C GLY K 124 13.06 2.26 39.60
N ILE K 125 13.42 0.99 39.80
CA ILE K 125 12.53 0.04 40.45
C ILE K 125 12.34 0.39 41.91
N LEU K 126 13.44 0.75 42.55
CA LEU K 126 13.39 1.22 43.92
C LEU K 126 12.49 2.46 44.06
N LEU K 127 12.70 3.43 43.18
CA LEU K 127 11.88 4.63 43.13
C LEU K 127 10.39 4.35 42.99
N ASP K 128 10.04 3.39 42.12
CA ASP K 128 8.62 3.06 41.92
C ASP K 128 8.07 2.45 43.20
N PHE K 129 8.93 1.71 43.88
CA PHE K 129 8.54 1.12 45.15
C PHE K 129 8.26 2.22 46.17
N CYS K 130 9.12 3.23 46.22
CA CYS K 130 8.92 4.32 47.18
C CYS K 130 7.67 5.16 46.90
N SER K 131 7.34 5.36 45.62
CA SER K 131 6.08 6.03 45.26
C SER K 131 4.88 5.25 45.79
N GLY K 132 4.96 3.93 45.60
CA GLY K 132 3.95 3.04 46.16
C GLY K 132 3.88 3.16 47.66
N ALA K 133 5.05 3.22 48.32
CA ALA K 133 5.11 3.40 49.76
C ALA K 133 4.38 4.66 50.20
N LEU K 134 4.62 5.79 49.53
CA LEU K 134 3.94 7.03 49.94
C LEU K 134 2.41 6.91 49.76
N ASP K 135 1.99 6.22 48.70
CA ASP K 135 0.56 5.95 48.49
C ASP K 135 -0.01 5.15 49.67
N ALA K 136 0.80 4.18 50.09
CA ALA K 136 0.47 3.28 51.17
C ALA K 136 0.29 4.05 52.47
N ILE K 137 1.23 4.91 52.82
CA ILE K 137 1.14 5.64 54.08
C ILE K 137 -0.07 6.56 54.07
N LYS K 138 -0.33 7.18 52.92
CA LYS K 138 -1.50 8.05 52.79
C LYS K 138 -2.80 7.30 53.09
N SER K 139 -2.84 6.05 52.63
CA SER K 139 -4.08 5.36 52.83
C SER K 139 -4.11 4.70 54.19
N ARG K 140 -2.94 4.39 54.75
CA ARG K 140 -2.94 3.86 56.10
C ARG K 140 -3.53 4.94 57.00
N GLY K 141 -3.14 6.20 56.73
CA GLY K 141 -3.69 7.34 57.46
C GLY K 141 -5.20 7.43 57.36
N PHE K 142 -5.71 7.04 56.19
CA PHE K 142 -7.16 7.08 56.04
C PHE K 142 -7.78 5.93 56.84
N ALA K 143 -7.19 4.75 56.71
CA ALA K 143 -7.66 3.56 57.43
C ALA K 143 -7.69 3.83 58.94
N ILE K 144 -6.68 4.55 59.42
CA ILE K 144 -6.60 4.93 60.82
C ILE K 144 -7.80 5.76 61.20
N LYS K 145 -8.10 6.77 60.38
CA LYS K 145 -9.27 7.59 60.71
C LYS K 145 -10.55 6.74 60.73
N HIS K 146 -10.69 5.87 59.72
CA HIS K 146 -11.83 4.98 59.64
C HIS K 146 -12.00 4.10 60.88
N ILE K 147 -10.89 3.51 61.33
CA ILE K 147 -10.92 2.62 62.49
C ILE K 147 -11.27 3.37 63.78
N GLN K 148 -10.66 4.54 63.95
CA GLN K 148 -11.02 5.45 65.05
C GLN K 148 -12.53 5.68 65.08
N ASP K 149 -13.10 5.87 63.89
CA ASP K 149 -14.52 6.09 63.80
C ASP K 149 -15.31 4.85 64.15
N MET K 150 -14.84 3.68 63.71
CA MET K 150 -15.56 2.46 64.06
C MET K 150 -15.51 2.28 65.58
N ARG K 151 -14.49 2.85 66.21
CA ARG K 151 -14.42 2.74 67.66
C ARG K 151 -15.52 3.61 68.25
N ALA K 152 -15.59 4.85 67.77
CA ALA K 152 -16.66 5.74 68.25
C ALA K 152 -18.06 5.16 68.00
N PHE K 153 -18.17 4.36 66.95
CA PHE K 153 -19.43 3.69 66.60
C PHE K 153 -19.77 2.62 67.63
N GLU K 154 -18.74 1.87 68.03
CA GLU K 154 -18.92 0.82 69.03
C GLU K 154 -19.34 1.37 70.40
N ALA K 155 -18.65 2.42 70.85
CA ALA K 155 -19.02 3.21 72.02
C ALA K 155 -20.53 3.27 72.29
N MET L 21 7.40 -18.87 39.08
CA MET L 21 6.14 -18.36 39.62
C MET L 21 4.99 -18.71 38.69
N ARG L 22 3.80 -18.93 39.25
CA ARG L 22 2.63 -19.22 38.42
C ARG L 22 1.51 -18.17 38.52
N LEU L 23 0.91 -17.87 37.37
CA LEU L 23 -0.14 -16.86 37.27
C LEU L 23 -1.42 -17.26 38.01
N GLU L 24 -1.77 -18.53 37.91
CA GLU L 24 -2.98 -19.07 38.53
C GLU L 24 -3.01 -18.86 40.04
N ASP L 25 -1.84 -18.94 40.66
CA ASP L 25 -1.75 -18.81 42.11
C ASP L 25 -1.94 -17.36 42.54
N LEU L 26 -1.51 -16.43 41.70
CA LEU L 26 -1.77 -15.01 41.96
C LEU L 26 -3.23 -14.67 41.74
N GLN L 27 -3.83 -15.23 40.70
CA GLN L 27 -5.26 -15.07 40.46
C GLN L 27 -6.09 -15.56 41.66
N GLU L 28 -5.76 -16.76 42.13
CA GLU L 28 -6.41 -17.38 43.28
C GLU L 28 -6.18 -16.61 44.58
N GLU L 29 -4.96 -16.10 44.73
CA GLU L 29 -4.57 -15.37 45.93
C GLU L 29 -5.34 -14.07 45.99
N LEU L 30 -5.37 -13.35 44.88
CA LEU L 30 -6.08 -12.08 44.83
C LEU L 30 -7.54 -12.37 45.12
N LYS L 31 -8.06 -13.44 44.50
CA LYS L 31 -9.46 -13.85 44.67
C LYS L 31 -9.79 -13.99 46.16
N LYS L 32 -8.94 -14.73 46.87
CA LYS L 32 -9.08 -14.94 48.31
C LYS L 32 -8.98 -13.62 49.08
N ASP L 33 -8.08 -12.76 48.61
CA ASP L 33 -7.71 -11.52 49.29
C ASP L 33 -8.86 -10.52 49.30
N VAL L 34 -9.58 -10.43 48.18
CA VAL L 34 -10.60 -9.40 48.03
C VAL L 34 -11.90 -9.69 48.79
N PHE L 35 -12.12 -10.94 49.18
CA PHE L 35 -13.32 -11.29 49.95
C PHE L 35 -13.36 -10.53 51.27
N ILE L 36 -14.53 -10.02 51.65
CA ILE L 36 -14.65 -9.21 52.86
C ILE L 36 -15.47 -9.85 53.99
N ASP L 37 -14.85 -9.96 55.16
CA ASP L 37 -15.50 -10.40 56.40
C ASP L 37 -16.17 -9.20 57.02
N SER L 38 -17.49 -9.10 56.95
CA SER L 38 -18.11 -7.88 57.47
C SER L 38 -17.90 -7.60 58.97
N THR L 39 -17.70 -8.62 59.79
CA THR L 39 -17.58 -8.32 61.21
C THR L 39 -16.14 -7.95 61.49
N LYS L 40 -15.32 -8.22 60.53
CA LYS L 40 -14.00 -7.93 60.94
C LYS L 40 -13.70 -6.92 59.95
N LEU L 41 -14.74 -6.07 59.87
CA LEU L 41 -14.67 -4.95 59.01
C LEU L 41 -13.59 -4.30 59.77
N GLN L 42 -13.63 -4.42 61.12
CA GLN L 42 -12.50 -3.69 61.73
C GLN L 42 -11.14 -4.30 61.45
N TYR L 43 -11.07 -5.61 61.57
CA TYR L 43 -9.85 -6.32 61.27
C TYR L 43 -9.49 -6.09 59.81
N GLU L 44 -10.49 -6.22 58.93
CA GLU L 44 -10.17 -6.12 57.52
C GLU L 44 -9.59 -4.77 57.15
N ALA L 45 -9.99 -3.70 57.85
CA ALA L 45 -9.42 -2.40 57.48
C ALA L 45 -7.92 -2.38 57.67
N ALA L 46 -7.44 -2.98 58.75
CA ALA L 46 -6.01 -2.96 58.98
C ALA L 46 -5.37 -3.95 58.04
N ASN L 47 -6.02 -5.09 57.87
CA ASN L 47 -5.47 -6.12 57.01
C ASN L 47 -5.46 -5.58 55.59
N ASN L 48 -6.36 -4.64 55.29
CA ASN L 48 -6.35 -4.13 53.93
C ASN L 48 -5.04 -3.45 53.61
N VAL L 49 -4.53 -2.65 54.53
CA VAL L 49 -3.26 -1.99 54.25
C VAL L 49 -2.13 -3.00 54.16
N MET L 50 -2.27 -4.09 54.89
CA MET L 50 -1.22 -5.10 54.86
C MET L 50 -1.19 -5.77 53.51
N LEU L 51 -2.36 -5.86 52.89
CA LEU L 51 -2.43 -6.51 51.59
C LEU L 51 -1.70 -5.63 50.63
N TYR L 52 -1.93 -4.33 50.75
CA TYR L 52 -1.28 -3.41 49.85
C TYR L 52 0.22 -3.67 49.88
N SER L 53 0.80 -3.70 51.09
CA SER L 53 2.22 -3.99 51.20
C SER L 53 2.59 -5.28 50.50
N LYS L 54 1.88 -6.35 50.83
CA LYS L 54 2.21 -7.65 50.28
C LYS L 54 2.23 -7.62 48.76
N TRP L 55 1.20 -7.03 48.17
CA TRP L 55 1.16 -7.00 46.72
C TRP L 55 2.12 -6.03 46.12
N LEU L 56 2.38 -4.93 46.81
CA LEU L 56 3.40 -4.04 46.34
C LEU L 56 4.73 -4.76 46.29
N ASN L 57 4.99 -5.60 47.28
CA ASN L 57 6.23 -6.33 47.27
C ASN L 57 6.29 -7.31 46.13
N LYS L 58 5.18 -7.99 45.89
CA LYS L 58 5.11 -8.92 44.79
C LYS L 58 5.43 -8.12 43.56
N HIS L 59 4.72 -7.02 43.41
CA HIS L 59 4.90 -6.16 42.27
C HIS L 59 6.36 -5.85 41.99
N SER L 60 7.05 -5.34 43.00
CA SER L 60 8.43 -4.96 42.73
C SER L 60 9.31 -6.13 42.36
N SER L 61 9.07 -7.27 42.99
CA SER L 61 9.96 -8.37 42.71
C SER L 61 9.74 -8.88 41.30
N ILE L 62 8.49 -8.88 40.84
CA ILE L 62 8.32 -9.31 39.47
C ILE L 62 9.04 -8.39 38.50
N LYS L 63 8.90 -7.08 38.68
CA LYS L 63 9.57 -6.19 37.75
C LYS L 63 11.07 -6.42 37.77
N LYS L 64 11.60 -6.69 38.97
CA LYS L 64 13.03 -6.92 39.10
C LYS L 64 13.45 -8.09 38.27
N GLU L 65 12.70 -9.18 38.36
CA GLU L 65 13.03 -10.35 37.58
C GLU L 65 12.98 -10.00 36.11
N MET L 66 11.91 -9.33 35.69
CA MET L 66 11.79 -9.02 34.28
C MET L 66 12.98 -8.19 33.80
N LEU L 67 13.44 -7.26 34.64
CA LEU L 67 14.59 -6.46 34.23
C LEU L 67 15.83 -7.31 33.95
N ARG L 68 16.03 -8.30 34.80
CA ARG L 68 17.17 -9.20 34.65
C ARG L 68 17.00 -10.01 33.38
N ILE L 69 15.80 -10.55 33.16
CA ILE L 69 15.58 -11.35 31.98
C ILE L 69 15.71 -10.46 30.77
N GLU L 70 15.22 -9.21 30.89
CA GLU L 70 15.35 -8.28 29.79
C GLU L 70 16.79 -8.04 29.41
N ALA L 71 17.67 -7.98 30.41
CA ALA L 71 19.07 -7.78 30.11
C ALA L 71 19.59 -8.96 29.30
N GLN L 72 19.25 -10.17 29.73
CA GLN L 72 19.65 -11.35 28.99
C GLN L 72 19.15 -11.26 27.55
N LYS L 73 17.92 -10.77 27.39
CA LYS L 73 17.35 -10.73 26.05
C LYS L 73 18.15 -9.78 25.19
N LYS L 74 18.55 -8.66 25.75
CA LYS L 74 19.32 -7.71 24.97
C LYS L 74 20.60 -8.32 24.44
N VAL L 75 21.20 -9.20 25.25
CA VAL L 75 22.45 -9.81 24.83
C VAL L 75 22.14 -10.83 23.77
N ALA L 76 21.07 -11.58 23.99
CA ALA L 76 20.69 -12.60 23.05
C ALA L 76 20.43 -11.92 21.71
N LEU L 77 19.78 -10.75 21.74
CA LEU L 77 19.46 -10.07 20.49
C LEU L 77 20.73 -9.74 19.73
N LYS L 78 21.74 -9.27 20.44
CA LYS L 78 22.97 -8.89 19.78
C LYS L 78 23.59 -10.12 19.14
N ALA L 79 23.60 -11.22 19.88
CA ALA L 79 24.13 -12.47 19.36
C ALA L 79 23.40 -12.88 18.09
N ARG L 80 22.07 -12.79 18.11
CA ARG L 80 21.33 -13.23 16.95
C ARG L 80 21.58 -12.29 15.80
N LEU L 81 21.71 -11.00 16.09
CA LEU L 81 22.03 -10.06 15.03
C LEU L 81 23.32 -10.48 14.34
N ASP L 82 24.31 -10.85 15.14
CA ASP L 82 25.58 -11.29 14.57
C ASP L 82 25.32 -12.48 13.68
N TYR L 83 24.61 -13.47 14.23
CA TYR L 83 24.23 -14.65 13.50
C TYR L 83 23.67 -14.26 12.14
N TYR L 84 22.66 -13.40 12.13
CA TYR L 84 21.99 -13.06 10.88
C TYR L 84 22.88 -12.21 9.96
N SER L 85 23.76 -11.40 10.54
CA SER L 85 24.63 -10.55 9.72
C SER L 85 25.88 -11.23 9.17
N GLY L 86 26.16 -12.45 9.63
CA GLY L 86 27.24 -13.23 9.06
C GLY L 86 28.52 -13.00 9.86
N ARG L 87 28.40 -12.25 10.95
CA ARG L 87 29.55 -11.98 11.82
C ARG L 87 29.76 -13.09 12.84
N ARG L 97 20.10 -16.09 2.45
CA ARG L 97 20.58 -14.73 2.35
C ARG L 97 19.55 -13.79 2.98
N TYR L 98 19.76 -13.41 4.24
CA TYR L 98 18.77 -12.50 4.82
C TYR L 98 18.93 -10.97 4.68
N ALA L 99 17.80 -10.40 4.30
CA ALA L 99 17.53 -8.98 4.06
C ALA L 99 17.55 -8.18 5.37
N ALA L 100 17.97 -6.92 5.36
CA ALA L 100 18.05 -6.18 6.63
C ALA L 100 16.65 -6.08 7.24
N ALA L 101 15.64 -5.88 6.39
CA ALA L 101 14.28 -5.82 6.88
C ALA L 101 13.94 -7.24 7.32
N GLU L 102 14.59 -8.20 6.67
CA GLU L 102 14.25 -9.57 6.96
C GLU L 102 15.08 -9.85 8.20
N MET L 103 16.09 -9.01 8.44
CA MET L 103 17.00 -9.27 9.54
C MET L 103 16.07 -9.06 10.72
N LYS L 104 15.34 -7.95 10.63
CA LYS L 104 14.38 -7.54 11.67
C LYS L 104 13.37 -8.66 11.92
N THR L 105 12.84 -9.19 10.82
CA THR L 105 11.87 -10.29 10.86
C THR L 105 12.43 -11.55 11.52
N VAL L 106 13.60 -11.98 11.05
CA VAL L 106 14.22 -13.22 11.46
C VAL L 106 14.57 -13.11 12.92
N LEU L 107 15.22 -12.01 13.33
CA LEU L 107 15.52 -11.91 14.73
C LEU L 107 14.24 -11.94 15.53
N SER L 108 13.19 -11.22 15.12
CA SER L 108 11.98 -11.37 15.94
C SER L 108 11.55 -12.84 16.05
N ALA L 109 11.83 -13.62 14.98
CA ALA L 109 11.51 -15.04 14.92
C ALA L 109 12.51 -16.03 15.52
N ASP L 110 13.68 -15.54 15.94
CA ASP L 110 14.74 -16.43 16.46
C ASP L 110 14.30 -17.30 17.61
N LYS L 111 14.53 -18.61 17.50
CA LYS L 111 14.12 -19.54 18.55
C LYS L 111 14.46 -19.13 19.99
N ASP L 112 15.74 -18.84 20.21
CA ASP L 112 16.24 -18.43 21.53
C ASP L 112 15.70 -17.09 21.97
N VAL L 113 15.74 -16.13 21.05
CA VAL L 113 15.21 -14.80 21.28
C VAL L 113 13.73 -14.91 21.57
N LEU L 114 13.02 -15.68 20.76
CA LEU L 114 11.59 -15.88 20.94
C LEU L 114 11.30 -16.45 22.34
N LYS L 115 12.13 -17.39 22.79
CA LYS L 115 11.93 -17.99 24.10
C LYS L 115 12.12 -16.98 25.25
N VAL L 116 13.24 -16.26 25.21
CA VAL L 116 13.54 -15.30 26.28
C VAL L 116 12.54 -14.16 26.29
N ASP L 117 12.16 -13.71 25.10
CA ASP L 117 11.17 -12.66 24.97
C ASP L 117 9.81 -13.13 25.48
N THR L 118 9.46 -14.37 25.14
CA THR L 118 8.20 -14.95 25.60
C THR L 118 8.12 -14.91 27.11
N SER L 119 9.17 -15.40 27.75
CA SER L 119 9.31 -15.30 29.21
C SER L 119 9.14 -13.87 29.70
N LEU L 120 9.93 -12.96 29.15
CA LEU L 120 9.91 -11.56 29.53
C LEU L 120 8.50 -10.96 29.44
N GLN L 121 7.81 -11.28 28.35
CA GLN L 121 6.47 -10.76 28.13
C GLN L 121 5.53 -11.35 29.17
N TYR L 122 5.80 -12.60 29.54
CA TYR L 122 4.98 -13.30 30.53
C TYR L 122 5.07 -12.54 31.84
N TRP L 123 6.29 -12.21 32.24
CA TRP L 123 6.49 -11.44 33.45
C TRP L 123 5.80 -10.09 33.32
N GLY L 124 5.81 -9.52 32.12
CA GLY L 124 5.10 -8.27 31.89
C GLY L 124 3.62 -8.43 32.20
N ILE L 125 3.09 -9.62 31.90
CA ILE L 125 1.68 -9.94 32.16
C ILE L 125 1.41 -10.05 33.65
N LEU L 126 2.32 -10.71 34.34
CA LEU L 126 2.26 -10.79 35.78
C LEU L 126 2.25 -9.39 36.39
N LEU L 127 3.19 -8.55 35.95
CA LEU L 127 3.25 -7.16 36.39
C LEU L 127 1.95 -6.38 36.18
N ASP L 128 1.31 -6.58 35.03
CA ASP L 128 0.05 -5.88 34.75
C ASP L 128 -1.05 -6.36 35.68
N PHE L 129 -0.98 -7.65 36.01
CA PHE L 129 -1.92 -8.24 36.93
C PHE L 129 -1.75 -7.64 38.31
N CYS L 130 -0.49 -7.48 38.73
CA CYS L 130 -0.21 -6.91 40.04
C CYS L 130 -0.65 -5.45 40.14
N SER L 131 -0.49 -4.69 39.06
CA SER L 131 -1.00 -3.32 38.99
C SER L 131 -2.51 -3.26 39.21
N GLY L 132 -3.20 -4.18 38.53
CA GLY L 132 -4.63 -4.33 38.72
C GLY L 132 -4.95 -4.66 40.16
N ALA L 133 -4.18 -5.57 40.74
CA ALA L 133 -4.33 -5.94 42.14
C ALA L 133 -4.22 -4.73 43.09
N LEU L 134 -3.21 -3.88 42.91
CA LEU L 134 -3.06 -2.72 43.79
C LEU L 134 -4.25 -1.75 43.65
N ASP L 135 -4.74 -1.61 42.42
CA ASP L 135 -5.94 -0.80 42.18
C ASP L 135 -7.11 -1.36 42.97
N ALA L 136 -7.18 -2.69 42.94
CA ALA L 136 -8.23 -3.46 43.59
C ALA L 136 -8.19 -3.22 45.09
N ILE L 137 -7.02 -3.36 45.71
CA ILE L 137 -6.95 -3.18 47.16
C ILE L 137 -7.31 -1.74 47.55
N LYS L 138 -6.85 -0.77 46.76
CA LYS L 138 -7.19 0.64 47.03
C LYS L 138 -8.70 0.87 47.05
N SER L 139 -9.38 0.18 46.15
CA SER L 139 -10.81 0.44 46.09
C SER L 139 -11.52 -0.46 47.09
N ARG L 140 -10.93 -1.59 47.45
CA ARG L 140 -11.55 -2.40 48.49
C ARG L 140 -11.57 -1.55 49.76
N GLY L 141 -10.48 -0.83 50.01
CA GLY L 141 -10.40 0.07 51.15
C GLY L 141 -11.49 1.13 51.14
N PHE L 142 -11.83 1.56 49.93
CA PHE L 142 -12.92 2.54 49.83
C PHE L 142 -14.26 1.86 50.11
N ALA L 143 -14.48 0.69 49.50
CA ALA L 143 -15.71 -0.07 49.70
C ALA L 143 -15.94 -0.33 51.18
N ILE L 144 -14.87 -0.63 51.91
CA ILE L 144 -14.93 -0.86 53.35
C ILE L 144 -15.46 0.37 54.08
N LYS L 145 -14.90 1.53 53.75
CA LYS L 145 -15.38 2.74 54.44
C LYS L 145 -16.87 2.93 54.12
N HIS L 146 -17.21 2.72 52.85
CA HIS L 146 -18.60 2.81 52.41
C HIS L 146 -19.54 1.90 53.19
N ILE L 147 -19.15 0.64 53.40
CA ILE L 147 -19.99 -0.30 54.12
C ILE L 147 -20.18 0.07 55.59
N GLN L 148 -19.09 0.46 56.25
CA GLN L 148 -19.20 1.00 57.62
C GLN L 148 -20.25 2.10 57.69
N ASP L 149 -20.22 2.96 56.67
CA ASP L 149 -21.18 4.05 56.63
C ASP L 149 -22.59 3.53 56.38
N MET L 150 -22.76 2.54 55.52
CA MET L 150 -24.11 2.04 55.31
C MET L 150 -24.64 1.40 56.59
N ARG L 151 -23.76 0.94 57.46
CA ARG L 151 -24.27 0.37 58.71
C ARG L 151 -24.76 1.51 59.58
N ALA L 152 -23.95 2.56 59.71
CA ALA L 152 -24.41 3.69 60.51
C ALA L 152 -25.72 4.27 59.96
N PHE L 153 -25.93 4.12 58.65
CA PHE L 153 -27.15 4.55 58.00
C PHE L 153 -28.33 3.69 58.43
N GLU L 154 -28.09 2.38 58.52
CA GLU L 154 -29.12 1.44 58.95
C GLU L 154 -29.56 1.66 60.39
N ALA L 155 -28.60 1.80 61.30
CA ALA L 155 -28.83 2.22 62.68
C ALA L 155 -30.06 3.13 62.88
N MET M 21 -13.75 -19.09 24.24
CA MET M 21 -14.59 -17.99 24.73
C MET M 21 -15.20 -17.22 23.57
N ARG M 22 -16.40 -16.69 23.80
CA ARG M 22 -17.10 -15.87 22.81
C ARG M 22 -17.31 -14.46 23.35
N LEU M 23 -17.13 -13.46 22.50
CA LEU M 23 -17.25 -12.08 22.95
C LEU M 23 -18.68 -11.77 23.38
N GLU M 24 -19.65 -12.29 22.65
CA GLU M 24 -21.07 -12.05 22.95
C GLU M 24 -21.43 -12.53 24.35
N ASP M 25 -20.79 -13.63 24.76
CA ASP M 25 -21.05 -14.27 26.05
C ASP M 25 -20.46 -13.45 27.19
N LEU M 26 -19.36 -12.78 26.88
CA LEU M 26 -18.74 -11.85 27.81
C LEU M 26 -19.63 -10.62 27.92
N GLN M 27 -20.20 -10.20 26.79
CA GLN M 27 -21.17 -9.11 26.79
C GLN M 27 -22.35 -9.42 27.71
N GLU M 28 -22.91 -10.62 27.59
CA GLU M 28 -24.03 -11.05 28.43
C GLU M 28 -23.63 -11.15 29.90
N GLU M 29 -22.40 -11.62 30.14
CA GLU M 29 -21.91 -11.79 31.50
C GLU M 29 -21.75 -10.42 32.16
N LEU M 30 -21.12 -9.49 31.45
CA LEU M 30 -20.93 -8.16 32.00
C LEU M 30 -22.30 -7.55 32.25
N LYS M 31 -23.21 -7.73 31.28
CA LYS M 31 -24.58 -7.22 31.38
C LYS M 31 -25.20 -7.65 32.69
N LYS M 32 -25.12 -8.95 32.98
CA LYS M 32 -25.65 -9.48 34.24
C LYS M 32 -24.94 -8.86 35.44
N ASP M 33 -23.63 -8.67 35.30
CA ASP M 33 -22.79 -8.24 36.41
C ASP M 33 -23.10 -6.81 36.86
N VAL M 34 -23.33 -5.93 35.88
CA VAL M 34 -23.51 -4.51 36.14
C VAL M 34 -24.86 -4.13 36.74
N PHE M 35 -25.85 -5.01 36.61
CA PHE M 35 -27.18 -4.75 37.18
C PHE M 35 -27.09 -4.58 38.69
N ILE M 36 -27.82 -3.59 39.22
CA ILE M 36 -27.74 -3.30 40.65
C ILE M 36 -29.01 -3.59 41.44
N ASP M 37 -28.86 -4.40 42.48
CA ASP M 37 -29.88 -4.71 43.48
C ASP M 37 -29.86 -3.62 44.53
N SER M 38 -30.83 -2.71 44.52
CA SER M 38 -30.73 -1.61 45.48
C SER M 38 -30.72 -2.01 46.96
N THR M 39 -31.32 -3.13 47.34
CA THR M 39 -31.35 -3.42 48.77
C THR M 39 -30.06 -4.13 49.13
N LYS M 40 -29.37 -4.53 48.12
CA LYS M 40 -28.26 -5.25 48.57
C LYS M 40 -27.21 -4.41 48.04
N LEU M 41 -27.50 -3.13 48.31
CA LEU M 41 -26.60 -2.10 47.94
C LEU M 41 -25.54 -2.55 48.88
N GLN M 42 -25.94 -3.04 50.09
CA GLN M 42 -24.75 -3.40 50.90
C GLN M 42 -23.99 -4.59 50.36
N TYR M 43 -24.73 -5.62 49.99
CA TYR M 43 -24.13 -6.79 49.40
C TYR M 43 -23.41 -6.39 48.13
N GLU M 44 -24.07 -5.59 47.30
CA GLU M 44 -23.47 -5.26 46.02
C GLU M 44 -22.15 -4.55 46.18
N ALA M 45 -22.00 -3.75 47.23
CA ALA M 45 -20.71 -3.06 47.37
C ALA M 45 -19.57 -4.05 47.50
N ALA M 46 -19.79 -5.12 48.27
CA ALA M 46 -18.73 -6.08 48.44
C ALA M 46 -18.61 -6.90 47.18
N ASN M 47 -19.76 -7.24 46.61
CA ASN M 47 -19.79 -8.05 45.41
C ASN M 47 -19.15 -7.23 44.30
N ASN M 48 -19.20 -5.91 44.41
CA ASN M 48 -18.62 -5.10 43.35
C ASN M 48 -17.12 -5.37 43.24
N VAL M 49 -16.45 -5.44 44.39
CA VAL M 49 -15.02 -5.72 44.34
C VAL M 49 -14.72 -7.11 43.80
N MET M 50 -15.65 -8.03 44.02
CA MET M 50 -15.43 -9.39 43.57
C MET M 50 -15.50 -9.44 42.06
N LEU M 51 -16.31 -8.54 41.48
CA LEU M 51 -16.43 -8.54 40.04
C LEU M 51 -15.11 -8.09 39.50
N TYR M 52 -14.53 -7.08 40.13
CA TYR M 52 -13.26 -6.57 39.66
C TYR M 52 -12.29 -7.74 39.53
N SER M 53 -12.15 -8.52 40.60
CA SER M 53 -11.27 -9.68 40.55
C SER M 53 -11.58 -10.60 39.38
N LYS M 54 -12.84 -10.99 39.26
CA LYS M 54 -13.22 -11.91 38.21
C LYS M 54 -12.78 -11.40 36.85
N TRP M 55 -13.09 -10.14 36.57
CA TRP M 55 -12.72 -9.62 35.26
C TRP M 55 -11.25 -9.37 35.15
N LEU M 56 -10.63 -8.99 36.26
CA LEU M 56 -9.19 -8.86 36.22
C LEU M 56 -8.55 -10.19 35.86
N ASN M 57 -9.09 -11.28 36.40
CA ASN M 57 -8.52 -12.57 36.06
C ASN M 57 -8.75 -12.90 34.62
N LYS M 58 -9.95 -12.58 34.15
CA LYS M 58 -10.29 -12.82 32.76
C LYS M 58 -9.30 -12.05 31.95
N HIS M 59 -9.15 -10.78 32.28
CA HIS M 59 -8.24 -9.93 31.54
C HIS M 59 -6.86 -10.54 31.37
N SER M 60 -6.25 -10.93 32.48
CA SER M 60 -4.89 -11.45 32.36
C SER M 60 -4.83 -12.71 31.56
N SER M 61 -5.85 -13.54 31.70
CA SER M 61 -5.78 -14.79 31.00
C SER M 61 -5.92 -14.57 29.51
N ILE M 62 -6.75 -13.60 29.11
CA ILE M 62 -6.83 -13.37 27.70
C ILE M 62 -5.51 -12.90 27.13
N LYS M 63 -4.86 -11.95 27.80
CA LYS M 63 -3.59 -11.47 27.27
C LYS M 63 -2.59 -12.62 27.17
N LYS M 64 -2.64 -13.51 28.14
CA LYS M 64 -1.73 -14.64 28.17
C LYS M 64 -1.90 -15.50 26.94
N GLU M 65 -3.14 -15.81 26.62
CA GLU M 65 -3.41 -16.61 25.45
C GLU M 65 -2.89 -15.89 24.23
N MET M 66 -3.21 -14.61 24.11
CA MET M 66 -2.78 -13.88 22.93
C MET M 66 -1.27 -13.90 22.80
N LEU M 67 -0.57 -13.80 23.92
CA LEU M 67 0.89 -13.84 23.86
C LEU M 67 1.40 -15.14 23.27
N ARG M 68 0.76 -16.24 23.64
CA ARG M 68 1.14 -17.54 23.13
C ARG M 68 0.86 -17.59 21.64
N ILE M 69 -0.31 -17.12 21.25
CA ILE M 69 -0.67 -17.16 19.86
C ILE M 69 0.27 -16.24 19.09
N GLU M 70 0.62 -15.12 19.70
CA GLU M 70 1.55 -14.21 19.05
C GLU M 70 2.89 -14.86 18.76
N ALA M 71 3.36 -15.71 19.67
CA ALA M 71 4.62 -16.40 19.41
C ALA M 71 4.48 -17.29 18.20
N GLN M 72 3.38 -18.03 18.14
CA GLN M 72 3.13 -18.89 17.01
C GLN M 72 3.12 -18.08 15.72
N LYS M 73 2.54 -16.89 15.78
CA LYS M 73 2.43 -16.08 14.58
C LYS M 73 3.82 -15.69 14.10
N LYS M 74 4.69 -15.36 15.04
CA LYS M 74 6.04 -14.97 14.68
C LYS M 74 6.74 -16.09 13.93
N VAL M 75 6.44 -17.32 14.32
CA VAL M 75 7.09 -18.45 13.70
C VAL M 75 6.49 -18.63 12.34
N ALA M 76 5.17 -18.49 12.28
CA ALA M 76 4.47 -18.65 11.02
C ALA M 76 5.05 -17.61 10.07
N LEU M 77 5.29 -16.40 10.56
CA LEU M 77 5.79 -15.34 9.69
C LEU M 77 7.13 -15.74 9.09
N LYS M 78 8.00 -16.31 9.91
CA LYS M 78 9.32 -16.67 9.43
C LYS M 78 9.19 -17.72 8.35
N ALA M 79 8.34 -18.71 8.58
CA ALA M 79 8.12 -19.74 7.59
C ALA M 79 7.63 -19.14 6.30
N ARG M 80 6.67 -18.21 6.39
CA ARG M 80 6.12 -17.64 5.18
C ARG M 80 7.16 -16.79 4.50
N LEU M 81 7.98 -16.11 5.30
CA LEU M 81 9.06 -15.33 4.71
C LEU M 81 9.94 -16.21 3.83
N ASP M 82 10.28 -17.39 4.33
CA ASP M 82 11.10 -18.31 3.55
C ASP M 82 10.39 -18.63 2.24
N TYR M 83 9.12 -19.03 2.36
CA TYR M 83 8.28 -19.32 1.22
C TYR M 83 8.44 -18.20 0.19
N TYR M 84 8.22 -16.98 0.64
CA TYR M 84 8.22 -15.83 -0.23
C TYR M 84 9.61 -15.51 -0.79
N SER M 85 10.66 -15.79 -0.03
CA SER M 85 12.00 -15.46 -0.52
C SER M 85 12.58 -16.50 -1.47
N GLY M 86 11.92 -17.65 -1.60
CA GLY M 86 12.31 -18.63 -2.58
C GLY M 86 13.24 -19.67 -2.00
N ARG M 87 13.50 -19.56 -0.69
CA ARG M 87 14.37 -20.50 0.00
C ARG M 87 13.61 -21.75 0.43
N ALA M 100 10.36 -6.60 -2.54
CA ALA M 100 10.36 -6.66 -1.09
C ALA M 100 9.07 -6.10 -0.50
N ALA M 101 8.57 -5.01 -1.08
CA ALA M 101 7.32 -4.42 -0.63
C ALA M 101 6.14 -5.32 -0.94
N GLU M 102 6.28 -6.11 -2.00
CA GLU M 102 5.14 -6.90 -2.39
C GLU M 102 5.23 -8.11 -1.49
N MET M 103 6.41 -8.32 -0.92
CA MET M 103 6.62 -9.51 -0.13
C MET M 103 5.71 -9.23 1.05
N LYS M 104 5.85 -8.00 1.55
CA LYS M 104 5.08 -7.52 2.70
C LYS M 104 3.58 -7.62 2.49
N THR M 105 3.13 -7.17 1.31
CA THR M 105 1.71 -7.26 0.99
C THR M 105 1.17 -8.69 0.93
N VAL M 106 1.86 -9.49 0.14
CA VAL M 106 1.41 -10.85 -0.11
C VAL M 106 1.47 -11.65 1.17
N LEU M 107 2.60 -11.58 1.87
CA LEU M 107 2.68 -12.30 3.11
C LEU M 107 1.64 -11.83 4.10
N SER M 108 1.41 -10.52 4.26
CA SER M 108 0.35 -10.14 5.20
C SER M 108 -0.95 -10.86 4.83
N ALA M 109 -1.09 -11.10 3.51
CA ALA M 109 -2.26 -11.79 2.98
C ALA M 109 -2.24 -13.33 3.11
N ASP M 110 -1.11 -13.88 3.57
CA ASP M 110 -0.92 -15.35 3.65
C ASP M 110 -1.99 -16.10 4.44
N LYS M 111 -2.53 -17.16 3.81
CA LYS M 111 -3.60 -17.98 4.40
C LYS M 111 -3.40 -18.36 5.87
N ASP M 112 -2.26 -19.00 6.16
CA ASP M 112 -1.95 -19.44 7.52
C ASP M 112 -1.74 -18.25 8.46
N VAL M 113 -0.96 -17.30 7.96
CA VAL M 113 -0.68 -16.07 8.68
C VAL M 113 -1.99 -15.32 8.92
N LEU M 114 -2.81 -15.22 7.88
CA LEU M 114 -4.09 -14.54 8.00
C LEU M 114 -4.93 -15.21 9.08
N LYS M 115 -4.91 -16.54 9.13
CA LYS M 115 -5.68 -17.27 10.14
C LYS M 115 -5.21 -16.99 11.57
N VAL M 116 -3.90 -17.11 11.80
CA VAL M 116 -3.35 -16.93 13.14
C VAL M 116 -3.51 -15.48 13.59
N ASP M 117 -3.32 -14.55 12.64
CA ASP M 117 -3.49 -13.13 12.90
C ASP M 117 -4.94 -12.83 13.24
N THR M 118 -5.85 -13.44 12.49
CA THR M 118 -7.28 -13.27 12.71
C THR M 118 -7.60 -13.63 14.15
N SER M 119 -7.15 -14.81 14.56
CA SER M 119 -7.28 -15.23 15.95
C SER M 119 -6.71 -14.19 16.93
N LEU M 120 -5.46 -13.81 16.73
CA LEU M 120 -4.80 -12.85 17.61
C LEU M 120 -5.58 -11.55 17.75
N GLN M 121 -6.08 -11.03 16.64
CA GLN M 121 -6.82 -9.78 16.64
C GLN M 121 -8.13 -9.98 17.40
N TYR M 122 -8.71 -11.17 17.29
CA TYR M 122 -9.96 -11.47 17.96
C TYR M 122 -9.72 -11.34 19.46
N TRP M 123 -8.64 -11.96 19.92
CA TRP M 123 -8.29 -11.87 21.33
C TRP M 123 -8.01 -10.42 21.72
N GLY M 124 -7.41 -9.65 20.82
CA GLY M 124 -7.20 -8.23 21.09
C GLY M 124 -8.50 -7.51 21.38
N ILE M 125 -9.55 -7.93 20.67
CA ILE M 125 -10.88 -7.35 20.84
C ILE M 125 -11.44 -7.72 22.20
N LEU M 126 -11.26 -8.99 22.57
CA LEU M 126 -11.64 -9.44 23.91
C LEU M 126 -10.94 -8.64 25.00
N LEU M 127 -9.63 -8.49 24.89
CA LEU M 127 -8.85 -7.69 25.83
C LEU M 127 -9.37 -6.25 25.97
N ASP M 128 -9.73 -5.64 24.84
CA ASP M 128 -10.23 -4.27 24.88
C ASP M 128 -11.57 -4.23 25.60
N PHE M 129 -12.35 -5.31 25.41
CA PHE M 129 -13.63 -5.43 26.08
C PHE M 129 -13.41 -5.53 27.59
N CYS M 130 -12.44 -6.32 28.02
CA CYS M 130 -12.18 -6.47 29.45
C CYS M 130 -11.70 -5.16 30.06
N SER M 131 -10.91 -4.39 29.32
CA SER M 131 -10.52 -3.06 29.79
C SER M 131 -11.75 -2.18 30.02
N GLY M 132 -12.67 -2.22 29.07
CA GLY M 132 -13.95 -1.54 29.24
C GLY M 132 -14.70 -2.03 30.46
N ALA M 133 -14.73 -3.35 30.65
CA ALA M 133 -15.35 -3.96 31.82
C ALA M 133 -14.78 -3.45 33.14
N LEU M 134 -13.46 -3.38 33.27
CA LEU M 134 -12.87 -2.91 34.51
C LEU M 134 -13.22 -1.43 34.76
N ASP M 135 -13.27 -0.65 33.67
CA ASP M 135 -13.71 0.75 33.78
C ASP M 135 -15.14 0.83 34.32
N ALA M 136 -15.95 -0.09 33.80
CA ALA M 136 -17.35 -0.19 34.14
C ALA M 136 -17.50 -0.51 35.61
N ILE M 137 -16.80 -1.52 36.11
CA ILE M 137 -16.93 -1.90 37.51
C ILE M 137 -16.45 -0.77 38.45
N LYS M 138 -15.36 -0.11 38.08
CA LYS M 138 -14.86 1.01 38.88
C LYS M 138 -15.90 2.11 39.02
N SER M 139 -16.63 2.35 37.94
CA SER M 139 -17.58 3.43 38.03
C SER M 139 -18.89 2.94 38.60
N ARG M 140 -19.18 1.65 38.47
CA ARG M 140 -20.37 1.13 39.12
C ARG M 140 -20.16 1.35 40.63
N GLY M 141 -18.94 1.08 41.09
CA GLY M 141 -18.59 1.31 42.49
C GLY M 141 -18.80 2.74 42.93
N PHE M 142 -18.54 3.65 41.99
CA PHE M 142 -18.75 5.06 42.33
C PHE M 142 -20.25 5.35 42.37
N ALA M 143 -20.98 4.86 41.38
CA ALA M 143 -22.42 5.03 41.29
C ALA M 143 -23.10 4.51 42.56
N ILE M 144 -22.59 3.39 43.07
CA ILE M 144 -23.09 2.82 44.31
C ILE M 144 -22.92 3.77 45.46
N LYS M 145 -21.72 4.34 45.59
CA LYS M 145 -21.54 5.29 46.70
C LYS M 145 -22.49 6.49 46.55
N HIS M 146 -22.58 6.99 45.32
CA HIS M 146 -23.49 8.11 45.02
C HIS M 146 -24.94 7.84 45.40
N ILE M 147 -25.43 6.66 45.02
CA ILE M 147 -26.81 6.29 45.30
C ILE M 147 -27.06 6.16 46.79
N GLN M 148 -26.14 5.51 47.48
CA GLN M 148 -26.17 5.46 48.95
C GLN M 148 -26.32 6.86 49.56
N ASP M 149 -25.59 7.81 49.00
CA ASP M 149 -25.68 9.16 49.50
C ASP M 149 -27.02 9.80 49.20
N MET M 150 -27.55 9.56 48.00
CA MET M 150 -28.85 10.13 47.69
C MET M 150 -29.90 9.53 48.62
N ARG M 151 -29.60 8.33 49.12
CA ARG M 151 -30.54 7.71 50.05
C ARG M 151 -30.48 8.44 51.36
N ALA M 152 -29.25 8.68 51.85
CA ALA M 152 -29.12 9.43 53.10
C ALA M 152 -29.74 10.82 53.00
N PHE M 153 -29.74 11.38 51.79
CA PHE M 153 -30.36 12.67 51.56
C PHE M 153 -31.87 12.59 51.71
N GLU M 154 -32.44 11.51 51.16
CA GLU M 154 -33.88 11.28 51.26
C GLU M 154 -34.33 11.08 52.70
N ALA M 155 -33.61 10.23 53.43
CA ALA M 155 -33.75 10.05 54.88
C ALA M 155 -34.21 11.30 55.62
N MET N 21 -27.11 -0.92 10.02
CA MET N 21 -27.28 0.12 11.03
C MET N 21 -27.15 1.51 10.42
N ARG N 22 -27.89 2.47 10.99
CA ARG N 22 -27.82 3.85 10.52
C ARG N 22 -27.31 4.74 11.64
N LEU N 23 -26.45 5.70 11.29
CA LEU N 23 -25.83 6.58 12.28
C LEU N 23 -26.85 7.48 12.96
N GLU N 24 -27.82 7.97 12.18
CA GLU N 24 -28.85 8.86 12.69
C GLU N 24 -29.63 8.22 13.83
N ASP N 25 -29.82 6.91 13.75
CA ASP N 25 -30.60 6.19 14.75
C ASP N 25 -29.82 6.04 16.04
N LEU N 26 -28.51 5.93 15.93
CA LEU N 26 -27.63 5.90 17.10
C LEU N 26 -27.54 7.29 17.74
N GLN N 27 -27.48 8.33 16.90
CA GLN N 27 -27.52 9.70 17.38
C GLN N 27 -28.78 9.97 18.20
N GLU N 28 -29.91 9.55 17.66
CA GLU N 28 -31.20 9.70 18.33
C GLU N 28 -31.25 8.86 19.60
N GLU N 29 -30.66 7.68 19.55
CA GLU N 29 -30.69 6.79 20.70
C GLU N 29 -29.86 7.35 21.85
N LEU N 30 -28.64 7.80 21.56
CA LEU N 30 -27.77 8.36 22.58
C LEU N 30 -28.46 9.58 23.17
N LYS N 31 -29.02 10.39 22.26
CA LYS N 31 -29.72 11.61 22.63
C LYS N 31 -30.78 11.29 23.69
N LYS N 32 -31.60 10.29 23.40
CA LYS N 32 -32.64 9.84 24.34
C LYS N 32 -32.02 9.34 25.64
N ASP N 33 -30.90 8.65 25.53
CA ASP N 33 -30.27 7.97 26.67
C ASP N 33 -29.71 8.92 27.72
N VAL N 34 -29.08 10.01 27.30
CA VAL N 34 -28.39 10.86 28.27
C VAL N 34 -29.30 11.75 29.12
N PHE N 35 -30.54 11.97 28.70
CA PHE N 35 -31.48 12.77 29.48
C PHE N 35 -31.73 12.16 30.86
N ILE N 36 -31.80 12.99 31.89
CA ILE N 36 -31.95 12.51 33.26
C ILE N 36 -33.30 12.86 33.91
N ASP N 37 -33.97 11.81 34.41
CA ASP N 37 -35.20 11.89 35.19
C ASP N 37 -34.83 12.15 36.63
N SER N 38 -35.04 13.38 37.09
CA SER N 38 -34.60 13.75 38.43
C SER N 38 -35.16 13.02 39.67
N THR N 39 -36.35 12.44 39.67
CA THR N 39 -36.74 11.85 40.95
C THR N 39 -36.14 10.46 40.94
N LYS N 40 -35.69 10.07 39.78
CA LYS N 40 -35.24 8.75 39.87
C LYS N 40 -33.85 8.94 39.52
N LEU N 41 -33.40 10.01 40.18
CA LEU N 41 -32.06 10.46 40.11
C LEU N 41 -31.52 9.23 40.80
N GLN N 42 -32.30 8.74 41.77
CA GLN N 42 -31.72 7.56 42.45
C GLN N 42 -31.63 6.35 41.53
N TYR N 43 -32.70 6.13 40.80
CA TYR N 43 -32.81 5.08 39.81
C TYR N 43 -31.74 5.28 38.77
N GLU N 44 -31.59 6.52 38.31
CA GLU N 44 -30.67 6.80 37.22
C GLU N 44 -29.25 6.39 37.55
N ALA N 45 -28.84 6.46 38.81
CA ALA N 45 -27.46 6.07 39.09
C ALA N 45 -27.20 4.62 38.69
N ALA N 46 -28.13 3.72 38.96
CA ALA N 46 -27.85 2.33 38.60
C ALA N 46 -27.98 2.18 37.10
N ASN N 47 -28.98 2.84 36.55
CA ASN N 47 -29.21 2.74 35.12
C ASN N 47 -28.05 3.34 34.37
N ASN N 48 -27.32 4.26 35.00
CA ASN N 48 -26.22 4.85 34.28
C ASN N 48 -25.19 3.80 33.90
N VAL N 49 -24.86 2.89 34.82
CA VAL N 49 -23.88 1.87 34.47
C VAL N 49 -24.42 0.94 33.38
N MET N 50 -25.73 0.78 33.34
CA MET N 50 -26.31 -0.10 32.35
C MET N 50 -26.17 0.46 30.96
N LEU N 51 -26.18 1.79 30.85
CA LEU N 51 -26.07 2.38 29.54
C LEU N 51 -24.68 2.06 29.06
N TYR N 52 -23.72 2.21 29.97
CA TYR N 52 -22.34 1.94 29.64
C TYR N 52 -22.22 0.56 29.02
N SER N 53 -22.78 -0.44 29.72
CA SER N 53 -22.76 -1.81 29.20
C SER N 53 -23.32 -1.90 27.80
N LYS N 54 -24.51 -1.36 27.60
CA LYS N 54 -25.16 -1.45 26.31
C LYS N 54 -24.25 -0.94 25.21
N TRP N 55 -23.66 0.23 25.44
CA TRP N 55 -22.80 0.80 24.41
C TRP N 55 -21.47 0.10 24.30
N LEU N 56 -20.97 -0.43 25.40
CA LEU N 56 -19.77 -1.25 25.30
C LEU N 56 -20.03 -2.43 24.41
N ASN N 57 -21.22 -3.00 24.52
CA ASN N 57 -21.49 -4.13 23.66
C ASN N 57 -21.56 -3.73 22.22
N LYS N 58 -22.18 -2.58 21.97
CA LYS N 58 -22.25 -2.08 20.61
C LYS N 58 -20.85 -1.91 20.13
N HIS N 59 -20.04 -1.21 20.91
CA HIS N 59 -18.68 -0.97 20.51
C HIS N 59 -17.97 -2.23 20.06
N SER N 60 -18.00 -3.26 20.91
CA SER N 60 -17.29 -4.47 20.58
C SER N 60 -17.83 -5.16 19.34
N SER N 61 -19.14 -5.11 19.16
CA SER N 61 -19.67 -5.84 18.04
C SER N 61 -19.26 -5.15 16.75
N ILE N 62 -19.21 -3.82 16.74
CA ILE N 62 -18.75 -3.19 15.52
C ILE N 62 -17.32 -3.59 15.23
N LYS N 63 -16.49 -3.55 16.26
CA LYS N 63 -15.11 -3.93 16.02
C LYS N 63 -15.01 -5.35 15.49
N LYS N 64 -15.84 -6.24 16.01
CA LYS N 64 -15.82 -7.62 15.56
C LYS N 64 -16.12 -7.72 14.09
N GLU N 65 -17.18 -7.02 13.70
CA GLU N 65 -17.56 -7.01 12.31
C GLU N 65 -16.44 -6.45 11.48
N MET N 66 -15.92 -5.30 11.90
CA MET N 66 -14.88 -4.69 11.11
C MET N 66 -13.69 -5.61 10.94
N LEU N 67 -13.34 -6.34 12.00
CA LEU N 67 -12.21 -7.25 11.87
C LEU N 67 -12.41 -8.31 10.81
N ARG N 68 -13.63 -8.83 10.74
CA ARG N 68 -13.93 -9.86 9.75
C ARG N 68 -13.85 -9.22 8.39
N ILE N 69 -14.46 -8.06 8.27
CA ILE N 69 -14.48 -7.39 7.00
C ILE N 69 -13.05 -6.97 6.64
N GLU N 70 -12.27 -6.54 7.63
CA GLU N 70 -10.89 -6.18 7.35
C GLU N 70 -10.12 -7.37 6.79
N ALA N 71 -10.42 -8.54 7.33
CA ALA N 71 -9.78 -9.77 6.87
C ALA N 71 -10.12 -10.04 5.43
N GLN N 72 -11.38 -9.87 5.08
CA GLN N 72 -11.80 -10.07 3.70
C GLN N 72 -11.01 -9.19 2.76
N LYS N 73 -10.72 -7.95 3.17
CA LYS N 73 -10.03 -7.09 2.22
C LYS N 73 -8.65 -7.64 1.93
N LYS N 74 -7.99 -8.14 2.97
CA LYS N 74 -6.65 -8.68 2.78
C LYS N 74 -6.60 -9.84 1.78
N VAL N 75 -7.65 -10.67 1.77
CA VAL N 75 -7.61 -11.81 0.87
C VAL N 75 -7.86 -11.28 -0.52
N ALA N 76 -8.79 -10.35 -0.63
CA ALA N 76 -9.09 -9.80 -1.93
C ALA N 76 -7.81 -9.20 -2.48
N LEU N 77 -7.05 -8.52 -1.64
CA LEU N 77 -5.84 -7.88 -2.15
C LEU N 77 -4.89 -8.92 -2.72
N LYS N 78 -4.75 -10.04 -2.03
CA LYS N 78 -3.84 -11.08 -2.48
C LYS N 78 -4.31 -11.64 -3.81
N ALA N 79 -5.61 -11.87 -3.91
CA ALA N 79 -6.16 -12.35 -5.17
C ALA N 79 -5.86 -11.39 -6.29
N ARG N 80 -6.06 -10.09 -6.05
CA ARG N 80 -5.82 -9.15 -7.14
C ARG N 80 -4.33 -9.10 -7.42
N LEU N 81 -3.54 -9.19 -6.36
CA LEU N 81 -2.09 -9.23 -6.52
C LEU N 81 -1.77 -10.40 -7.41
N ASP N 82 -2.40 -11.54 -7.13
CA ASP N 82 -2.20 -12.73 -7.94
C ASP N 82 -2.60 -12.47 -9.40
N TYR N 83 -3.81 -11.94 -9.57
CA TYR N 83 -4.34 -11.57 -10.89
C TYR N 83 -3.39 -10.79 -11.79
N TYR N 84 -2.91 -9.66 -11.28
CA TYR N 84 -2.08 -8.75 -12.07
C TYR N 84 -0.71 -9.33 -12.38
N MET N 95 2.28 -24.81 -14.95
CA MET N 95 2.46 -23.54 -15.65
C MET N 95 1.32 -23.27 -16.58
N ASP N 96 0.13 -23.14 -16.00
CA ASP N 96 -1.04 -22.83 -16.81
C ASP N 96 -1.29 -21.31 -16.72
N ARG N 97 -1.81 -20.79 -17.82
CA ARG N 97 -2.15 -19.38 -17.95
C ARG N 97 -3.63 -19.07 -18.02
N TYR N 98 -4.18 -18.65 -16.88
CA TYR N 98 -5.59 -18.31 -16.75
C TYR N 98 -6.07 -17.24 -17.74
N ALA N 99 -5.13 -16.44 -18.28
CA ALA N 99 -5.43 -15.36 -19.24
C ALA N 99 -5.95 -14.08 -18.58
N ALA N 100 -5.56 -12.96 -19.17
CA ALA N 100 -5.88 -11.61 -18.70
C ALA N 100 -7.38 -11.33 -18.65
N ALA N 101 -8.14 -11.82 -19.64
CA ALA N 101 -9.59 -11.62 -19.67
C ALA N 101 -10.26 -12.37 -18.50
N GLU N 102 -9.62 -13.45 -18.07
CA GLU N 102 -10.24 -14.30 -17.06
C GLU N 102 -9.98 -13.60 -15.75
N MET N 103 -9.00 -12.71 -15.75
CA MET N 103 -8.61 -12.03 -14.54
C MET N 103 -9.86 -11.22 -14.26
N LYS N 104 -10.33 -10.55 -15.31
CA LYS N 104 -11.50 -9.70 -15.26
C LYS N 104 -12.72 -10.50 -14.80
N THR N 105 -12.95 -11.67 -15.41
CA THR N 105 -14.09 -12.48 -14.97
C THR N 105 -14.03 -12.93 -13.50
N VAL N 106 -12.89 -13.50 -13.10
CA VAL N 106 -12.69 -14.04 -11.75
C VAL N 106 -12.76 -12.98 -10.65
N LEU N 107 -12.07 -11.88 -10.89
CA LEU N 107 -12.01 -10.76 -9.96
C LEU N 107 -13.38 -10.18 -9.71
N SER N 108 -14.15 -10.05 -10.79
CA SER N 108 -15.52 -9.55 -10.78
C SER N 108 -15.32 -8.05 -10.67
N ALA N 109 -14.48 -7.55 -11.58
CA ALA N 109 -14.10 -6.14 -11.72
C ALA N 109 -13.06 -5.77 -10.65
N ASP N 110 -12.80 -6.71 -9.73
CA ASP N 110 -11.91 -6.52 -8.59
C ASP N 110 -12.60 -5.56 -7.62
N LYS N 111 -13.85 -5.25 -7.95
CA LYS N 111 -14.72 -4.33 -7.24
C LYS N 111 -14.65 -4.53 -5.73
N ASP N 112 -14.90 -5.77 -5.31
CA ASP N 112 -14.92 -6.21 -3.92
C ASP N 112 -14.12 -5.42 -2.87
N VAL N 113 -12.86 -5.07 -3.16
CA VAL N 113 -12.06 -4.30 -2.21
C VAL N 113 -12.68 -2.96 -1.89
N LEU N 114 -13.11 -2.28 -2.93
CA LEU N 114 -13.75 -0.99 -2.82
C LEU N 114 -14.98 -1.14 -1.93
N LYS N 115 -15.68 -2.24 -2.12
CA LYS N 115 -16.89 -2.52 -1.37
C LYS N 115 -16.48 -2.65 0.07
N VAL N 116 -15.47 -3.45 0.32
CA VAL N 116 -15.08 -3.67 1.68
C VAL N 116 -14.58 -2.38 2.29
N ASP N 117 -13.84 -1.58 1.52
CA ASP N 117 -13.40 -0.33 2.11
C ASP N 117 -14.56 0.58 2.43
N THR N 118 -15.53 0.68 1.52
CA THR N 118 -16.67 1.53 1.78
C THR N 118 -17.32 1.08 3.10
N SER N 119 -17.59 -0.22 3.19
CA SER N 119 -18.11 -0.79 4.42
C SER N 119 -17.26 -0.44 5.60
N LEU N 120 -15.98 -0.74 5.50
CA LEU N 120 -15.09 -0.47 6.61
C LEU N 120 -15.14 0.98 7.07
N GLN N 121 -15.15 1.92 6.11
CA GLN N 121 -15.14 3.30 6.54
C GLN N 121 -16.39 3.69 7.27
N TYR N 122 -17.50 3.12 6.84
CA TYR N 122 -18.75 3.45 7.47
C TYR N 122 -18.70 3.04 8.92
N TRP N 123 -18.28 1.81 9.15
CA TRP N 123 -18.18 1.32 10.51
C TRP N 123 -17.21 2.09 11.37
N GLY N 124 -16.11 2.56 10.80
CA GLY N 124 -15.21 3.35 11.62
C GLY N 124 -15.89 4.56 12.21
N ILE N 125 -16.79 5.16 11.45
CA ILE N 125 -17.49 6.33 11.96
C ILE N 125 -18.41 5.90 13.08
N LEU N 126 -19.10 4.78 12.87
CA LEU N 126 -19.92 4.21 13.91
C LEU N 126 -19.07 3.91 15.12
N LEU N 127 -17.93 3.27 14.92
CA LEU N 127 -17.03 3.00 16.05
C LEU N 127 -16.69 4.28 16.80
N ASP N 128 -16.42 5.37 16.06
CA ASP N 128 -16.06 6.62 16.71
C ASP N 128 -17.23 7.18 17.50
N PHE N 129 -18.42 6.95 16.96
CA PHE N 129 -19.62 7.39 17.64
C PHE N 129 -19.76 6.65 18.93
N CYS N 130 -19.50 5.35 18.90
CA CYS N 130 -19.65 4.60 20.12
C CYS N 130 -18.64 5.06 21.14
N SER N 131 -17.44 5.40 20.71
CA SER N 131 -16.48 5.96 21.66
C SER N 131 -16.99 7.23 22.33
N GLY N 132 -17.55 8.11 21.52
CA GLY N 132 -18.17 9.30 22.03
C GLY N 132 -19.28 9.00 23.01
N ALA N 133 -20.12 8.03 22.66
CA ALA N 133 -21.18 7.65 23.58
C ALA N 133 -20.65 7.26 24.94
N LEU N 134 -19.62 6.42 25.02
CA LEU N 134 -19.16 6.08 26.36
C LEU N 134 -18.62 7.27 27.13
N ASP N 135 -17.94 8.17 26.43
CA ASP N 135 -17.45 9.37 27.11
C ASP N 135 -18.62 10.14 27.68
N ALA N 136 -19.68 10.24 26.90
CA ALA N 136 -20.85 10.98 27.33
C ALA N 136 -21.39 10.31 28.57
N ILE N 137 -21.57 9.00 28.50
CA ILE N 137 -22.13 8.31 29.64
C ILE N 137 -21.22 8.40 30.84
N LYS N 138 -19.91 8.29 30.62
CA LYS N 138 -19.01 8.42 31.74
C LYS N 138 -19.16 9.75 32.45
N SER N 139 -19.36 10.79 31.65
CA SER N 139 -19.43 12.10 32.26
C SER N 139 -20.85 12.34 32.69
N ARG N 140 -21.78 11.66 32.04
CA ARG N 140 -23.14 11.79 32.49
C ARG N 140 -23.20 11.32 33.93
N GLY N 141 -22.48 10.23 34.24
CA GLY N 141 -22.48 9.80 35.62
C GLY N 141 -22.03 10.82 36.63
N PHE N 142 -21.06 11.63 36.24
CA PHE N 142 -20.58 12.65 37.16
C PHE N 142 -21.61 13.74 37.24
N ALA N 143 -22.12 14.14 36.09
CA ALA N 143 -23.12 15.18 36.09
C ALA N 143 -24.28 14.79 37.00
N ILE N 144 -24.67 13.51 36.98
CA ILE N 144 -25.76 13.11 37.87
C ILE N 144 -25.44 13.35 39.32
N LYS N 145 -24.26 12.90 39.73
CA LYS N 145 -23.86 13.09 41.12
C LYS N 145 -23.80 14.56 41.44
N HIS N 146 -23.24 15.34 40.52
CA HIS N 146 -23.15 16.76 40.74
C HIS N 146 -24.50 17.38 41.04
N ILE N 147 -25.52 17.04 40.26
CA ILE N 147 -26.81 17.67 40.53
C ILE N 147 -27.35 17.25 41.87
N GLN N 148 -27.25 15.97 42.21
CA GLN N 148 -27.61 15.51 43.55
C GLN N 148 -26.95 16.33 44.65
N ASP N 149 -25.68 16.64 44.46
CA ASP N 149 -24.95 17.41 45.45
C ASP N 149 -25.46 18.83 45.52
N MET N 150 -25.76 19.42 44.36
CA MET N 150 -26.28 20.78 44.38
C MET N 150 -27.62 20.82 45.12
N ARG N 151 -28.31 19.69 45.16
CA ARG N 151 -29.58 19.69 45.88
C ARG N 151 -29.27 19.80 47.34
N ALA N 152 -28.32 18.96 47.75
CA ALA N 152 -27.86 18.95 49.12
C ALA N 152 -27.33 20.33 49.52
N PHE N 153 -26.85 21.11 48.55
CA PHE N 153 -26.39 22.44 48.90
C PHE N 153 -27.53 23.34 49.34
N GLU N 154 -28.65 23.25 48.62
CA GLU N 154 -29.84 24.03 48.94
C GLU N 154 -30.40 23.64 50.31
N ALA N 155 -30.54 22.34 50.52
CA ALA N 155 -30.87 21.75 51.83
C ALA N 155 -30.37 22.56 53.02
#